data_9EZJ
#
_entry.id   9EZJ
#
_cell.length_a   133.793
_cell.length_b   156.159
_cell.length_c   90.655
_cell.angle_alpha   90
_cell.angle_beta   90
_cell.angle_gamma   90
#
_symmetry.space_group_name_H-M   'P 21 21 2'
#
loop_
_entity.id
_entity.type
_entity.pdbx_description
1 polymer 'Tryptophan 2,3-dioxygenase'
2 non-polymer alpha-methyl-L-tryptophan
3 non-polymer 'ethyl (9~{R})-2-methoxy-4-oxidanylidene-9-[[(1~{S})-1-phenylethyl]-[(2-propan-2-ylphenyl)carbamoyl]amino]-6,7,8,9-tetrahydropyrido[1,2-a]pyrimidine-3-carboxylate'
4 water water
#
_entity_poly.entity_id   1
_entity_poly.type   'polypeptide(L)'
_entity_poly.pdbx_seq_one_letter_code
;MRGSHHHHHHGIDHMPVEGSEEDKSQTGVNRASKGGLIYGNYLHLEKVLNAQELQSETKGNKIHDEHLFIITHQAYELWF
KQILWELDSVREIFQNGHVRDERNMLKVVSRMHRVSVILKLLVQQFSILETMTALDFNDFREYLSPASGFQSLQFRLLEN
KIGVLQNMRVPYNRRHYRDNFKGEENELLLKSEQEKTLLELVEAWLERTPGLEPHGFNFWGKLEKNITRGLEEEFIRIQA
KEESEEKEEQVAEFQKQKEVLLSLFDEKRHEHLLSKGERRLSYRALQGALMIYFYREEPRFQVPFQLLTSLMDIDSLMTK
WRYNHVCMVHRMLGSKAGTGGSSGYHYLRSTVSDRYKVFVDLFNLSTYLIPRHWIPKMNPTIHKFLYTAEYCDSSYFSSD
ESD
;
_entity_poly.pdbx_strand_id   A,B,C,D
#
loop_
_chem_comp.id
_chem_comp.type
_chem_comp.name
_chem_comp.formula
A1H8G non-polymer 'ethyl (9~{R})-2-methoxy-4-oxidanylidene-9-[[(1~{S})-1-phenylethyl]-[(2-propan-2-ylphenyl)carbamoyl]amino]-6,7,8,9-tetrahydropyrido[1,2-a]pyrimidine-3-carboxylate' 'C30 H36 N4 O5'
#
# COMPACT_ATOMS: atom_id res chain seq x y z
N LEU A 37 -17.37 -28.29 11.88
CA LEU A 37 -18.15 -27.08 11.61
C LEU A 37 -18.18 -26.69 10.12
N ILE A 38 -19.29 -26.07 9.66
CA ILE A 38 -19.44 -25.60 8.29
C ILE A 38 -18.89 -24.16 8.23
N TYR A 39 -17.99 -23.88 7.27
CA TYR A 39 -17.36 -22.57 7.10
C TYR A 39 -18.34 -21.39 7.17
N GLY A 40 -19.41 -21.44 6.38
CA GLY A 40 -20.43 -20.39 6.35
C GLY A 40 -21.22 -20.25 7.63
N ASN A 41 -21.39 -21.37 8.35
CA ASN A 41 -22.09 -21.36 9.63
C ASN A 41 -21.22 -20.76 10.71
N TYR A 42 -19.90 -21.05 10.68
CA TYR A 42 -18.91 -20.51 11.62
C TYR A 42 -18.84 -18.97 11.49
N LEU A 43 -18.78 -18.46 10.25
CA LEU A 43 -18.72 -17.03 9.97
C LEU A 43 -20.08 -16.34 9.95
N HIS A 44 -21.18 -17.10 10.07
CA HIS A 44 -22.54 -16.59 10.03
C HIS A 44 -22.79 -15.80 8.75
N LEU A 45 -22.30 -16.37 7.63
CA LEU A 45 -22.46 -15.84 6.28
C LEU A 45 -23.93 -15.70 5.83
N GLU A 46 -24.86 -16.38 6.52
CA GLU A 46 -26.28 -16.23 6.25
C GLU A 46 -26.79 -14.84 6.72
N LYS A 47 -26.05 -14.17 7.63
CA LYS A 47 -26.39 -12.84 8.10
C LYS A 47 -25.54 -11.84 7.29
N VAL A 48 -24.22 -12.08 7.25
CA VAL A 48 -23.23 -11.24 6.57
C VAL A 48 -23.47 -11.08 5.07
N LEU A 49 -23.66 -12.21 4.36
CA LEU A 49 -23.87 -12.18 2.91
C LEU A 49 -25.34 -12.04 2.49
N ASN A 50 -26.26 -11.76 3.42
CA ASN A 50 -27.67 -11.50 3.08
C ASN A 50 -28.12 -10.13 3.61
N ALA A 51 -27.21 -9.17 3.61
CA ALA A 51 -27.48 -7.83 4.15
C ALA A 51 -27.22 -6.70 3.15
N GLN A 52 -27.25 -7.04 1.86
CA GLN A 52 -27.01 -6.11 0.79
C GLN A 52 -28.33 -5.88 0.05
N GLU A 53 -29.07 -4.88 0.52
CA GLU A 53 -30.35 -4.52 -0.07
C GLU A 53 -30.14 -3.15 -0.69
N LEU A 54 -30.06 -3.13 -2.04
CA LEU A 54 -29.88 -1.90 -2.81
C LEU A 54 -31.12 -1.04 -2.73
N GLN A 55 -30.96 0.21 -2.27
CA GLN A 55 -32.07 1.17 -2.16
C GLN A 55 -32.56 1.64 -3.55
N SER A 56 -31.70 1.60 -4.58
CA SER A 56 -32.09 1.98 -5.93
C SER A 56 -32.98 0.89 -6.50
N GLU A 57 -32.60 -0.38 -6.28
CA GLU A 57 -33.38 -1.53 -6.73
C GLU A 57 -34.73 -1.62 -5.99
N THR A 58 -34.73 -1.24 -4.71
CA THR A 58 -35.93 -1.22 -3.88
C THR A 58 -36.89 -0.11 -4.29
N LYS A 59 -36.41 1.16 -4.31
CA LYS A 59 -37.24 2.32 -4.58
C LYS A 59 -37.41 2.67 -6.06
N GLY A 60 -36.97 1.81 -6.97
CA GLY A 60 -37.12 2.09 -8.39
C GLY A 60 -36.27 1.28 -9.34
N ASN A 61 -35.25 1.92 -9.95
CA ASN A 61 -34.39 1.22 -10.89
C ASN A 61 -32.98 1.02 -10.31
N LYS A 62 -32.49 -0.22 -10.41
CA LYS A 62 -31.20 -0.66 -9.90
C LYS A 62 -30.05 0.11 -10.55
N ILE A 63 -29.12 0.63 -9.70
CA ILE A 63 -27.89 1.34 -10.08
C ILE A 63 -26.72 0.47 -9.61
N HIS A 64 -26.02 -0.12 -10.56
CA HIS A 64 -24.91 -1.04 -10.32
C HIS A 64 -23.87 -0.63 -9.24
N ASP A 65 -23.38 0.62 -9.29
CA ASP A 65 -22.35 1.06 -8.36
C ASP A 65 -22.84 1.13 -6.91
N GLU A 66 -24.16 1.16 -6.66
CA GLU A 66 -24.66 1.17 -5.28
C GLU A 66 -24.24 -0.08 -4.47
N HIS A 67 -23.97 -1.20 -5.14
CA HIS A 67 -23.52 -2.40 -4.44
C HIS A 67 -22.11 -2.17 -3.89
N LEU A 68 -21.24 -1.47 -4.62
CA LEU A 68 -19.88 -1.16 -4.16
C LEU A 68 -19.94 -0.27 -2.93
N PHE A 69 -20.83 0.72 -2.95
CA PHE A 69 -21.07 1.68 -1.88
C PHE A 69 -21.48 0.92 -0.59
N ILE A 70 -22.46 0.00 -0.70
CA ILE A 70 -22.92 -0.81 0.42
C ILE A 70 -21.81 -1.70 0.99
N ILE A 71 -21.14 -2.52 0.14
CA ILE A 71 -20.08 -3.43 0.62
C ILE A 71 -18.92 -2.66 1.27
N THR A 72 -18.47 -1.52 0.68
CA THR A 72 -17.35 -0.74 1.24
C THR A 72 -17.68 -0.29 2.65
N HIS A 73 -18.91 0.21 2.89
CA HIS A 73 -19.32 0.66 4.22
C HIS A 73 -19.42 -0.52 5.18
N GLN A 74 -19.89 -1.67 4.70
CA GLN A 74 -20.00 -2.87 5.55
C GLN A 74 -18.61 -3.37 5.97
N ALA A 75 -17.63 -3.28 5.03
CA ALA A 75 -16.23 -3.65 5.28
C ALA A 75 -15.58 -2.73 6.31
N TYR A 76 -15.87 -1.42 6.24
CA TYR A 76 -15.39 -0.43 7.22
C TYR A 76 -15.98 -0.75 8.58
N GLU A 77 -17.29 -1.03 8.66
CA GLU A 77 -17.94 -1.32 9.93
C GLU A 77 -17.44 -2.62 10.56
N LEU A 78 -17.07 -3.61 9.74
CA LEU A 78 -16.51 -4.84 10.28
C LEU A 78 -15.15 -4.54 10.93
N TRP A 79 -14.35 -3.68 10.30
CA TRP A 79 -13.05 -3.31 10.86
C TRP A 79 -13.15 -2.38 12.04
N PHE A 80 -14.20 -1.54 12.11
CA PHE A 80 -14.44 -0.66 13.25
C PHE A 80 -14.75 -1.55 14.46
N LYS A 81 -15.57 -2.61 14.26
CA LYS A 81 -15.88 -3.55 15.33
C LYS A 81 -14.61 -4.23 15.84
N GLN A 82 -13.69 -4.58 14.94
CA GLN A 82 -12.43 -5.19 15.35
C GLN A 82 -11.59 -4.19 16.10
N ILE A 83 -11.49 -2.93 15.64
CA ILE A 83 -10.69 -1.92 16.35
C ILE A 83 -11.25 -1.67 17.75
N LEU A 84 -12.59 -1.73 17.92
CA LEU A 84 -13.20 -1.57 19.24
C LEU A 84 -12.90 -2.77 20.13
N TRP A 85 -12.85 -3.98 19.54
CA TRP A 85 -12.52 -5.22 20.23
C TRP A 85 -11.11 -5.12 20.81
N GLU A 86 -10.14 -4.67 20.01
CA GLU A 86 -8.75 -4.54 20.44
C GLU A 86 -8.58 -3.41 21.42
N LEU A 87 -9.25 -2.30 21.18
CA LEU A 87 -9.18 -1.12 22.04
C LEU A 87 -9.77 -1.40 23.44
N ASP A 88 -10.97 -2.01 23.52
CA ASP A 88 -11.60 -2.31 24.80
C ASP A 88 -10.74 -3.29 25.60
N SER A 89 -10.09 -4.27 24.92
CA SER A 89 -9.26 -5.27 25.59
C SER A 89 -8.02 -4.64 26.20
N VAL A 90 -7.42 -3.67 25.47
CA VAL A 90 -6.26 -2.95 25.98
C VAL A 90 -6.69 -2.06 27.17
N ARG A 91 -7.84 -1.38 27.02
CA ARG A 91 -8.42 -0.56 28.07
C ARG A 91 -8.68 -1.39 29.31
N GLU A 92 -9.22 -2.62 29.15
CA GLU A 92 -9.48 -3.53 30.27
C GLU A 92 -8.19 -3.86 31.02
N ILE A 93 -7.09 -4.21 30.30
CA ILE A 93 -5.77 -4.52 30.89
C ILE A 93 -5.26 -3.37 31.79
N PHE A 94 -5.50 -2.11 31.37
CA PHE A 94 -5.07 -0.97 32.18
C PHE A 94 -6.02 -0.79 33.38
N GLN A 95 -7.31 -0.60 33.11
CA GLN A 95 -8.38 -0.39 34.10
C GLN A 95 -8.44 -1.44 35.21
N ASN A 96 -8.33 -2.74 34.87
CA ASN A 96 -8.39 -3.80 35.88
C ASN A 96 -7.07 -4.01 36.65
N GLY A 97 -6.01 -3.32 36.26
CA GLY A 97 -4.73 -3.39 36.95
C GLY A 97 -3.73 -4.38 36.40
N HIS A 98 -4.07 -5.13 35.34
CA HIS A 98 -3.13 -6.12 34.76
C HIS A 98 -1.87 -5.52 34.16
N VAL A 99 -1.94 -4.27 33.69
CA VAL A 99 -0.81 -3.53 33.13
C VAL A 99 0.33 -3.36 34.16
N ARG A 100 0.03 -3.45 35.48
CA ARG A 100 1.00 -3.36 36.57
C ARG A 100 1.92 -4.57 36.49
N ASP A 101 1.38 -5.77 36.19
CA ASP A 101 2.21 -6.95 35.94
C ASP A 101 2.76 -6.69 34.55
N GLU A 102 4.06 -6.47 34.46
CA GLU A 102 4.73 -6.09 33.23
C GLU A 102 4.90 -7.24 32.21
N ARG A 103 4.39 -8.45 32.53
CA ARG A 103 4.37 -9.55 31.57
C ARG A 103 3.38 -9.22 30.40
N ASN A 104 2.36 -8.36 30.70
CA ASN A 104 1.32 -7.94 29.76
C ASN A 104 1.69 -6.75 28.89
N MET A 105 2.96 -6.30 28.91
CA MET A 105 3.37 -5.17 28.07
C MET A 105 3.46 -5.58 26.63
N LEU A 106 3.90 -6.83 26.35
CA LEU A 106 4.02 -7.34 24.98
C LEU A 106 2.64 -7.41 24.32
N LYS A 107 1.63 -7.83 25.07
CA LYS A 107 0.24 -7.97 24.63
C LYS A 107 -0.42 -6.61 24.42
N VAL A 108 -0.07 -5.58 25.22
CA VAL A 108 -0.66 -4.25 25.06
C VAL A 108 -0.10 -3.61 23.79
N VAL A 109 1.24 -3.60 23.66
CA VAL A 109 1.98 -3.07 22.51
C VAL A 109 1.62 -3.81 21.22
N SER A 110 1.44 -5.13 21.29
CA SER A 110 1.11 -5.97 20.15
C SER A 110 -0.29 -5.60 19.61
N ARG A 111 -1.24 -5.47 20.53
CA ARG A 111 -2.61 -5.11 20.17
C ARG A 111 -2.73 -3.68 19.68
N MET A 112 -1.91 -2.76 20.22
CA MET A 112 -1.91 -1.38 19.73
C MET A 112 -1.31 -1.33 18.31
N HIS A 113 -0.33 -2.21 18.02
CA HIS A 113 0.28 -2.32 16.70
C HIS A 113 -0.73 -2.87 15.69
N ARG A 114 -1.55 -3.83 16.12
CA ARG A 114 -2.58 -4.42 15.27
C ARG A 114 -3.60 -3.37 14.87
N VAL A 115 -3.99 -2.48 15.81
CA VAL A 115 -4.94 -1.39 15.55
C VAL A 115 -4.40 -0.51 14.43
N SER A 116 -3.11 -0.19 14.47
CA SER A 116 -2.51 0.64 13.43
C SER A 116 -2.41 -0.10 12.09
N VAL A 117 -2.19 -1.42 12.12
CA VAL A 117 -2.18 -2.24 10.88
C VAL A 117 -3.58 -2.24 10.26
N ILE A 118 -4.63 -2.35 11.09
CA ILE A 118 -6.01 -2.31 10.59
C ILE A 118 -6.29 -0.93 10.02
N LEU A 119 -5.94 0.13 10.75
CA LEU A 119 -6.11 1.50 10.29
C LEU A 119 -5.38 1.79 8.98
N LYS A 120 -4.20 1.22 8.78
CA LYS A 120 -3.45 1.39 7.53
C LYS A 120 -4.25 0.79 6.37
N LEU A 121 -4.90 -0.37 6.59
CA LEU A 121 -5.73 -1.01 5.56
C LEU A 121 -7.01 -0.20 5.28
N LEU A 122 -7.57 0.44 6.30
CA LEU A 122 -8.74 1.28 6.13
C LEU A 122 -8.45 2.54 5.31
N VAL A 123 -7.21 3.06 5.41
CA VAL A 123 -6.77 4.21 4.64
C VAL A 123 -6.61 3.76 3.18
N GLN A 124 -6.08 2.54 2.94
CA GLN A 124 -5.94 1.96 1.59
C GLN A 124 -7.32 1.62 0.99
N GLN A 125 -8.30 1.30 1.82
CA GLN A 125 -9.65 0.94 1.39
C GLN A 125 -10.37 2.09 0.69
N PHE A 126 -9.87 3.33 0.82
CA PHE A 126 -10.45 4.48 0.12
C PHE A 126 -10.25 4.37 -1.40
N SER A 127 -9.20 3.67 -1.84
CA SER A 127 -8.90 3.50 -3.25
C SER A 127 -10.01 2.80 -4.02
N ILE A 128 -10.84 2.02 -3.32
CA ILE A 128 -11.96 1.30 -3.92
C ILE A 128 -13.09 2.28 -4.22
N LEU A 129 -13.40 3.20 -3.29
CA LEU A 129 -14.41 4.23 -3.54
C LEU A 129 -13.98 5.17 -4.68
N GLU A 130 -12.66 5.38 -4.84
CA GLU A 130 -12.12 6.18 -5.92
C GLU A 130 -12.52 5.58 -7.30
N THR A 131 -12.72 4.25 -7.39
CA THR A 131 -13.15 3.59 -8.62
C THR A 131 -14.61 3.93 -9.01
N MET A 132 -15.36 4.57 -8.14
CA MET A 132 -16.74 4.96 -8.43
C MET A 132 -16.71 6.43 -8.77
N THR A 133 -17.01 6.78 -10.04
CA THR A 133 -16.98 8.19 -10.44
C THR A 133 -18.08 8.99 -9.74
N ALA A 134 -17.89 10.31 -9.64
CA ALA A 134 -18.88 11.21 -9.05
C ALA A 134 -20.16 11.18 -9.86
N LEU A 135 -20.05 11.10 -11.19
CA LEU A 135 -21.18 11.07 -12.12
C LEU A 135 -22.04 9.82 -11.90
N ASP A 136 -21.40 8.66 -11.60
CA ASP A 136 -22.14 7.44 -11.30
C ASP A 136 -22.83 7.54 -9.93
N PHE A 137 -22.18 8.20 -8.97
CA PHE A 137 -22.75 8.38 -7.64
C PHE A 137 -24.08 9.15 -7.71
N ASN A 138 -24.15 10.21 -8.52
CA ASN A 138 -25.35 11.02 -8.68
C ASN A 138 -26.56 10.22 -9.24
N ASP A 139 -26.32 9.01 -9.79
CA ASP A 139 -27.37 8.15 -10.31
C ASP A 139 -28.14 7.48 -9.16
N PHE A 140 -27.44 7.09 -8.09
CA PHE A 140 -28.11 6.50 -6.93
C PHE A 140 -28.19 7.46 -5.71
N ARG A 141 -27.62 8.67 -5.83
CA ARG A 141 -27.59 9.70 -4.80
C ARG A 141 -29.01 10.07 -4.30
N GLU A 142 -30.00 10.08 -5.22
CA GLU A 142 -31.42 10.42 -4.94
C GLU A 142 -32.09 9.50 -3.91
N TYR A 143 -31.73 8.21 -3.91
CA TYR A 143 -32.31 7.24 -2.98
C TYR A 143 -31.64 7.23 -1.60
N LEU A 144 -30.66 8.11 -1.35
CA LEU A 144 -29.92 8.15 -0.10
C LEU A 144 -30.32 9.30 0.83
N SER A 145 -31.57 9.79 0.72
CA SER A 145 -32.14 10.80 1.61
C SER A 145 -31.13 11.97 1.97
N PRO A 146 -31.16 12.72 3.11
CA PRO A 146 -30.09 13.72 3.35
C PRO A 146 -28.79 13.06 3.85
N ALA A 147 -27.65 13.43 3.23
CA ALA A 147 -26.34 12.91 3.64
C ALA A 147 -26.03 13.36 5.04
N SER A 148 -26.41 14.61 5.41
CA SER A 148 -26.26 15.14 6.75
C SER A 148 -27.45 14.58 7.53
N GLY A 149 -27.33 13.29 7.84
CA GLY A 149 -28.30 12.45 8.52
C GLY A 149 -27.75 11.04 8.77
N PHE A 150 -26.60 10.72 8.13
CA PHE A 150 -25.93 9.44 8.33
C PHE A 150 -24.74 9.70 9.23
N GLN A 151 -24.57 8.87 10.26
CA GLN A 151 -23.49 8.97 11.22
C GLN A 151 -23.14 7.58 11.73
N SER A 152 -21.85 7.26 11.80
CA SER A 152 -21.42 5.92 12.23
C SER A 152 -21.33 5.87 13.72
N LEU A 153 -22.09 4.94 14.34
CA LEU A 153 -22.09 4.78 15.79
C LEU A 153 -20.74 4.25 16.23
N GLN A 154 -20.25 3.20 15.57
CA GLN A 154 -18.96 2.59 15.89
C GLN A 154 -17.81 3.55 15.76
N PHE A 155 -17.83 4.44 14.75
CA PHE A 155 -16.75 5.42 14.62
C PHE A 155 -16.76 6.37 15.80
N ARG A 156 -17.95 6.79 16.21
CA ARG A 156 -18.11 7.66 17.35
C ARG A 156 -17.69 6.97 18.66
N LEU A 157 -18.04 5.68 18.82
CA LEU A 157 -17.63 4.90 19.99
C LEU A 157 -16.10 4.79 20.05
N LEU A 158 -15.46 4.56 18.90
CA LEU A 158 -14.00 4.45 18.77
C LEU A 158 -13.30 5.76 19.14
N GLU A 159 -13.80 6.90 18.64
CA GLU A 159 -13.24 8.21 18.96
C GLU A 159 -13.35 8.48 20.47
N ASN A 160 -14.51 8.15 21.06
CA ASN A 160 -14.77 8.38 22.48
C ASN A 160 -13.91 7.51 23.35
N LYS A 161 -13.71 6.24 22.96
CA LYS A 161 -12.92 5.29 23.73
C LYS A 161 -11.43 5.60 23.72
N ILE A 162 -10.90 6.19 22.64
CA ILE A 162 -9.50 6.61 22.59
C ILE A 162 -9.30 7.85 23.49
N GLY A 163 -10.23 8.79 23.41
CA GLY A 163 -10.16 10.00 24.21
C GLY A 163 -10.30 11.27 23.39
N VAL A 164 -10.96 11.19 22.23
CA VAL A 164 -11.17 12.38 21.39
C VAL A 164 -12.22 13.24 22.11
N LEU A 165 -11.90 14.52 22.38
CA LEU A 165 -12.81 15.44 23.06
C LEU A 165 -14.22 15.54 22.43
N GLU A 184 -31.25 3.14 22.75
CA GLU A 184 -30.49 1.88 22.84
C GLU A 184 -29.06 2.07 22.31
N GLU A 185 -28.95 2.72 21.15
CA GLU A 185 -27.65 3.05 20.57
C GLU A 185 -27.05 4.25 21.36
N ASN A 186 -27.92 5.15 21.87
CA ASN A 186 -27.51 6.29 22.69
C ASN A 186 -27.01 5.83 24.08
N GLU A 187 -27.48 4.67 24.56
CA GLU A 187 -26.99 4.12 25.83
C GLU A 187 -25.53 3.71 25.67
N LEU A 188 -25.19 3.08 24.52
CA LEU A 188 -23.82 2.69 24.22
C LEU A 188 -22.90 3.91 24.09
N LEU A 189 -23.44 5.00 23.54
CA LEU A 189 -22.69 6.23 23.38
C LEU A 189 -22.46 6.90 24.72
N LEU A 190 -23.46 6.86 25.62
CA LEU A 190 -23.37 7.42 26.97
C LEU A 190 -22.30 6.67 27.78
N LYS A 191 -22.20 5.34 27.60
CA LYS A 191 -21.15 4.56 28.27
C LYS A 191 -19.76 4.95 27.75
N SER A 192 -19.57 5.08 26.42
CA SER A 192 -18.29 5.46 25.82
C SER A 192 -17.78 6.81 26.29
N GLU A 193 -18.71 7.75 26.53
CA GLU A 193 -18.34 9.09 26.98
C GLU A 193 -18.02 9.11 28.48
N GLN A 194 -18.73 8.28 29.27
CA GLN A 194 -18.57 8.23 30.72
C GLN A 194 -17.38 7.36 31.19
N GLU A 195 -17.24 6.15 30.65
CA GLU A 195 -16.16 5.21 31.01
C GLU A 195 -14.77 5.77 30.74
N LYS A 196 -13.74 5.17 31.37
CA LYS A 196 -12.36 5.64 31.25
C LYS A 196 -11.78 5.49 29.84
N THR A 197 -11.32 6.58 29.26
CA THR A 197 -10.74 6.56 27.92
C THR A 197 -9.32 5.98 27.96
N LEU A 198 -8.82 5.53 26.80
CA LEU A 198 -7.45 5.00 26.65
C LEU A 198 -6.45 6.09 27.08
N LEU A 199 -6.76 7.38 26.86
CA LEU A 199 -5.90 8.48 27.27
C LEU A 199 -5.83 8.57 28.80
N GLU A 200 -6.99 8.54 29.50
CA GLU A 200 -7.06 8.64 30.96
C GLU A 200 -6.35 7.47 31.61
N LEU A 201 -6.51 6.26 31.04
CA LEU A 201 -5.89 5.04 31.54
C LEU A 201 -4.37 5.05 31.29
N VAL A 202 -3.91 5.63 30.18
CA VAL A 202 -2.48 5.75 29.88
C VAL A 202 -1.86 6.84 30.79
N GLU A 203 -2.61 7.92 31.09
CA GLU A 203 -2.19 9.03 31.96
C GLU A 203 -1.94 8.54 33.38
N ALA A 204 -2.85 7.70 33.92
CA ALA A 204 -2.72 7.13 35.26
C ALA A 204 -1.49 6.23 35.36
N TRP A 205 -1.22 5.47 34.30
CA TRP A 205 -0.08 4.57 34.25
C TRP A 205 1.22 5.36 34.12
N LEU A 206 1.21 6.47 33.37
CA LEU A 206 2.37 7.35 33.21
C LEU A 206 2.71 8.06 34.55
N GLU A 207 1.68 8.35 35.37
CA GLU A 207 1.85 8.99 36.67
C GLU A 207 2.65 8.09 37.66
N ARG A 208 2.65 6.76 37.44
CA ARG A 208 3.36 5.79 38.26
C ARG A 208 4.73 5.38 37.67
N THR A 209 5.25 6.11 36.67
CA THR A 209 6.53 5.78 36.05
C THR A 209 7.67 5.81 37.07
N PRO A 210 8.50 4.73 37.09
CA PRO A 210 9.63 4.70 38.01
C PRO A 210 10.64 5.81 37.71
N GLY A 211 11.22 6.38 38.76
CA GLY A 211 12.22 7.43 38.61
C GLY A 211 11.72 8.83 38.86
N LEU A 212 10.40 9.03 38.97
CA LEU A 212 9.84 10.37 39.16
C LEU A 212 9.91 10.83 40.61
N GLU A 213 9.75 9.88 41.56
CA GLU A 213 9.72 10.11 43.02
C GLU A 213 10.83 11.05 43.50
N PRO A 214 10.44 12.21 44.09
CA PRO A 214 11.45 13.19 44.55
C PRO A 214 12.40 12.65 45.61
N HIS A 215 11.91 11.73 46.45
CA HIS A 215 12.73 11.10 47.49
C HIS A 215 13.66 9.98 46.96
N GLY A 216 13.48 9.57 45.70
CA GLY A 216 14.30 8.54 45.07
C GLY A 216 15.18 9.10 43.97
N PHE A 217 14.91 8.72 42.70
CA PHE A 217 15.71 9.21 41.57
C PHE A 217 15.52 10.71 41.32
N ASN A 218 14.32 11.25 41.57
CA ASN A 218 13.96 12.66 41.36
C ASN A 218 14.37 13.17 39.97
N PHE A 219 13.81 12.56 38.93
CA PHE A 219 14.09 12.88 37.53
C PHE A 219 13.86 14.36 37.21
N TRP A 220 12.69 14.92 37.59
CA TRP A 220 12.38 16.31 37.27
C TRP A 220 13.30 17.33 37.93
N GLY A 221 13.74 17.03 39.15
CA GLY A 221 14.66 17.89 39.86
C GLY A 221 16.03 17.89 39.21
N LYS A 222 16.60 16.68 38.97
CA LYS A 222 17.89 16.52 38.32
C LYS A 222 17.86 17.15 36.92
N LEU A 223 16.83 16.86 36.11
CA LEU A 223 16.66 17.42 34.78
C LEU A 223 16.66 18.95 34.79
N GLU A 224 15.91 19.57 35.71
CA GLU A 224 15.83 21.02 35.80
C GLU A 224 17.18 21.63 36.14
N LYS A 225 17.90 21.02 37.07
CA LYS A 225 19.21 21.48 37.49
C LYS A 225 20.23 21.35 36.36
N ASN A 226 20.21 20.23 35.65
CA ASN A 226 21.12 19.95 34.52
C ASN A 226 20.87 20.86 33.32
N ILE A 227 19.61 21.18 33.05
CA ILE A 227 19.28 22.09 31.97
C ILE A 227 19.75 23.50 32.34
N THR A 228 19.54 23.91 33.59
CA THR A 228 20.01 25.21 34.07
C THR A 228 21.56 25.34 34.05
N ARG A 229 22.26 24.31 34.55
CA ARG A 229 23.72 24.29 34.57
C ARG A 229 24.34 24.15 33.18
N GLY A 230 23.63 23.47 32.28
CA GLY A 230 24.10 23.31 30.92
C GLY A 230 23.94 24.59 30.12
N LEU A 231 22.85 25.34 30.38
CA LEU A 231 22.56 26.61 29.71
C LEU A 231 23.54 27.69 30.16
N GLU A 232 24.01 27.65 31.42
CA GLU A 232 25.01 28.60 31.93
C GLU A 232 26.32 28.41 31.16
N GLU A 233 26.73 27.15 30.92
CA GLU A 233 27.94 26.85 30.15
C GLU A 233 27.84 27.35 28.69
N GLU A 234 26.63 27.28 28.12
CA GLU A 234 26.32 27.72 26.76
C GLU A 234 26.42 29.24 26.68
N PHE A 235 25.89 29.95 27.69
CA PHE A 235 25.94 31.39 27.75
C PHE A 235 27.40 31.87 27.84
N ILE A 236 28.21 31.18 28.66
CA ILE A 236 29.63 31.48 28.84
C ILE A 236 30.40 31.25 27.53
N ARG A 237 30.13 30.12 26.86
CA ARG A 237 30.75 29.75 25.58
C ARG A 237 30.42 30.77 24.47
N ILE A 238 29.18 31.28 24.46
CA ILE A 238 28.74 32.27 23.47
C ILE A 238 29.32 33.67 23.74
N GLN A 239 29.27 34.13 25.01
CA GLN A 239 29.79 35.45 25.39
C GLN A 239 31.31 35.58 25.20
N ALA A 240 32.03 34.46 25.12
CA ALA A 240 33.47 34.48 24.92
C ALA A 240 33.79 34.77 23.45
N GLU A 245 28.84 39.81 14.20
CA GLU A 245 27.55 39.48 13.61
C GLU A 245 27.12 38.07 13.99
N GLU A 246 28.08 37.13 14.04
CA GLU A 246 27.81 35.73 14.43
C GLU A 246 27.50 35.65 15.92
N LYS A 247 28.18 36.47 16.74
CA LYS A 247 27.95 36.51 18.18
C LYS A 247 26.63 37.18 18.50
N GLU A 248 26.29 38.28 17.81
CA GLU A 248 25.02 38.98 18.02
C GLU A 248 23.79 38.16 17.58
N GLU A 249 24.00 37.18 16.69
CA GLU A 249 22.90 36.32 16.21
C GLU A 249 22.74 35.07 17.08
N GLN A 250 23.86 34.55 17.63
CA GLN A 250 23.81 33.35 18.48
C GLN A 250 23.22 33.63 19.88
N VAL A 251 23.22 34.89 20.33
CA VAL A 251 22.59 35.23 21.60
C VAL A 251 21.06 35.19 21.48
N ALA A 252 20.52 35.46 20.29
CA ALA A 252 19.09 35.39 20.02
C ALA A 252 18.67 33.92 19.93
N GLU A 253 19.49 33.08 19.26
CA GLU A 253 19.25 31.63 19.16
C GLU A 253 19.32 30.96 20.54
N PHE A 254 20.13 31.51 21.48
CA PHE A 254 20.27 31.01 22.84
C PHE A 254 19.10 31.50 23.72
N GLN A 255 18.80 32.81 23.71
CA GLN A 255 17.69 33.35 24.50
C GLN A 255 16.32 32.75 24.12
N LYS A 256 16.21 32.17 22.91
CA LYS A 256 14.99 31.53 22.44
C LYS A 256 14.95 30.08 22.91
N GLN A 257 16.08 29.35 22.81
CA GLN A 257 16.18 27.96 23.26
C GLN A 257 16.01 27.85 24.78
N LYS A 258 16.55 28.84 25.52
CA LYS A 258 16.49 28.88 26.99
C LYS A 258 15.04 29.07 27.45
N GLU A 259 14.32 29.99 26.82
CA GLU A 259 12.93 30.28 27.17
C GLU A 259 12.04 29.07 26.92
N VAL A 260 12.29 28.35 25.80
CA VAL A 260 11.56 27.14 25.43
C VAL A 260 11.84 25.99 26.41
N LEU A 261 13.13 25.71 26.68
CA LEU A 261 13.53 24.65 27.61
C LEU A 261 13.03 24.86 29.03
N LEU A 262 13.16 26.09 29.55
CA LEU A 262 12.71 26.39 30.91
C LEU A 262 11.18 26.36 31.06
N SER A 263 10.44 26.55 29.95
CA SER A 263 8.96 26.51 29.96
C SER A 263 8.44 25.12 30.38
N LEU A 264 9.23 24.05 30.14
CA LEU A 264 8.88 22.68 30.52
C LEU A 264 8.73 22.52 32.06
N PHE A 265 9.39 23.37 32.83
CA PHE A 265 9.31 23.29 34.31
C PHE A 265 8.26 24.24 34.91
N ASP A 266 7.45 24.90 34.07
CA ASP A 266 6.39 25.81 34.49
C ASP A 266 5.10 25.04 34.61
N GLU A 267 4.78 24.54 35.82
CA GLU A 267 3.57 23.78 36.04
C GLU A 267 2.31 24.62 35.83
N LYS A 268 2.35 25.91 36.19
CA LYS A 268 1.21 26.80 36.02
C LYS A 268 0.88 27.03 34.54
N ARG A 269 1.90 27.03 33.65
CA ARG A 269 1.68 27.18 32.21
C ARG A 269 1.04 25.90 31.62
N HIS A 270 1.42 24.73 32.14
CA HIS A 270 0.84 23.47 31.70
C HIS A 270 -0.64 23.40 32.07
N GLU A 271 -0.97 23.83 33.30
CA GLU A 271 -2.36 23.85 33.77
C GLU A 271 -3.22 24.81 32.96
N HIS A 272 -2.64 25.94 32.55
CA HIS A 272 -3.33 26.92 31.73
C HIS A 272 -3.61 26.32 30.36
N LEU A 273 -2.61 25.64 29.77
CA LEU A 273 -2.74 25.00 28.46
C LEU A 273 -3.73 23.82 28.47
N LEU A 274 -3.87 23.14 29.61
CA LEU A 274 -4.82 22.04 29.78
C LEU A 274 -6.25 22.58 29.69
N SER A 275 -6.50 23.78 30.26
CA SER A 275 -7.81 24.45 30.25
C SER A 275 -8.14 24.94 28.84
N LYS A 276 -7.15 25.46 28.11
CA LYS A 276 -7.34 25.91 26.74
C LYS A 276 -7.49 24.73 25.72
N GLY A 277 -7.36 23.48 26.19
CA GLY A 277 -7.45 22.29 25.35
C GLY A 277 -6.17 21.92 24.64
N GLU A 278 -5.11 22.73 24.80
CA GLU A 278 -3.81 22.51 24.16
C GLU A 278 -2.99 21.36 24.82
N ARG A 279 -3.38 20.91 26.03
CA ARG A 279 -2.75 19.79 26.73
C ARG A 279 -3.81 18.82 27.20
N ARG A 280 -3.46 17.53 27.27
CA ARG A 280 -4.39 16.48 27.67
C ARG A 280 -3.90 15.77 28.92
N LEU A 281 -2.60 15.47 28.96
CA LEU A 281 -1.98 14.77 30.08
C LEU A 281 -1.74 15.68 31.29
N SER A 282 -1.74 15.10 32.48
CA SER A 282 -1.43 15.84 33.69
C SER A 282 0.07 16.13 33.73
N TYR A 283 0.48 17.10 34.57
CA TYR A 283 1.88 17.44 34.70
C TYR A 283 2.75 16.24 35.12
N ARG A 284 2.24 15.36 36.02
CA ARG A 284 3.00 14.17 36.43
C ARG A 284 3.07 13.12 35.31
N ALA A 285 1.96 12.93 34.55
CA ALA A 285 1.97 11.99 33.42
C ALA A 285 2.94 12.47 32.32
N LEU A 286 3.03 13.80 32.14
CA LEU A 286 3.95 14.42 31.20
C LEU A 286 5.40 14.06 31.58
N GLN A 287 5.72 14.08 32.89
CA GLN A 287 7.04 13.74 33.38
C GLN A 287 7.35 12.25 33.20
N GLY A 288 6.36 11.40 33.41
CA GLY A 288 6.53 9.95 33.25
C GLY A 288 6.83 9.60 31.82
N ALA A 289 6.15 10.27 30.87
CA ALA A 289 6.33 10.05 29.45
C ALA A 289 7.71 10.51 29.02
N LEU A 290 8.18 11.68 29.53
CA LEU A 290 9.50 12.19 29.21
C LEU A 290 10.64 11.33 29.80
N MET A 291 10.36 10.66 30.94
CA MET A 291 11.26 9.71 31.60
C MET A 291 11.43 8.50 30.67
N ILE A 292 10.31 7.96 30.16
CA ILE A 292 10.33 6.84 29.24
C ILE A 292 11.11 7.22 27.95
N TYR A 293 10.97 8.48 27.48
CA TYR A 293 11.66 8.98 26.29
C TYR A 293 13.15 9.01 26.42
N PHE A 294 13.69 9.66 27.46
CA PHE A 294 15.13 9.79 27.61
C PHE A 294 15.84 8.53 28.01
N TYR A 295 15.16 7.64 28.75
CA TYR A 295 15.74 6.37 29.19
C TYR A 295 15.17 5.19 28.42
N ARG A 296 14.75 5.41 27.16
CA ARG A 296 14.12 4.40 26.33
C ARG A 296 14.99 3.19 26.07
N GLU A 297 16.32 3.36 26.11
CA GLU A 297 17.23 2.23 25.91
C GLU A 297 17.31 1.35 27.15
N GLU A 298 16.96 1.88 28.36
CA GLU A 298 17.01 1.08 29.58
C GLU A 298 15.96 0.00 29.53
N PRO A 299 16.35 -1.25 29.82
CA PRO A 299 15.40 -2.37 29.69
C PRO A 299 13.95 -2.12 30.15
N ARG A 300 13.73 -1.59 31.35
CA ARG A 300 12.36 -1.35 31.83
C ARG A 300 11.55 -0.39 30.98
N PHE A 301 12.18 0.43 30.15
CA PHE A 301 11.47 1.40 29.32
C PHE A 301 11.45 1.08 27.85
N GLN A 302 12.07 -0.02 27.40
CA GLN A 302 12.07 -0.37 25.98
C GLN A 302 10.67 -0.66 25.45
N VAL A 303 9.95 -1.64 26.03
CA VAL A 303 8.58 -1.93 25.58
C VAL A 303 7.64 -0.76 25.90
N PRO A 304 7.67 -0.10 27.11
CA PRO A 304 6.85 1.11 27.31
C PRO A 304 7.11 2.23 26.30
N PHE A 305 8.35 2.33 25.77
CA PHE A 305 8.63 3.34 24.72
C PHE A 305 7.88 2.99 23.42
N GLN A 306 7.83 1.68 23.08
CA GLN A 306 7.09 1.19 21.92
C GLN A 306 5.59 1.46 22.07
N LEU A 307 5.08 1.45 23.32
CA LEU A 307 3.67 1.75 23.61
C LEU A 307 3.39 3.23 23.34
N LEU A 308 4.29 4.14 23.75
CA LEU A 308 4.09 5.56 23.48
C LEU A 308 4.15 5.84 21.97
N THR A 309 4.99 5.09 21.25
CA THR A 309 5.15 5.19 19.82
C THR A 309 3.85 4.74 19.15
N SER A 310 3.28 3.59 19.57
CA SER A 310 2.02 3.02 19.03
C SER A 310 0.86 3.99 19.17
N LEU A 311 0.78 4.66 20.32
CA LEU A 311 -0.23 5.63 20.71
C LEU A 311 -0.17 6.84 19.77
N MET A 312 1.04 7.30 19.44
CA MET A 312 1.25 8.39 18.49
C MET A 312 0.93 7.92 17.07
N ASP A 313 1.31 6.70 16.71
CA ASP A 313 1.01 6.13 15.40
C ASP A 313 -0.49 6.07 15.16
N ILE A 314 -1.26 5.65 16.18
CA ILE A 314 -2.71 5.57 16.09
C ILE A 314 -3.32 6.96 15.89
N ASP A 315 -2.72 7.99 16.48
CA ASP A 315 -3.15 9.36 16.27
C ASP A 315 -2.88 9.84 14.84
N SER A 316 -1.67 9.54 14.31
CA SER A 316 -1.29 9.92 12.95
C SER A 316 -2.22 9.24 11.95
N LEU A 317 -2.51 7.95 12.16
CA LEU A 317 -3.37 7.17 11.28
C LEU A 317 -4.84 7.54 11.37
N MET A 318 -5.36 7.88 12.56
CA MET A 318 -6.76 8.31 12.70
C MET A 318 -6.95 9.65 11.95
N THR A 319 -5.95 10.54 12.04
CA THR A 319 -6.00 11.85 11.38
C THR A 319 -5.88 11.70 9.86
N LYS A 320 -5.01 10.78 9.41
CA LYS A 320 -4.83 10.46 7.99
C LYS A 320 -6.10 9.84 7.44
N TRP A 321 -6.79 9.02 8.24
CA TRP A 321 -8.05 8.41 7.83
C TRP A 321 -9.09 9.51 7.71
N ARG A 322 -9.15 10.42 8.70
CA ARG A 322 -10.09 11.53 8.72
C ARG A 322 -9.87 12.43 7.52
N TYR A 323 -8.59 12.64 7.13
CA TYR A 323 -8.24 13.45 5.99
C TYR A 323 -8.82 12.82 4.72
N ASN A 324 -8.55 11.53 4.52
CA ASN A 324 -9.01 10.76 3.38
C ASN A 324 -10.53 10.77 3.28
N HIS A 325 -11.20 10.66 4.44
CA HIS A 325 -12.64 10.67 4.54
C HIS A 325 -13.21 11.99 4.08
N VAL A 326 -12.70 13.13 4.60
CA VAL A 326 -13.17 14.47 4.22
C VAL A 326 -13.04 14.70 2.71
N CYS A 327 -11.93 14.23 2.14
CA CYS A 327 -11.72 14.35 0.70
C CYS A 327 -12.76 13.54 -0.06
N MET A 328 -13.07 12.31 0.39
CA MET A 328 -14.08 11.48 -0.27
C MET A 328 -15.46 12.05 -0.13
N VAL A 329 -15.77 12.70 1.00
CA VAL A 329 -17.07 13.33 1.21
C VAL A 329 -17.20 14.55 0.30
N HIS A 330 -16.18 15.40 0.28
CA HIS A 330 -16.18 16.57 -0.60
C HIS A 330 -16.18 16.17 -2.07
N ARG A 331 -15.62 15.00 -2.42
CA ARG A 331 -15.55 14.50 -3.80
C ARG A 331 -16.91 13.99 -4.28
N MET A 332 -17.69 13.36 -3.40
N MET A 332 -17.66 13.34 -3.40
CA MET A 332 -18.98 12.81 -3.81
CA MET A 332 -18.97 12.75 -3.67
C MET A 332 -20.14 13.78 -3.61
C MET A 332 -20.10 13.78 -3.61
N LEU A 333 -20.12 14.61 -2.56
CA LEU A 333 -21.20 15.57 -2.33
C LEU A 333 -20.88 17.03 -2.67
N GLY A 334 -19.79 17.26 -3.37
CA GLY A 334 -19.39 18.62 -3.72
C GLY A 334 -18.95 19.45 -2.53
N SER A 335 -17.78 20.11 -2.64
CA SER A 335 -17.26 20.96 -1.58
C SER A 335 -17.87 22.39 -1.64
N ARG A 355 -5.72 18.99 16.04
CA ARG A 355 -6.87 19.19 16.95
C ARG A 355 -7.33 17.84 17.52
N TYR A 356 -7.65 16.90 16.62
CA TYR A 356 -8.13 15.55 16.93
C TYR A 356 -7.03 14.61 17.50
N LYS A 357 -5.83 15.16 17.81
CA LYS A 357 -4.75 14.37 18.37
C LYS A 357 -4.87 14.26 19.89
N VAL A 358 -5.28 13.08 20.37
CA VAL A 358 -5.45 12.76 21.78
C VAL A 358 -4.10 12.79 22.52
N PHE A 359 -3.08 12.25 21.88
CA PHE A 359 -1.74 12.15 22.42
C PHE A 359 -0.82 13.26 21.93
N VAL A 360 -1.32 14.52 21.91
CA VAL A 360 -0.55 15.72 21.54
C VAL A 360 0.69 15.87 22.40
N ASP A 361 0.57 15.52 23.69
CA ASP A 361 1.67 15.61 24.63
C ASP A 361 2.80 14.68 24.21
N LEU A 362 2.47 13.46 23.72
CA LEU A 362 3.49 12.55 23.25
C LEU A 362 4.23 13.12 22.03
N PHE A 363 3.50 13.84 21.16
CA PHE A 363 4.10 14.49 20.01
C PHE A 363 4.97 15.67 20.44
N ASN A 364 4.48 16.45 21.40
CA ASN A 364 5.19 17.61 21.92
C ASN A 364 6.49 17.31 22.67
N LEU A 365 6.48 16.25 23.49
CA LEU A 365 7.67 15.86 24.23
C LEU A 365 8.77 15.34 23.31
N SER A 366 8.38 14.75 22.17
CA SER A 366 9.30 14.27 21.13
C SER A 366 10.07 15.45 20.49
N THR A 367 9.48 16.67 20.51
CA THR A 367 10.03 17.89 19.95
C THR A 367 10.60 18.80 21.04
N TYR A 368 11.54 18.30 21.84
CA TYR A 368 12.23 19.06 22.89
C TYR A 368 13.73 18.96 22.69
N LEU A 369 14.33 20.04 22.22
CA LEU A 369 15.74 20.09 21.92
C LEU A 369 16.62 20.11 23.20
N ILE A 370 16.89 18.91 23.76
CA ILE A 370 17.75 18.75 24.95
C ILE A 370 18.94 17.88 24.56
N PRO A 371 20.17 18.36 24.78
CA PRO A 371 21.33 17.54 24.40
C PRO A 371 21.42 16.28 25.27
N ARG A 372 21.71 15.11 24.65
CA ARG A 372 21.83 13.82 25.34
C ARG A 372 22.85 13.83 26.47
N HIS A 373 23.86 14.73 26.40
CA HIS A 373 24.84 14.81 27.46
C HIS A 373 24.29 15.51 28.74
N TRP A 374 23.14 16.23 28.64
CA TRP A 374 22.49 16.87 29.80
C TRP A 374 21.48 15.97 30.50
N ILE A 375 21.15 14.80 29.91
CA ILE A 375 20.20 13.87 30.51
C ILE A 375 20.83 13.30 31.75
N PRO A 376 20.15 13.37 32.92
CA PRO A 376 20.75 12.87 34.16
C PRO A 376 21.27 11.44 34.03
N LYS A 377 22.53 11.25 34.42
CA LYS A 377 23.17 9.95 34.35
C LYS A 377 22.68 9.06 35.48
N MET A 378 22.53 7.77 35.19
CA MET A 378 22.02 6.81 36.14
C MET A 378 23.09 5.81 36.52
N ASN A 379 23.23 5.55 37.83
CA ASN A 379 24.17 4.59 38.42
C ASN A 379 23.51 3.22 38.51
N PRO A 380 24.05 2.19 37.83
CA PRO A 380 23.44 0.84 37.92
C PRO A 380 23.56 0.19 39.31
N THR A 381 24.58 0.59 40.09
CA THR A 381 24.76 0.08 41.44
C THR A 381 23.62 0.54 42.36
N ILE A 382 23.05 1.74 42.13
CA ILE A 382 21.99 2.26 42.98
C ILE A 382 20.60 2.09 42.37
N HIS A 383 20.43 2.51 41.09
CA HIS A 383 19.17 2.51 40.36
C HIS A 383 18.87 1.17 39.71
N LYS A 384 18.53 0.16 40.54
CA LYS A 384 18.19 -1.18 40.05
C LYS A 384 16.85 -1.23 39.31
N PHE A 385 15.99 -0.18 39.46
CA PHE A 385 14.68 -0.08 38.83
C PHE A 385 14.72 -0.05 37.32
N LEU A 386 15.80 0.49 36.76
CA LEU A 386 15.97 0.61 35.33
C LEU A 386 16.10 -0.76 34.64
N TYR A 387 16.63 -1.76 35.34
CA TYR A 387 16.81 -3.09 34.76
C TYR A 387 16.10 -4.21 35.53
N THR A 388 15.25 -3.87 36.53
CA THR A 388 14.50 -4.90 37.25
C THR A 388 13.01 -4.66 37.06
N ALA A 389 12.32 -5.67 36.51
CA ALA A 389 10.90 -5.64 36.22
C ALA A 389 10.04 -6.00 37.44
N GLU A 390 8.76 -5.60 37.42
CA GLU A 390 7.83 -5.88 38.51
C GLU A 390 6.60 -6.66 38.04
N TYR A 391 5.95 -7.39 38.96
CA TYR A 391 4.72 -8.10 38.67
C TYR A 391 3.67 -7.49 39.63
N LEU B 37 26.89 -4.14 -22.00
CA LEU B 37 27.20 -3.07 -21.05
C LEU B 37 27.28 -3.59 -19.59
N ILE B 38 28.00 -2.86 -18.69
CA ILE B 38 28.12 -3.25 -17.27
C ILE B 38 26.98 -2.58 -16.51
N TYR B 39 26.26 -3.33 -15.67
CA TYR B 39 25.11 -2.85 -14.88
C TYR B 39 25.36 -1.50 -14.18
N GLY B 40 26.44 -1.41 -13.40
CA GLY B 40 26.79 -0.20 -12.66
C GLY B 40 27.18 0.97 -13.54
N ASN B 41 27.75 0.66 -14.70
CA ASN B 41 28.14 1.70 -15.66
C ASN B 41 26.90 2.24 -16.36
N TYR B 42 25.91 1.38 -16.66
CA TYR B 42 24.65 1.73 -17.29
C TYR B 42 23.85 2.68 -16.38
N LEU B 43 23.76 2.34 -15.10
CA LEU B 43 23.05 3.14 -14.11
C LEU B 43 23.87 4.29 -13.52
N HIS B 44 25.16 4.39 -13.86
CA HIS B 44 26.07 5.41 -13.36
C HIS B 44 26.13 5.40 -11.85
N LEU B 45 26.19 4.17 -11.28
CA LEU B 45 26.28 3.91 -9.85
C LEU B 45 27.51 4.51 -9.18
N GLU B 46 28.54 4.89 -9.97
CA GLU B 46 29.72 5.59 -9.45
C GLU B 46 29.34 7.04 -9.02
N LYS B 47 28.23 7.59 -9.54
CA LYS B 47 27.76 8.91 -9.16
C LYS B 47 26.66 8.72 -8.09
N VAL B 48 25.68 7.84 -8.39
CA VAL B 48 24.52 7.55 -7.54
C VAL B 48 24.90 6.99 -6.17
N LEU B 49 25.74 5.95 -6.14
CA LEU B 49 26.13 5.31 -4.88
C LEU B 49 27.36 5.94 -4.19
N ASN B 50 27.85 7.09 -4.68
CA ASN B 50 28.95 7.83 -4.04
C ASN B 50 28.52 9.27 -3.71
N ALA B 51 27.27 9.46 -3.32
CA ALA B 51 26.74 10.78 -3.02
C ALA B 51 26.10 10.88 -1.60
N GLN B 52 26.51 9.99 -0.71
CA GLN B 52 25.98 9.93 0.63
C GLN B 52 27.03 10.38 1.61
N GLU B 53 27.10 11.69 1.83
CA GLU B 53 28.06 12.27 2.74
C GLU B 53 27.29 12.77 3.93
N LEU B 54 27.42 12.05 5.04
CA LEU B 54 26.78 12.37 6.31
C LEU B 54 27.38 13.63 6.89
N GLN B 55 26.55 14.64 7.14
CA GLN B 55 27.00 15.90 7.73
C GLN B 55 27.41 15.74 9.21
N SER B 56 26.84 14.74 9.91
CA SER B 56 27.20 14.47 11.30
C SER B 56 28.58 13.88 11.34
N GLU B 57 28.89 12.94 10.43
CA GLU B 57 30.20 12.32 10.31
C GLU B 57 31.27 13.32 9.88
N THR B 58 30.88 14.26 9.02
CA THR B 58 31.76 15.30 8.52
C THR B 58 32.05 16.34 9.60
N LYS B 59 31.02 16.96 10.19
CA LYS B 59 31.20 18.03 11.16
C LYS B 59 31.40 17.59 12.60
N GLY B 60 31.57 16.30 12.86
CA GLY B 60 31.75 15.83 14.23
C GLY B 60 31.59 14.34 14.45
N ASN B 61 30.51 13.94 15.14
CA ASN B 61 30.30 12.52 15.41
C ASN B 61 29.13 11.94 14.58
N LYS B 62 29.40 10.79 13.95
CA LYS B 62 28.44 10.11 13.08
C LYS B 62 27.16 9.71 13.81
N ILE B 63 26.00 10.06 13.21
CA ILE B 63 24.65 9.72 13.68
C ILE B 63 24.02 8.79 12.64
N HIS B 64 23.92 7.50 12.96
CA HIS B 64 23.41 6.40 12.12
C HIS B 64 22.13 6.72 11.27
N ASP B 65 21.09 7.29 11.90
CA ASP B 65 19.85 7.57 11.18
C ASP B 65 19.99 8.63 10.10
N GLU B 66 21.03 9.47 10.14
CA GLU B 66 21.23 10.47 9.09
C GLU B 66 21.40 9.85 7.67
N HIS B 67 21.84 8.59 7.59
CA HIS B 67 21.97 7.92 6.30
C HIS B 67 20.57 7.64 5.72
N LEU B 68 19.60 7.28 6.57
CA LEU B 68 18.22 7.04 6.12
C LEU B 68 17.61 8.35 5.59
N PHE B 69 17.88 9.47 6.27
CA PHE B 69 17.42 10.80 5.92
C PHE B 69 17.96 11.19 4.51
N ILE B 70 19.27 11.01 4.28
CA ILE B 70 19.88 11.29 2.99
C ILE B 70 19.32 10.40 1.88
N ILE B 71 19.31 9.06 2.04
CA ILE B 71 18.80 8.15 1.00
C ILE B 71 17.32 8.42 0.67
N THR B 72 16.45 8.63 1.69
CA THR B 72 15.03 8.90 1.46
C THR B 72 14.85 10.14 0.57
N HIS B 73 15.61 11.23 0.84
CA HIS B 73 15.52 12.45 0.04
C HIS B 73 16.03 12.22 -1.36
N GLN B 74 17.11 11.41 -1.51
CA GLN B 74 17.66 11.12 -2.82
C GLN B 74 16.67 10.30 -3.66
N ALA B 75 15.94 9.37 -3.01
CA ALA B 75 14.90 8.53 -3.63
C ALA B 75 13.74 9.38 -4.09
N TYR B 76 13.31 10.37 -3.28
CA TYR B 76 12.25 11.32 -3.64
C TYR B 76 12.68 12.13 -4.86
N GLU B 77 13.93 12.64 -4.86
CA GLU B 77 14.43 13.44 -5.97
C GLU B 77 14.56 12.65 -7.27
N LEU B 78 14.89 11.34 -7.17
CA LEU B 78 14.94 10.51 -8.37
C LEU B 78 13.52 10.37 -8.95
N TRP B 79 12.50 10.23 -8.09
CA TRP B 79 11.12 10.11 -8.57
C TRP B 79 10.55 11.42 -9.04
N PHE B 80 11.01 12.56 -8.48
CA PHE B 80 10.59 13.89 -8.93
C PHE B 80 11.12 14.08 -10.35
N LYS B 81 12.38 13.66 -10.62
CA LYS B 81 12.96 13.74 -11.96
C LYS B 81 12.15 12.91 -12.93
N GLN B 82 11.68 11.74 -12.50
CA GLN B 82 10.84 10.91 -13.35
C GLN B 82 9.49 11.56 -13.61
N ILE B 83 8.84 12.12 -12.57
CA ILE B 83 7.55 12.81 -12.75
C ILE B 83 7.70 14.00 -13.73
N LEU B 84 8.83 14.70 -13.69
CA LEU B 84 9.08 15.82 -14.60
C LEU B 84 9.30 15.31 -16.03
N TRP B 85 9.94 14.14 -16.17
CA TRP B 85 10.17 13.50 -17.45
C TRP B 85 8.84 13.16 -18.10
N GLU B 86 7.91 12.57 -17.34
CA GLU B 86 6.59 12.19 -17.87
C GLU B 86 5.73 13.40 -18.12
N LEU B 87 5.77 14.37 -17.22
CA LEU B 87 4.99 15.59 -17.34
C LEU B 87 5.43 16.43 -18.54
N ASP B 88 6.74 16.65 -18.73
CA ASP B 88 7.21 17.44 -19.86
C ASP B 88 6.85 16.77 -21.19
N SER B 89 6.91 15.41 -21.24
CA SER B 89 6.59 14.69 -22.47
C SER B 89 5.11 14.83 -22.82
N VAL B 90 4.23 14.81 -21.81
CA VAL B 90 2.79 14.99 -22.03
C VAL B 90 2.53 16.44 -22.46
N ARG B 91 3.17 17.40 -21.78
CA ARG B 91 3.07 18.81 -22.11
C ARG B 91 3.52 19.06 -23.55
N GLU B 92 4.64 18.41 -24.00
CA GLU B 92 5.15 18.50 -25.37
C GLU B 92 4.11 18.02 -26.39
N ILE B 93 3.47 16.84 -26.16
CA ILE B 93 2.43 16.28 -27.03
C ILE B 93 1.27 17.29 -27.26
N PHE B 94 0.89 18.05 -26.22
CA PHE B 94 -0.16 19.07 -26.35
C PHE B 94 0.38 20.30 -27.10
N GLN B 95 1.43 20.93 -26.56
CA GLN B 95 2.07 22.12 -27.10
C GLN B 95 2.53 22.01 -28.57
N ASN B 96 3.14 20.88 -28.97
CA ASN B 96 3.59 20.71 -30.35
C ASN B 96 2.48 20.30 -31.34
N GLY B 97 1.26 20.05 -30.84
CA GLY B 97 0.12 19.73 -31.66
C GLY B 97 -0.16 18.27 -31.89
N HIS B 98 0.67 17.36 -31.36
CA HIS B 98 0.46 15.91 -31.56
C HIS B 98 -0.85 15.37 -30.97
N VAL B 99 -1.35 16.02 -29.90
CA VAL B 99 -2.61 15.67 -29.23
C VAL B 99 -3.83 15.73 -30.18
N ARG B 100 -3.72 16.51 -31.29
CA ARG B 100 -4.74 16.65 -32.32
C ARG B 100 -4.91 15.32 -33.03
N ASP B 101 -3.80 14.58 -33.30
CA ASP B 101 -3.89 13.22 -33.83
C ASP B 101 -4.28 12.40 -32.62
N GLU B 102 -5.48 11.83 -32.65
CA GLU B 102 -6.05 11.11 -31.52
C GLU B 102 -5.42 9.71 -31.28
N ARG B 103 -4.44 9.32 -32.09
CA ARG B 103 -3.68 8.08 -31.85
C ARG B 103 -2.82 8.23 -30.55
N ASN B 104 -2.47 9.47 -30.20
CA ASN B 104 -1.67 9.79 -29.03
C ASN B 104 -2.45 9.94 -27.73
N MET B 105 -3.76 9.62 -27.73
CA MET B 105 -4.56 9.71 -26.51
C MET B 105 -4.20 8.61 -25.53
N LEU B 106 -3.89 7.40 -26.03
CA LEU B 106 -3.52 6.28 -25.17
C LEU B 106 -2.20 6.58 -24.44
N LYS B 107 -1.26 7.21 -25.13
CA LYS B 107 0.06 7.58 -24.62
C LYS B 107 -0.04 8.75 -23.61
N VAL B 108 -1.01 9.67 -23.78
CA VAL B 108 -1.16 10.79 -22.85
C VAL B 108 -1.74 10.24 -21.54
N VAL B 109 -2.85 9.50 -21.65
CA VAL B 109 -3.56 8.88 -20.53
C VAL B 109 -2.68 7.87 -19.79
N SER B 110 -1.87 7.11 -20.53
CA SER B 110 -0.98 6.11 -19.96
C SER B 110 0.08 6.78 -19.09
N ARG B 111 0.70 7.84 -19.61
CA ARG B 111 1.73 8.57 -18.91
C ARG B 111 1.18 9.33 -17.74
N MET B 112 -0.07 9.85 -17.83
CA MET B 112 -0.68 10.53 -16.70
C MET B 112 -0.99 9.51 -15.59
N HIS B 113 -1.34 8.28 -15.96
CA HIS B 113 -1.60 7.20 -15.01
C HIS B 113 -0.31 6.81 -14.30
N ARG B 114 0.80 6.78 -15.03
CA ARG B 114 2.10 6.45 -14.46
C ARG B 114 2.51 7.48 -13.42
N VAL B 115 2.26 8.79 -13.68
CA VAL B 115 2.56 9.87 -12.74
C VAL B 115 1.82 9.62 -11.43
N SER B 116 0.55 9.20 -11.49
CA SER B 116 -0.21 8.91 -10.28
C SER B 116 0.29 7.66 -9.58
N VAL B 117 0.77 6.65 -10.32
CA VAL B 117 1.37 5.44 -9.73
C VAL B 117 2.65 5.81 -8.97
N ILE B 118 3.48 6.70 -9.55
CA ILE B 118 4.70 7.16 -8.89
C ILE B 118 4.33 7.94 -7.65
N LEU B 119 3.36 8.86 -7.77
CA LEU B 119 2.90 9.66 -6.63
C LEU B 119 2.36 8.79 -5.51
N LYS B 120 1.67 7.68 -5.82
CA LYS B 120 1.14 6.77 -4.81
C LYS B 120 2.31 6.15 -4.02
N LEU B 121 3.42 5.79 -4.71
CA LEU B 121 4.61 5.23 -4.05
C LEU B 121 5.31 6.27 -3.20
N LEU B 122 5.31 7.53 -3.62
CA LEU B 122 5.91 8.61 -2.85
C LEU B 122 5.12 8.90 -1.56
N VAL B 123 3.81 8.70 -1.57
CA VAL B 123 2.97 8.85 -0.41
C VAL B 123 3.28 7.70 0.56
N GLN B 124 3.48 6.46 0.04
CA GLN B 124 3.88 5.31 0.84
C GLN B 124 5.31 5.44 1.38
N GLN B 125 6.19 6.16 0.64
CA GLN B 125 7.58 6.36 1.04
C GLN B 125 7.73 7.13 2.35
N PHE B 126 6.66 7.80 2.83
CA PHE B 126 6.69 8.49 4.12
C PHE B 126 6.82 7.50 5.29
N SER B 127 6.35 6.26 5.10
CA SER B 127 6.40 5.24 6.14
C SER B 127 7.81 4.91 6.59
N ILE B 128 8.81 5.17 5.73
CA ILE B 128 10.22 4.92 6.02
C ILE B 128 10.74 6.00 6.98
N LEU B 129 10.40 7.28 6.75
CA LEU B 129 10.78 8.35 7.67
C LEU B 129 10.12 8.15 9.05
N GLU B 130 8.93 7.55 9.08
CA GLU B 130 8.24 7.24 10.31
C GLU B 130 9.10 6.30 11.20
N THR B 131 9.94 5.43 10.59
CA THR B 131 10.83 4.54 11.32
C THR B 131 11.95 5.28 12.09
N MET B 132 12.15 6.57 11.83
CA MET B 132 13.16 7.37 12.52
C MET B 132 12.45 8.17 13.60
N THR B 133 12.72 7.89 14.88
CA THR B 133 12.04 8.64 15.95
C THR B 133 12.45 10.10 15.95
N ALA B 134 11.61 10.97 16.55
CA ALA B 134 11.93 12.39 16.68
C ALA B 134 13.17 12.59 17.52
N LEU B 135 13.34 11.76 18.58
CA LEU B 135 14.46 11.82 19.49
C LEU B 135 15.76 11.50 18.76
N ASP B 136 15.75 10.57 17.82
CA ASP B 136 16.94 10.25 17.03
C ASP B 136 17.24 11.41 16.06
N PHE B 137 16.19 12.06 15.52
CA PHE B 137 16.39 13.17 14.59
C PHE B 137 17.13 14.32 15.27
N ASN B 138 16.77 14.65 16.53
CA ASN B 138 17.41 15.73 17.30
C ASN B 138 18.93 15.51 17.50
N ASP B 139 19.41 14.26 17.28
CA ASP B 139 20.83 13.93 17.43
C ASP B 139 21.63 14.48 16.24
N PHE B 140 21.05 14.44 15.03
CA PHE B 140 21.72 14.99 13.85
C PHE B 140 21.12 16.35 13.37
N ARG B 141 20.06 16.83 14.04
CA ARG B 141 19.36 18.06 13.73
C ARG B 141 20.28 19.29 13.72
N GLU B 142 21.27 19.33 14.63
CA GLU B 142 22.22 20.45 14.76
C GLU B 142 23.12 20.69 13.57
N TYR B 143 23.45 19.62 12.84
CA TYR B 143 24.30 19.73 11.65
C TYR B 143 23.52 20.10 10.38
N LEU B 144 22.19 20.32 10.47
CA LEU B 144 21.37 20.65 9.31
C LEU B 144 21.01 22.12 9.20
N SER B 145 21.83 23.04 9.78
CA SER B 145 21.66 24.50 9.67
C SER B 145 20.14 24.95 9.83
N PRO B 146 19.60 26.08 9.27
CA PRO B 146 18.16 26.34 9.43
C PRO B 146 17.30 25.52 8.45
N ALA B 147 16.26 24.86 8.98
CA ALA B 147 15.35 24.08 8.14
C ALA B 147 14.61 24.98 7.16
N SER B 148 14.25 26.20 7.60
CA SER B 148 13.63 27.24 6.78
C SER B 148 14.78 27.84 5.98
N GLY B 149 15.26 27.07 5.03
CA GLY B 149 16.39 27.35 4.15
C GLY B 149 16.59 26.25 3.11
N PHE B 150 15.93 25.09 3.30
CA PHE B 150 16.00 23.99 2.35
C PHE B 150 14.72 24.03 1.53
N GLN B 151 14.87 23.91 0.20
CA GLN B 151 13.74 23.93 -0.73
C GLN B 151 14.08 23.05 -1.92
N SER B 152 13.14 22.20 -2.35
CA SER B 152 13.38 21.31 -3.48
C SER B 152 13.12 22.03 -4.79
N LEU B 153 14.14 22.11 -5.67
CA LEU B 153 13.98 22.78 -6.95
C LEU B 153 13.03 21.99 -7.82
N GLN B 154 13.23 20.66 -7.91
CA GLN B 154 12.39 19.77 -8.70
C GLN B 154 10.94 19.79 -8.27
N PHE B 155 10.67 19.87 -6.96
CA PHE B 155 9.28 19.92 -6.50
C PHE B 155 8.62 21.21 -6.97
N ARG B 156 9.37 22.32 -6.89
CA ARG B 156 8.88 23.60 -7.35
C ARG B 156 8.67 23.61 -8.88
N LEU B 157 9.58 22.97 -9.64
CA LEU B 157 9.44 22.87 -11.09
C LEU B 157 8.20 22.06 -11.45
N LEU B 158 7.94 20.98 -10.70
CA LEU B 158 6.77 20.10 -10.88
C LEU B 158 5.47 20.84 -10.63
N GLU B 159 5.40 21.61 -9.52
CA GLU B 159 4.22 22.40 -9.18
C GLU B 159 3.96 23.44 -10.29
N ASN B 160 5.02 24.10 -10.77
CA ASN B 160 4.90 25.13 -11.79
C ASN B 160 4.46 24.56 -13.11
N LYS B 161 4.98 23.38 -13.48
CA LYS B 161 4.66 22.74 -14.76
C LYS B 161 3.25 22.21 -14.82
N ILE B 162 2.66 21.81 -13.69
CA ILE B 162 1.27 21.36 -13.66
C ILE B 162 0.34 22.58 -13.76
N GLY B 163 0.67 23.65 -13.06
CA GLY B 163 -0.12 24.87 -13.07
C GLY B 163 -0.52 25.37 -11.70
N VAL B 164 0.27 25.03 -10.68
CA VAL B 164 -0.02 25.48 -9.31
C VAL B 164 0.32 26.96 -9.25
N LEU B 165 -0.63 27.82 -8.82
CA LEU B 165 -0.43 29.28 -8.73
C LEU B 165 0.80 29.70 -7.89
N GLU B 184 21.62 29.78 -12.37
CA GLU B 184 21.51 28.63 -13.29
C GLU B 184 20.29 27.78 -12.92
N GLU B 185 20.08 27.56 -11.61
CA GLU B 185 18.89 26.85 -11.11
C GLU B 185 17.68 27.79 -11.21
N ASN B 186 17.90 29.11 -11.04
CA ASN B 186 16.85 30.13 -11.17
C ASN B 186 16.41 30.30 -12.65
N GLU B 187 17.30 29.97 -13.61
CA GLU B 187 16.95 30.02 -15.02
C GLU B 187 15.93 28.92 -15.31
N LEU B 188 16.13 27.72 -14.74
CA LEU B 188 15.19 26.59 -14.89
C LEU B 188 13.84 26.93 -14.27
N LEU B 189 13.84 27.67 -13.14
CA LEU B 189 12.63 28.06 -12.48
C LEU B 189 11.88 29.12 -13.28
N LEU B 190 12.62 30.05 -13.90
CA LEU B 190 12.05 31.11 -14.74
C LEU B 190 11.38 30.50 -15.97
N LYS B 191 11.96 29.44 -16.54
CA LYS B 191 11.35 28.75 -17.67
C LYS B 191 10.04 28.07 -17.25
N SER B 192 10.02 27.35 -16.10
CA SER B 192 8.82 26.65 -15.60
C SER B 192 7.65 27.59 -15.33
N GLU B 193 7.94 28.81 -14.89
CA GLU B 193 6.92 29.80 -14.61
C GLU B 193 6.40 30.46 -15.89
N GLN B 194 7.29 30.68 -16.86
CA GLN B 194 6.95 31.33 -18.13
C GLN B 194 6.27 30.43 -19.15
N GLU B 195 6.83 29.22 -19.40
CA GLU B 195 6.31 28.24 -20.36
C GLU B 195 4.87 27.79 -20.04
N LYS B 196 4.20 27.19 -21.03
CA LYS B 196 2.81 26.73 -20.90
C LYS B 196 2.64 25.59 -19.91
N THR B 197 1.77 25.79 -18.92
CA THR B 197 1.51 24.77 -17.92
C THR B 197 0.58 23.69 -18.47
N LEU B 198 0.56 22.52 -17.82
CA LEU B 198 -0.31 21.39 -18.17
C LEU B 198 -1.79 21.84 -18.12
N LEU B 199 -2.13 22.77 -17.21
CA LEU B 199 -3.48 23.31 -17.11
C LEU B 199 -3.83 24.14 -18.35
N GLU B 200 -2.94 25.08 -18.74
CA GLU B 200 -3.15 25.96 -19.90
C GLU B 200 -3.27 25.16 -21.19
N LEU B 201 -2.43 24.11 -21.33
CA LEU B 201 -2.42 23.23 -22.49
C LEU B 201 -3.66 22.32 -22.54
N VAL B 202 -4.16 21.90 -21.38
CA VAL B 202 -5.38 21.10 -21.31
C VAL B 202 -6.61 22.01 -21.59
N GLU B 203 -6.57 23.28 -21.15
CA GLU B 203 -7.63 24.28 -21.35
C GLU B 203 -7.83 24.56 -22.83
N ALA B 204 -6.72 24.76 -23.58
CA ALA B 204 -6.75 25.02 -25.02
C ALA B 204 -7.36 23.84 -25.79
N TRP B 205 -7.03 22.62 -25.35
CA TRP B 205 -7.53 21.39 -25.96
C TRP B 205 -9.00 21.18 -25.65
N LEU B 206 -9.43 21.54 -24.42
CA LEU B 206 -10.84 21.46 -24.01
C LEU B 206 -11.69 22.47 -24.81
N GLU B 207 -11.10 23.63 -25.18
CA GLU B 207 -11.79 24.67 -25.96
C GLU B 207 -12.16 24.17 -27.39
N ARG B 208 -11.45 23.15 -27.90
CA ARG B 208 -11.69 22.56 -29.22
C ARG B 208 -12.53 21.28 -29.17
N THR B 209 -13.18 20.98 -28.02
CA THR B 209 -14.00 19.77 -27.88
C THR B 209 -15.13 19.74 -28.91
N PRO B 210 -15.28 18.61 -29.64
CA PRO B 210 -16.37 18.49 -30.61
C PRO B 210 -17.74 18.56 -29.94
N GLY B 211 -18.69 19.20 -30.59
CA GLY B 211 -20.04 19.32 -30.07
C GLY B 211 -20.38 20.67 -29.47
N LEU B 212 -19.38 21.53 -29.24
CA LEU B 212 -19.62 22.83 -28.61
C LEU B 212 -20.15 23.87 -29.59
N GLU B 213 -19.68 23.79 -30.85
CA GLU B 213 -20.00 24.72 -31.94
C GLU B 213 -21.48 25.06 -32.04
N PRO B 214 -21.83 26.36 -31.86
CA PRO B 214 -23.25 26.77 -31.88
C PRO B 214 -23.95 26.48 -33.21
N HIS B 215 -23.20 26.53 -34.33
CA HIS B 215 -23.76 26.23 -35.65
C HIS B 215 -23.96 24.73 -35.92
N GLY B 216 -23.34 23.88 -35.08
CA GLY B 216 -23.43 22.43 -35.20
C GLY B 216 -24.27 21.79 -34.10
N PHE B 217 -23.66 20.99 -33.23
CA PHE B 217 -24.39 20.32 -32.15
C PHE B 217 -24.95 21.31 -31.13
N ASN B 218 -24.24 22.42 -30.87
CA ASN B 218 -24.63 23.46 -29.92
C ASN B 218 -25.02 22.87 -28.55
N PHE B 219 -24.07 22.19 -27.90
CA PHE B 219 -24.27 21.54 -26.61
C PHE B 219 -24.77 22.51 -25.54
N TRP B 220 -24.12 23.67 -25.39
CA TRP B 220 -24.51 24.64 -24.36
C TRP B 220 -25.91 25.21 -24.54
N GLY B 221 -26.30 25.40 -25.79
CA GLY B 221 -27.62 25.90 -26.10
C GLY B 221 -28.69 24.89 -25.76
N LYS B 222 -28.54 23.64 -26.26
CA LYS B 222 -29.44 22.54 -26.00
C LYS B 222 -29.54 22.28 -24.50
N LEU B 223 -28.40 22.16 -23.81
CA LEU B 223 -28.32 21.94 -22.36
C LEU B 223 -29.09 23.01 -21.58
N GLU B 224 -28.90 24.29 -21.92
CA GLU B 224 -29.57 25.39 -21.24
C GLU B 224 -31.07 25.31 -21.42
N LYS B 225 -31.53 25.01 -22.64
CA LYS B 225 -32.95 24.90 -22.94
C LYS B 225 -33.57 23.74 -22.19
N ASN B 226 -32.90 22.58 -22.18
CA ASN B 226 -33.37 21.38 -21.51
C ASN B 226 -33.44 21.54 -19.98
N ILE B 227 -32.46 22.23 -19.41
CA ILE B 227 -32.46 22.45 -17.97
C ILE B 227 -33.57 23.43 -17.61
N THR B 228 -33.75 24.49 -18.41
CA THR B 228 -34.82 25.47 -18.22
C THR B 228 -36.21 24.84 -18.34
N ARG B 229 -36.44 24.04 -19.40
CA ARG B 229 -37.72 23.37 -19.62
C ARG B 229 -37.99 22.29 -18.58
N GLY B 230 -36.94 21.62 -18.11
CA GLY B 230 -37.06 20.58 -17.11
C GLY B 230 -37.39 21.15 -15.75
N LEU B 231 -36.80 22.31 -15.41
CA LEU B 231 -37.03 22.99 -14.13
C LEU B 231 -38.44 23.60 -14.07
N GLU B 232 -38.98 24.05 -15.22
CA GLU B 232 -40.34 24.60 -15.26
C GLU B 232 -41.36 23.49 -14.96
N GLU B 233 -41.13 22.28 -15.50
CA GLU B 233 -41.99 21.12 -15.24
C GLU B 233 -41.93 20.72 -13.75
N GLU B 234 -40.76 20.88 -13.12
CA GLU B 234 -40.52 20.58 -11.71
C GLU B 234 -41.29 21.57 -10.83
N PHE B 235 -41.27 22.86 -11.21
CA PHE B 235 -42.00 23.89 -10.46
C PHE B 235 -43.50 23.63 -10.53
N ILE B 236 -44.00 23.24 -11.71
CA ILE B 236 -45.40 22.91 -11.94
C ILE B 236 -45.80 21.66 -11.13
N ARG B 237 -44.95 20.63 -11.14
CA ARG B 237 -45.17 19.38 -10.40
C ARG B 237 -45.21 19.60 -8.89
N ILE B 238 -44.38 20.53 -8.38
CA ILE B 238 -44.33 20.85 -6.96
C ILE B 238 -45.52 21.70 -6.52
N GLN B 239 -45.86 22.76 -7.29
CA GLN B 239 -47.00 23.65 -6.99
C GLN B 239 -48.36 22.93 -7.04
N ALA B 240 -48.44 21.78 -7.73
CA ALA B 240 -49.65 20.98 -7.82
C ALA B 240 -49.88 20.19 -6.52
N LYS B 241 -48.79 19.76 -5.86
CA LYS B 241 -48.86 19.03 -4.58
C LYS B 241 -49.60 19.86 -3.53
N GLU B 242 -50.47 19.21 -2.73
CA GLU B 242 -51.27 19.85 -1.69
C GLU B 242 -50.43 20.62 -0.68
N GLU B 243 -50.91 21.82 -0.26
CA GLU B 243 -50.23 22.67 0.71
C GLU B 243 -49.99 21.91 2.00
N SER B 244 -48.73 21.48 2.20
CA SER B 244 -48.35 20.67 3.35
C SER B 244 -46.93 21.02 3.84
N GLU B 245 -46.42 20.29 4.86
CA GLU B 245 -45.06 20.47 5.34
C GLU B 245 -44.07 19.96 4.28
N GLU B 246 -44.43 18.88 3.55
CA GLU B 246 -43.61 18.31 2.48
C GLU B 246 -43.58 19.28 1.29
N LYS B 247 -44.70 19.91 0.97
CA LYS B 247 -44.78 20.87 -0.14
C LYS B 247 -44.04 22.15 0.18
N GLU B 248 -44.18 22.66 1.41
CA GLU B 248 -43.49 23.89 1.83
C GLU B 248 -41.97 23.72 1.95
N GLU B 249 -41.49 22.47 2.10
CA GLU B 249 -40.07 22.18 2.21
C GLU B 249 -39.45 21.91 0.83
N GLN B 250 -40.22 21.30 -0.09
CA GLN B 250 -39.73 20.99 -1.43
C GLN B 250 -39.58 22.24 -2.33
N VAL B 251 -40.28 23.34 -1.99
CA VAL B 251 -40.10 24.59 -2.74
C VAL B 251 -38.74 25.22 -2.42
N ALA B 252 -38.21 25.01 -1.21
CA ALA B 252 -36.91 25.51 -0.79
C ALA B 252 -35.81 24.64 -1.45
N GLU B 253 -36.02 23.31 -1.49
CA GLU B 253 -35.10 22.38 -2.15
C GLU B 253 -35.04 22.64 -3.67
N PHE B 254 -36.14 23.13 -4.26
CA PHE B 254 -36.22 23.47 -5.67
C PHE B 254 -35.59 24.84 -5.94
N GLN B 255 -35.95 25.88 -5.18
CA GLN B 255 -35.39 27.21 -5.39
C GLN B 255 -33.86 27.27 -5.18
N LYS B 256 -33.29 26.26 -4.49
CA LYS B 256 -31.86 26.16 -4.26
C LYS B 256 -31.21 25.43 -5.43
N GLN B 257 -31.83 24.31 -5.89
CA GLN B 257 -31.31 23.54 -7.02
C GLN B 257 -31.38 24.35 -8.33
N LYS B 258 -32.43 25.17 -8.50
CA LYS B 258 -32.63 26.01 -9.69
C LYS B 258 -31.56 27.08 -9.78
N GLU B 259 -31.29 27.76 -8.66
CA GLU B 259 -30.27 28.80 -8.59
C GLU B 259 -28.88 28.24 -8.92
N VAL B 260 -28.59 27.03 -8.40
CA VAL B 260 -27.32 26.34 -8.65
C VAL B 260 -27.19 25.93 -10.13
N LEU B 261 -28.21 25.24 -10.67
CA LEU B 261 -28.19 24.79 -12.06
C LEU B 261 -28.10 25.93 -13.06
N LEU B 262 -28.89 26.99 -12.86
CA LEU B 262 -28.88 28.11 -13.79
C LEU B 262 -27.60 28.94 -13.70
N SER B 263 -26.87 28.88 -12.56
CA SER B 263 -25.60 29.58 -12.39
C SER B 263 -24.54 29.10 -13.39
N LEU B 264 -24.64 27.85 -13.85
CA LEU B 264 -23.74 27.25 -14.85
C LEU B 264 -23.77 28.02 -16.17
N PHE B 265 -24.88 28.70 -16.49
CA PHE B 265 -25.00 29.43 -17.75
C PHE B 265 -24.68 30.93 -17.61
N ASP B 266 -24.22 31.37 -16.44
CA ASP B 266 -23.87 32.75 -16.17
C ASP B 266 -22.39 32.94 -16.45
N GLU B 267 -22.04 33.38 -17.68
CA GLU B 267 -20.65 33.58 -18.04
C GLU B 267 -20.00 34.69 -17.22
N LYS B 268 -20.77 35.75 -16.89
CA LYS B 268 -20.23 36.85 -16.08
C LYS B 268 -19.85 36.40 -14.67
N ARG B 269 -20.57 35.42 -14.10
CA ARG B 269 -20.25 34.87 -12.77
C ARG B 269 -18.96 34.03 -12.84
N HIS B 270 -18.76 33.30 -13.94
CA HIS B 270 -17.55 32.51 -14.12
C HIS B 270 -16.32 33.42 -14.22
N GLU B 271 -16.43 34.52 -14.97
CA GLU B 271 -15.35 35.50 -15.13
C GLU B 271 -15.01 36.16 -13.80
N HIS B 272 -16.04 36.42 -12.98
CA HIS B 272 -15.86 37.02 -11.66
C HIS B 272 -15.10 36.03 -10.77
N LEU B 273 -15.50 34.75 -10.80
CA LEU B 273 -14.86 33.69 -10.00
C LEU B 273 -13.43 33.38 -10.45
N LEU B 274 -13.12 33.58 -11.74
CA LEU B 274 -11.78 33.38 -12.26
C LEU B 274 -10.83 34.45 -11.68
N SER B 275 -11.32 35.70 -11.51
CA SER B 275 -10.56 36.81 -10.93
C SER B 275 -10.33 36.57 -9.44
N LYS B 276 -11.35 36.07 -8.73
CA LYS B 276 -11.23 35.75 -7.32
C LYS B 276 -10.37 34.48 -7.04
N GLY B 277 -9.88 33.82 -8.09
CA GLY B 277 -9.07 32.61 -8.01
C GLY B 277 -9.84 31.32 -7.80
N GLU B 278 -11.20 31.42 -7.71
CA GLU B 278 -12.09 30.26 -7.50
C GLU B 278 -12.24 29.38 -8.77
N ARG B 279 -11.86 29.91 -9.96
CA ARG B 279 -11.90 29.16 -11.21
C ARG B 279 -10.56 29.28 -11.92
N ARG B 280 -10.20 28.26 -12.71
CA ARG B 280 -8.93 28.24 -13.43
C ARG B 280 -9.16 28.15 -14.93
N LEU B 281 -10.12 27.31 -15.34
CA LEU B 281 -10.44 27.09 -16.75
C LEU B 281 -11.29 28.22 -17.33
N SER B 282 -11.19 28.43 -18.64
CA SER B 282 -12.01 29.40 -19.33
C SER B 282 -13.43 28.87 -19.44
N TYR B 283 -14.39 29.77 -19.70
CA TYR B 283 -15.78 29.37 -19.85
C TYR B 283 -15.97 28.34 -20.99
N ARG B 284 -15.25 28.46 -22.12
CA ARG B 284 -15.36 27.48 -23.20
C ARG B 284 -14.71 26.14 -22.82
N ALA B 285 -13.55 26.16 -22.11
CA ALA B 285 -12.90 24.93 -21.67
C ALA B 285 -13.79 24.19 -20.65
N LEU B 286 -14.53 24.96 -19.82
CA LEU B 286 -15.47 24.43 -18.86
C LEU B 286 -16.58 23.66 -19.58
N GLN B 287 -17.06 24.19 -20.72
CA GLN B 287 -18.09 23.55 -21.52
C GLN B 287 -17.57 22.28 -22.22
N GLY B 288 -16.32 22.32 -22.70
CA GLY B 288 -15.72 21.17 -23.35
C GLY B 288 -15.54 20.02 -22.38
N ALA B 289 -15.17 20.33 -21.13
CA ALA B 289 -14.99 19.34 -20.07
C ALA B 289 -16.32 18.71 -19.70
N LEU B 290 -17.37 19.55 -19.59
CA LEU B 290 -18.72 19.05 -19.27
C LEU B 290 -19.32 18.20 -20.40
N MET B 291 -18.92 18.48 -21.66
CA MET B 291 -19.31 17.72 -22.85
C MET B 291 -18.69 16.33 -22.75
N ILE B 292 -17.40 16.26 -22.42
CA ILE B 292 -16.69 14.99 -22.23
C ILE B 292 -17.34 14.18 -21.11
N TYR B 293 -17.79 14.85 -20.04
CA TYR B 293 -18.45 14.25 -18.89
C TYR B 293 -19.75 13.57 -19.21
N PHE B 294 -20.69 14.28 -19.84
CA PHE B 294 -22.01 13.72 -20.14
C PHE B 294 -22.01 12.71 -21.25
N TYR B 295 -21.10 12.86 -22.22
CA TYR B 295 -21.04 11.92 -23.33
C TYR B 295 -19.82 10.99 -23.23
N ARG B 296 -19.37 10.71 -22.00
CA ARG B 296 -18.20 9.88 -21.74
C ARG B 296 -18.29 8.48 -22.28
N GLU B 297 -19.52 7.94 -22.44
CA GLU B 297 -19.67 6.61 -23.02
C GLU B 297 -19.49 6.62 -24.53
N GLU B 298 -19.67 7.79 -25.19
CA GLU B 298 -19.50 7.85 -26.64
C GLU B 298 -18.06 7.62 -27.00
N PRO B 299 -17.79 6.71 -27.95
CA PRO B 299 -16.40 6.37 -28.28
C PRO B 299 -15.38 7.51 -28.29
N ARG B 300 -15.66 8.65 -28.98
CA ARG B 300 -14.70 9.76 -29.04
C ARG B 300 -14.34 10.37 -27.69
N PHE B 301 -15.17 10.18 -26.68
CA PHE B 301 -14.93 10.76 -25.35
C PHE B 301 -14.52 9.77 -24.29
N GLN B 302 -14.42 8.48 -24.60
CA GLN B 302 -14.02 7.49 -23.60
C GLN B 302 -12.61 7.74 -23.11
N VAL B 303 -11.59 7.76 -24.01
CA VAL B 303 -10.22 8.01 -23.57
C VAL B 303 -10.05 9.46 -23.04
N PRO B 304 -10.62 10.53 -23.67
CA PRO B 304 -10.54 11.88 -23.06
C PRO B 304 -11.16 11.96 -21.67
N PHE B 305 -12.19 11.15 -21.38
CA PHE B 305 -12.78 11.13 -20.02
C PHE B 305 -11.78 10.57 -19.01
N GLN B 306 -11.03 9.50 -19.41
CA GLN B 306 -9.99 8.90 -18.59
C GLN B 306 -8.88 9.91 -18.30
N LEU B 307 -8.59 10.83 -19.27
CA LEU B 307 -7.59 11.89 -19.10
C LEU B 307 -8.08 12.91 -18.06
N LEU B 308 -9.37 13.31 -18.09
CA LEU B 308 -9.88 14.25 -17.07
C LEU B 308 -9.85 13.59 -15.69
N THR B 309 -10.08 12.27 -15.63
CA THR B 309 -10.04 11.50 -14.39
C THR B 309 -8.61 11.48 -13.85
N SER B 310 -7.60 11.20 -14.72
CA SER B 310 -6.17 11.17 -14.37
C SER B 310 -5.70 12.49 -13.81
N LEU B 311 -6.15 13.59 -14.40
CA LEU B 311 -5.83 14.97 -14.04
C LEU B 311 -6.33 15.26 -12.63
N MET B 312 -7.56 14.79 -12.31
CA MET B 312 -8.14 14.95 -10.99
C MET B 312 -7.40 14.07 -9.99
N ASP B 313 -7.06 12.83 -10.38
CA ASP B 313 -6.32 11.90 -9.55
C ASP B 313 -4.98 12.49 -9.13
N ILE B 314 -4.27 13.11 -10.09
CA ILE B 314 -2.97 13.76 -9.85
C ILE B 314 -3.12 14.91 -8.85
N ASP B 315 -4.23 15.63 -8.91
CA ASP B 315 -4.52 16.70 -7.95
C ASP B 315 -4.75 16.16 -6.54
N SER B 316 -5.54 15.07 -6.42
CA SER B 316 -5.85 14.44 -5.15
C SER B 316 -4.57 13.93 -4.52
N LEU B 317 -3.71 13.26 -5.33
CA LEU B 317 -2.45 12.69 -4.89
C LEU B 317 -1.41 13.73 -4.55
N MET B 318 -1.31 14.84 -5.29
CA MET B 318 -0.36 15.90 -4.97
C MET B 318 -0.72 16.53 -3.61
N THR B 319 -2.03 16.72 -3.35
CA THR B 319 -2.54 17.28 -2.10
C THR B 319 -2.34 16.30 -0.94
N LYS B 320 -2.55 15.01 -1.19
CA LYS B 320 -2.35 13.95 -0.21
C LYS B 320 -0.87 13.85 0.13
N TRP B 321 0.02 14.06 -0.86
CA TRP B 321 1.47 14.06 -0.64
C TRP B 321 1.81 15.28 0.20
N ARG B 322 1.26 16.45 -0.15
CA ARG B 322 1.51 17.69 0.59
C ARG B 322 1.05 17.58 2.03
N TYR B 323 -0.07 16.89 2.26
CA TYR B 323 -0.61 16.68 3.59
C TYR B 323 0.37 15.84 4.39
N ASN B 324 0.83 14.72 3.82
CA ASN B 324 1.78 13.80 4.44
C ASN B 324 3.09 14.51 4.77
N HIS B 325 3.53 15.36 3.86
CA HIS B 325 4.74 16.13 4.02
C HIS B 325 4.64 17.07 5.21
N VAL B 326 3.56 17.89 5.30
CA VAL B 326 3.36 18.84 6.39
C VAL B 326 3.35 18.12 7.74
N CYS B 327 2.71 16.95 7.79
CA CYS B 327 2.67 16.16 9.03
C CYS B 327 4.08 15.70 9.41
N MET B 328 4.89 15.24 8.45
CA MET B 328 6.26 14.82 8.71
C MET B 328 7.14 15.96 9.12
N VAL B 329 6.92 17.15 8.58
CA VAL B 329 7.69 18.34 8.94
C VAL B 329 7.30 18.75 10.38
N HIS B 330 6.00 18.80 10.67
CA HIS B 330 5.54 19.13 12.02
C HIS B 330 5.99 18.07 13.02
N ARG B 331 6.13 16.81 12.61
CA ARG B 331 6.54 15.70 13.46
C ARG B 331 8.04 15.77 13.83
N MET B 332 8.89 16.23 12.89
N MET B 332 8.87 16.20 12.86
CA MET B 332 10.33 16.29 13.15
CA MET B 332 10.32 16.32 12.99
C MET B 332 10.79 17.64 13.69
C MET B 332 10.76 17.62 13.67
N LEU B 333 10.19 18.74 13.24
CA LEU B 333 10.59 20.06 13.74
C LEU B 333 9.64 20.71 14.76
N GLY B 334 8.69 19.94 15.27
CA GLY B 334 7.71 20.47 16.22
C GLY B 334 6.69 21.42 15.61
N SER B 335 5.40 21.18 15.93
CA SER B 335 4.29 22.01 15.45
C SER B 335 4.00 23.17 16.43
N ASP B 354 -8.14 22.62 -1.41
CA ASP B 354 -8.71 23.13 -2.66
C ASP B 354 -7.92 24.27 -3.31
N ARG B 355 -7.03 24.92 -2.54
CA ARG B 355 -6.21 26.01 -3.05
C ARG B 355 -5.21 25.43 -4.08
N TYR B 356 -4.41 24.42 -3.67
CA TYR B 356 -3.42 23.75 -4.50
C TYR B 356 -4.02 22.84 -5.60
N LYS B 357 -5.36 22.83 -5.76
CA LYS B 357 -6.01 22.02 -6.80
C LYS B 357 -6.11 22.81 -8.11
N VAL B 358 -5.26 22.46 -9.07
CA VAL B 358 -5.16 23.06 -10.39
C VAL B 358 -6.44 22.80 -11.20
N PHE B 359 -6.94 21.58 -11.11
CA PHE B 359 -8.13 21.12 -11.82
C PHE B 359 -9.38 21.16 -10.96
N VAL B 360 -9.58 22.26 -10.19
CA VAL B 360 -10.78 22.46 -9.36
C VAL B 360 -12.05 22.40 -10.19
N ASP B 361 -11.99 22.91 -11.42
CA ASP B 361 -13.12 22.92 -12.34
C ASP B 361 -13.54 21.50 -12.67
N LEU B 362 -12.58 20.58 -12.87
CA LEU B 362 -12.92 19.18 -13.13
C LEU B 362 -13.63 18.54 -11.93
N PHE B 363 -13.25 18.92 -10.71
CA PHE B 363 -13.90 18.43 -9.50
C PHE B 363 -15.30 19.03 -9.38
N ASN B 364 -15.44 20.32 -9.68
CA ASN B 364 -16.70 21.04 -9.61
C ASN B 364 -17.76 20.59 -10.60
N LEU B 365 -17.35 20.32 -11.84
CA LEU B 365 -18.28 19.85 -12.87
C LEU B 365 -18.81 18.46 -12.57
N SER B 366 -18.01 17.64 -11.85
CA SER B 366 -18.42 16.31 -11.40
C SER B 366 -19.59 16.40 -10.39
N THR B 367 -19.70 17.52 -9.66
CA THR B 367 -20.71 17.79 -8.65
C THR B 367 -21.81 18.72 -9.17
N TYR B 368 -22.48 18.34 -10.26
CA TYR B 368 -23.59 19.11 -10.85
C TYR B 368 -24.80 18.20 -10.98
N LEU B 369 -25.78 18.39 -10.10
CA LEU B 369 -26.98 17.57 -10.06
C LEU B 369 -27.93 17.81 -11.26
N ILE B 370 -27.64 17.14 -12.40
CA ILE B 370 -28.44 17.20 -13.62
C ILE B 370 -28.97 15.81 -13.92
N PRO B 371 -30.30 15.64 -14.05
CA PRO B 371 -30.83 14.31 -14.34
C PRO B 371 -30.42 13.83 -15.73
N ARG B 372 -29.98 12.57 -15.86
CA ARG B 372 -29.54 11.99 -17.13
C ARG B 372 -30.58 12.10 -18.25
N HIS B 373 -31.88 12.19 -17.90
CA HIS B 373 -32.92 12.31 -18.90
C HIS B 373 -32.98 13.75 -19.51
N TRP B 374 -32.34 14.75 -18.87
CA TRP B 374 -32.26 16.11 -19.39
C TRP B 374 -31.04 16.33 -20.29
N ILE B 375 -30.09 15.37 -20.35
CA ILE B 375 -28.90 15.50 -21.19
C ILE B 375 -29.35 15.43 -22.63
N PRO B 376 -28.98 16.43 -23.45
CA PRO B 376 -29.41 16.42 -24.86
C PRO B 376 -29.09 15.11 -25.58
N LYS B 377 -30.10 14.52 -26.21
CA LYS B 377 -29.92 13.25 -26.90
C LYS B 377 -29.22 13.42 -28.23
N MET B 378 -28.47 12.41 -28.64
CA MET B 378 -27.71 12.46 -29.87
C MET B 378 -28.22 11.47 -30.92
N ASN B 379 -28.37 11.94 -32.16
CA ASN B 379 -28.79 11.16 -33.32
C ASN B 379 -27.55 10.63 -34.05
N PRO B 380 -27.38 9.30 -34.15
CA PRO B 380 -26.20 8.75 -34.86
C PRO B 380 -26.19 9.04 -36.36
N THR B 381 -27.37 9.23 -36.96
CA THR B 381 -27.49 9.53 -38.38
C THR B 381 -26.90 10.92 -38.69
N ILE B 382 -27.00 11.88 -37.74
CA ILE B 382 -26.48 13.22 -37.97
C ILE B 382 -25.12 13.47 -37.31
N HIS B 383 -25.00 13.13 -36.02
CA HIS B 383 -23.81 13.35 -35.21
C HIS B 383 -22.76 12.26 -35.36
N LYS B 384 -22.09 12.22 -36.51
CA LYS B 384 -21.04 11.24 -36.76
C LYS B 384 -19.76 11.48 -35.95
N PHE B 385 -19.59 12.70 -35.39
CA PHE B 385 -18.43 13.11 -34.59
C PHE B 385 -18.24 12.31 -33.31
N LEU B 386 -19.34 11.81 -32.74
CA LEU B 386 -19.32 11.05 -31.52
C LEU B 386 -18.63 9.69 -31.70
N TYR B 387 -18.68 9.11 -32.89
CA TYR B 387 -18.06 7.82 -33.16
C TYR B 387 -17.01 7.84 -34.29
N THR B 388 -16.63 9.03 -34.78
CA THR B 388 -15.61 9.11 -35.82
C THR B 388 -14.42 9.92 -35.29
N ALA B 389 -13.25 9.29 -35.26
CA ALA B 389 -12.01 9.91 -34.76
C ALA B 389 -11.29 10.74 -35.83
N GLU B 390 -10.40 11.64 -35.40
CA GLU B 390 -9.65 12.50 -36.30
C GLU B 390 -8.14 12.34 -36.12
N TYR B 391 -7.36 12.63 -37.18
CA TYR B 391 -5.90 12.59 -37.12
C TYR B 391 -5.43 14.03 -37.47
N LEU C 37 24.05 25.27 4.90
CA LEU C 37 24.16 24.28 3.83
C LEU C 37 23.00 24.37 2.81
N ILE C 38 23.32 24.11 1.53
CA ILE C 38 22.35 24.11 0.43
C ILE C 38 21.81 22.70 0.28
N TYR C 39 20.49 22.57 0.16
CA TYR C 39 19.79 21.29 0.03
C TYR C 39 20.43 20.34 -1.02
N GLY C 40 20.64 20.81 -2.25
CA GLY C 40 21.23 20.01 -3.31
C GLY C 40 22.68 19.63 -3.08
N ASN C 41 23.42 20.47 -2.35
CA ASN C 41 24.81 20.20 -2.01
C ASN C 41 24.88 19.14 -0.91
N TYR C 42 23.94 19.18 0.07
CA TYR C 42 23.83 18.23 1.17
C TYR C 42 23.53 16.84 0.64
N LEU C 43 22.59 16.75 -0.31
CA LEU C 43 22.22 15.49 -0.94
C LEU C 43 23.11 15.07 -2.09
N HIS C 44 24.05 15.94 -2.51
CA HIS C 44 24.93 15.70 -3.65
C HIS C 44 24.15 15.40 -4.91
N LEU C 45 23.10 16.21 -5.12
CA LEU C 45 22.21 16.13 -6.26
C LEU C 45 22.92 16.34 -7.59
N GLU C 46 24.13 16.91 -7.58
CA GLU C 46 24.95 17.05 -8.79
C GLU C 46 25.45 15.66 -9.28
N LYS C 47 25.49 14.65 -8.41
CA LYS C 47 25.90 13.32 -8.78
C LYS C 47 24.61 12.53 -9.04
N VAL C 48 23.67 12.55 -8.08
CA VAL C 48 22.40 11.82 -8.12
C VAL C 48 21.51 12.19 -9.32
N LEU C 49 21.26 13.49 -9.52
CA LEU C 49 20.39 13.96 -10.60
C LEU C 49 21.10 14.16 -11.94
N ASN C 50 22.39 13.78 -12.06
CA ASN C 50 23.11 13.88 -13.33
C ASN C 50 23.74 12.52 -13.67
N ALA C 51 23.01 11.44 -13.45
CA ALA C 51 23.48 10.08 -13.69
C ALA C 51 22.50 9.25 -14.53
N GLN C 52 21.66 9.93 -15.31
CA GLN C 52 20.65 9.27 -16.13
C GLN C 52 21.05 9.44 -17.58
N GLU C 53 21.84 8.51 -18.09
CA GLU C 53 22.29 8.54 -19.47
C GLU C 53 21.59 7.41 -20.21
N LEU C 54 20.60 7.77 -21.04
CA LEU C 54 19.81 6.81 -21.81
C LEU C 54 20.65 6.20 -22.92
N GLN C 55 20.73 4.86 -22.93
CA GLN C 55 21.46 4.08 -23.92
C GLN C 55 20.80 4.14 -25.31
N SER C 56 19.48 4.35 -25.37
CA SER C 56 18.77 4.48 -26.64
C SER C 56 19.10 5.84 -27.27
N GLU C 57 19.10 6.90 -26.46
CA GLU C 57 19.44 8.24 -26.89
C GLU C 57 20.91 8.34 -27.30
N THR C 58 21.79 7.58 -26.62
CA THR C 58 23.21 7.52 -26.89
C THR C 58 23.48 6.74 -28.19
N LYS C 59 22.98 5.49 -28.28
CA LYS C 59 23.23 4.63 -29.44
C LYS C 59 22.29 4.82 -30.64
N GLY C 60 21.52 5.92 -30.69
CA GLY C 60 20.60 6.14 -31.81
C GLY C 60 19.39 7.01 -31.52
N ASN C 61 18.18 6.40 -31.41
CA ASN C 61 16.97 7.18 -31.14
C ASN C 61 16.42 6.97 -29.73
N LYS C 62 16.12 8.07 -29.06
CA LYS C 62 15.63 8.08 -27.69
C LYS C 62 14.31 7.33 -27.54
N ILE C 63 14.23 6.43 -26.55
CA ILE C 63 13.03 5.67 -26.18
C ILE C 63 12.60 6.16 -24.81
N HIS C 64 11.53 6.94 -24.74
CA HIS C 64 10.98 7.57 -23.53
C HIS C 64 10.93 6.66 -22.27
N ASP C 65 10.43 5.41 -22.40
CA ASP C 65 10.31 4.53 -21.23
C ASP C 65 11.65 4.12 -20.62
N GLU C 66 12.76 4.23 -21.39
CA GLU C 66 14.07 3.87 -20.83
C GLU C 66 14.45 4.74 -19.62
N HIS C 67 13.90 5.96 -19.51
CA HIS C 67 14.20 6.80 -18.34
C HIS C 67 13.56 6.20 -17.09
N LEU C 68 12.34 5.62 -17.22
CA LEU C 68 11.67 4.96 -16.11
C LEU C 68 12.47 3.76 -15.62
N PHE C 69 13.02 2.99 -16.57
CA PHE C 69 13.84 1.82 -16.33
C PHE C 69 15.10 2.22 -15.54
N ILE C 70 15.80 3.26 -15.96
CA ILE C 70 16.98 3.75 -15.25
C ILE C 70 16.66 4.28 -13.84
N ILE C 71 15.66 5.18 -13.69
CA ILE C 71 15.32 5.71 -12.36
C ILE C 71 14.84 4.60 -11.40
N THR C 72 14.02 3.64 -11.86
CA THR C 72 13.53 2.57 -11.00
C THR C 72 14.68 1.74 -10.44
N HIS C 73 15.66 1.42 -11.29
CA HIS C 73 16.81 0.66 -10.84
C HIS C 73 17.68 1.48 -9.90
N GLN C 74 17.84 2.77 -10.16
CA GLN C 74 18.63 3.64 -9.27
C GLN C 74 17.95 3.75 -7.89
N ALA C 75 16.61 3.80 -7.86
CA ALA C 75 15.83 3.88 -6.61
C ALA C 75 15.98 2.60 -5.81
N TYR C 76 15.99 1.43 -6.47
CA TYR C 76 16.20 0.14 -5.83
C TYR C 76 17.58 0.10 -5.22
N GLU C 77 18.61 0.55 -5.97
CA GLU C 77 19.99 0.54 -5.50
C GLU C 77 20.22 1.50 -4.33
N LEU C 78 19.49 2.63 -4.30
CA LEU C 78 19.59 3.54 -3.15
C LEU C 78 19.04 2.84 -1.89
N TRP C 79 17.96 2.09 -2.03
CA TRP C 79 17.37 1.37 -0.90
C TRP C 79 18.16 0.15 -0.51
N PHE C 80 18.87 -0.50 -1.47
CA PHE C 80 19.76 -1.63 -1.19
C PHE C 80 20.91 -1.11 -0.34
N LYS C 81 21.46 0.09 -0.67
CA LYS C 81 22.53 0.70 0.12
C LYS C 81 22.06 0.97 1.53
N GLN C 82 20.80 1.43 1.69
CA GLN C 82 20.24 1.66 3.01
C GLN C 82 20.06 0.36 3.77
N ILE C 83 19.53 -0.70 3.12
CA ILE C 83 19.36 -2.00 3.77
C ILE C 83 20.72 -2.56 4.25
N LEU C 84 21.79 -2.32 3.47
CA LEU C 84 23.12 -2.77 3.85
C LEU C 84 23.65 -1.95 5.01
N TRP C 85 23.33 -0.64 5.06
CA TRP C 85 23.71 0.28 6.12
C TRP C 85 23.11 -0.20 7.43
N GLU C 86 21.82 -0.55 7.42
CA GLU C 86 21.13 -1.02 8.62
C GLU C 86 21.58 -2.40 9.02
N LEU C 87 21.75 -3.29 8.05
CA LEU C 87 22.20 -4.66 8.29
C LEU C 87 23.61 -4.72 8.87
N ASP C 88 24.56 -3.98 8.30
CA ASP C 88 25.94 -3.96 8.81
C ASP C 88 26.02 -3.41 10.23
N SER C 89 25.20 -2.38 10.54
CA SER C 89 25.20 -1.78 11.87
C SER C 89 24.68 -2.76 12.93
N VAL C 90 23.64 -3.54 12.56
CA VAL C 90 23.08 -4.57 13.44
C VAL C 90 24.10 -5.70 13.61
N ARG C 91 24.74 -6.11 12.51
CA ARG C 91 25.78 -7.13 12.53
C ARG C 91 26.93 -6.72 13.42
N GLU C 92 27.34 -5.43 13.36
CA GLU C 92 28.43 -4.90 14.19
C GLU C 92 28.07 -5.01 15.66
N ILE C 93 26.84 -4.60 16.06
CA ILE C 93 26.35 -4.71 17.45
C ILE C 93 26.50 -6.14 18.02
N PHE C 94 26.20 -7.16 17.21
CA PHE C 94 26.35 -8.55 17.63
C PHE C 94 27.84 -8.95 17.69
N GLN C 95 28.55 -8.84 16.56
CA GLN C 95 29.95 -9.19 16.39
C GLN C 95 30.90 -8.53 17.39
N ASN C 96 30.73 -7.22 17.69
CA ASN C 96 31.61 -6.56 18.65
C ASN C 96 31.20 -6.75 20.13
N GLY C 97 30.11 -7.47 20.38
CA GLY C 97 29.66 -7.79 21.73
C GLY C 97 28.74 -6.80 22.42
N HIS C 98 28.33 -5.73 21.73
CA HIS C 98 27.40 -4.74 22.31
C HIS C 98 26.04 -5.31 22.60
N VAL C 99 25.64 -6.37 21.88
CA VAL C 99 24.37 -7.06 22.06
C VAL C 99 24.24 -7.69 23.45
N ARG C 100 25.37 -7.92 24.15
CA ARG C 100 25.45 -8.45 25.50
C ARG C 100 24.88 -7.42 26.46
N ASP C 101 25.17 -6.11 26.25
CA ASP C 101 24.55 -5.04 27.02
C ASP C 101 23.14 -4.96 26.43
N GLU C 102 22.14 -5.32 27.23
CA GLU C 102 20.76 -5.40 26.74
C GLU C 102 20.08 -4.05 26.52
N ARG C 103 20.77 -2.93 26.78
CA ARG C 103 20.24 -1.62 26.48
C ARG C 103 20.13 -1.42 24.93
N ASN C 104 20.92 -2.17 24.16
CA ASN C 104 20.96 -2.12 22.70
C ASN C 104 19.95 -3.03 22.01
N MET C 105 19.01 -3.63 22.76
CA MET C 105 18.02 -4.50 22.14
C MET C 105 16.98 -3.70 21.36
N LEU C 106 16.63 -2.50 21.87
CA LEU C 106 15.66 -1.60 21.21
C LEU C 106 16.19 -1.16 19.84
N LYS C 107 17.48 -0.85 19.78
CA LYS C 107 18.17 -0.39 18.58
C LYS C 107 18.32 -1.51 17.56
N VAL C 108 18.50 -2.77 18.00
CA VAL C 108 18.64 -3.89 17.06
C VAL C 108 17.28 -4.20 16.44
N VAL C 109 16.25 -4.35 17.29
CA VAL C 109 14.88 -4.63 16.87
C VAL C 109 14.30 -3.51 16.02
N SER C 110 14.59 -2.27 16.37
CA SER C 110 14.12 -1.10 15.64
C SER C 110 14.69 -1.11 14.22
N ARG C 111 16.00 -1.34 14.09
CA ARG C 111 16.67 -1.36 12.82
C ARG C 111 16.28 -2.55 11.97
N MET C 112 16.01 -3.71 12.59
CA MET C 112 15.53 -4.86 11.82
C MET C 112 14.12 -4.60 11.28
N HIS C 113 13.31 -3.86 12.04
CA HIS C 113 11.97 -3.47 11.64
C HIS C 113 12.03 -2.51 10.47
N ARG C 114 12.99 -1.57 10.51
CA ARG C 114 13.21 -0.62 9.45
C ARG C 114 13.56 -1.33 8.11
N VAL C 115 14.39 -2.36 8.16
CA VAL C 115 14.77 -3.15 6.98
C VAL C 115 13.52 -3.73 6.33
N SER C 116 12.59 -4.25 7.15
CA SER C 116 11.35 -4.83 6.63
C SER C 116 10.47 -3.74 6.05
N VAL C 117 10.44 -2.54 6.69
CA VAL C 117 9.65 -1.42 6.16
C VAL C 117 10.19 -0.97 4.78
N ILE C 118 11.51 -0.96 4.60
CA ILE C 118 12.11 -0.61 3.30
C ILE C 118 11.77 -1.71 2.30
N LEU C 119 11.92 -2.97 2.69
CA LEU C 119 11.58 -4.10 1.83
C LEU C 119 10.13 -4.09 1.41
N LYS C 120 9.21 -3.67 2.30
CA LYS C 120 7.78 -3.57 1.95
C LYS C 120 7.61 -2.53 0.82
N LEU C 121 8.33 -1.40 0.90
CA LEU C 121 8.27 -0.36 -0.14
C LEU C 121 8.89 -0.85 -1.47
N LEU C 122 9.93 -1.70 -1.40
CA LEU C 122 10.55 -2.23 -2.60
C LEU C 122 9.65 -3.25 -3.32
N VAL C 123 8.79 -3.94 -2.57
CA VAL C 123 7.79 -4.85 -3.13
C VAL C 123 6.73 -4.00 -3.85
N GLN C 124 6.34 -2.85 -3.26
CA GLN C 124 5.39 -1.92 -3.86
C GLN C 124 5.98 -1.23 -5.10
N GLN C 125 7.30 -1.02 -5.11
CA GLN C 125 8.00 -0.35 -6.21
C GLN C 125 7.92 -1.12 -7.53
N PHE C 126 7.49 -2.40 -7.51
CA PHE C 126 7.29 -3.20 -8.74
C PHE C 126 6.12 -2.67 -9.56
N SER C 127 5.15 -2.02 -8.91
CA SER C 127 3.99 -1.45 -9.59
C SER C 127 4.36 -0.39 -10.62
N ILE C 128 5.54 0.25 -10.45
CA ILE C 128 6.02 1.28 -11.36
C ILE C 128 6.51 0.65 -12.65
N LEU C 129 7.24 -0.47 -12.56
CA LEU C 129 7.68 -1.22 -13.74
C LEU C 129 6.48 -1.78 -14.51
N GLU C 130 5.41 -2.13 -13.80
CA GLU C 130 4.18 -2.60 -14.41
C GLU C 130 3.57 -1.56 -15.34
N THR C 131 3.79 -0.25 -15.09
CA THR C 131 3.30 0.81 -15.98
C THR C 131 4.04 0.85 -17.35
N MET C 132 5.14 0.12 -17.49
CA MET C 132 5.86 0.03 -18.74
C MET C 132 5.43 -1.25 -19.44
N THR C 133 4.66 -1.14 -20.53
CA THR C 133 4.18 -2.35 -21.23
C THR C 133 5.36 -3.16 -21.81
N ALA C 134 5.14 -4.46 -22.04
CA ALA C 134 6.16 -5.32 -22.64
C ALA C 134 6.53 -4.84 -24.04
N LEU C 135 5.53 -4.35 -24.79
CA LEU C 135 5.70 -3.84 -26.13
C LEU C 135 6.60 -2.61 -26.16
N ASP C 136 6.48 -1.74 -25.15
CA ASP C 136 7.34 -0.55 -25.06
C ASP C 136 8.76 -0.95 -24.68
N PHE C 137 8.91 -1.98 -23.84
CA PHE C 137 10.23 -2.46 -23.44
C PHE C 137 11.03 -2.94 -24.67
N ASN C 138 10.39 -3.68 -25.59
CA ASN C 138 11.03 -4.19 -26.81
C ASN C 138 11.56 -3.07 -27.74
N ASP C 139 11.14 -1.81 -27.51
CA ASP C 139 11.61 -0.67 -28.29
C ASP C 139 13.03 -0.30 -27.86
N PHE C 140 13.34 -0.39 -26.54
CA PHE C 140 14.70 -0.10 -26.07
C PHE C 140 15.49 -1.37 -25.67
N ARG C 141 14.87 -2.56 -25.79
CA ARG C 141 15.45 -3.86 -25.47
C ARG C 141 16.75 -4.15 -26.24
N GLU C 142 16.83 -3.71 -27.52
CA GLU C 142 18.00 -3.89 -28.38
C GLU C 142 19.28 -3.20 -27.87
N TYR C 143 19.16 -2.08 -27.16
CA TYR C 143 20.33 -1.35 -26.64
C TYR C 143 20.82 -1.89 -25.28
N LEU C 144 20.19 -2.97 -24.73
CA LEU C 144 20.52 -3.55 -23.43
C LEU C 144 21.17 -4.95 -23.52
N SER C 145 21.74 -5.30 -24.69
CA SER C 145 22.34 -6.62 -24.91
C SER C 145 21.38 -7.78 -24.54
N GLY C 149 21.75 -10.74 -17.93
CA GLY C 149 23.18 -10.45 -18.13
C GLY C 149 23.77 -9.50 -17.10
N PHE C 150 22.93 -8.64 -16.56
CA PHE C 150 23.31 -7.70 -15.52
C PHE C 150 23.13 -8.42 -14.18
N GLN C 151 23.86 -8.00 -13.16
CA GLN C 151 23.75 -8.59 -11.83
C GLN C 151 23.99 -7.49 -10.79
N SER C 152 23.14 -7.44 -9.75
CA SER C 152 23.28 -6.40 -8.73
C SER C 152 24.28 -6.85 -7.68
N LEU C 153 25.35 -6.08 -7.51
CA LEU C 153 26.37 -6.42 -6.53
C LEU C 153 25.79 -6.23 -5.14
N GLN C 154 25.10 -5.10 -4.90
CA GLN C 154 24.46 -4.80 -3.61
C GLN C 154 23.43 -5.84 -3.21
N PHE C 155 22.64 -6.37 -4.15
CA PHE C 155 21.66 -7.41 -3.81
C PHE C 155 22.38 -8.67 -3.37
N ARG C 156 23.46 -9.03 -4.06
CA ARG C 156 24.26 -10.19 -3.72
C ARG C 156 24.94 -10.00 -2.36
N LEU C 157 25.45 -8.79 -2.06
CA LEU C 157 26.08 -8.46 -0.78
C LEU C 157 25.06 -8.60 0.35
N LEU C 158 23.83 -8.16 0.11
CA LEU C 158 22.72 -8.23 1.07
C LEU C 158 22.36 -9.68 1.37
N GLU C 159 22.24 -10.52 0.33
CA GLU C 159 21.91 -11.93 0.51
C GLU C 159 23.03 -12.63 1.33
N ASN C 160 24.30 -12.31 1.01
CA ASN C 160 25.45 -12.91 1.68
C ASN C 160 25.53 -12.51 3.14
N LYS C 161 25.25 -11.22 3.44
CA LYS C 161 25.31 -10.68 4.79
C LYS C 161 24.22 -11.19 5.70
N ILE C 162 23.04 -11.52 5.16
CA ILE C 162 21.96 -12.10 5.97
C ILE C 162 22.31 -13.56 6.29
N GLY C 163 22.81 -14.29 5.31
CA GLY C 163 23.17 -15.69 5.49
C GLY C 163 22.53 -16.60 4.46
N VAL C 164 22.20 -16.07 3.27
CA VAL C 164 21.61 -16.88 2.21
C VAL C 164 22.73 -17.79 1.67
N LEU C 165 22.50 -19.12 1.65
CA LEU C 165 23.49 -20.11 1.17
C LEU C 165 23.92 -19.86 -0.29
N GLU C 184 38.01 -5.17 -7.50
CA GLU C 184 37.65 -4.24 -6.44
C GLU C 184 36.24 -4.54 -5.94
N GLU C 185 35.31 -4.80 -6.88
CA GLU C 185 33.94 -5.19 -6.53
C GLU C 185 33.95 -6.64 -6.04
N ASN C 186 34.86 -7.49 -6.57
CA ASN C 186 35.02 -8.87 -6.14
C ASN C 186 35.64 -8.96 -4.73
N GLU C 187 36.41 -7.94 -4.32
CA GLU C 187 37.00 -7.91 -2.99
C GLU C 187 35.86 -7.73 -1.97
N LEU C 188 34.88 -6.86 -2.28
CA LEU C 188 33.70 -6.63 -1.44
C LEU C 188 32.85 -7.89 -1.34
N LEU C 189 32.75 -8.65 -2.45
CA LEU C 189 31.98 -9.87 -2.47
C LEU C 189 32.66 -10.95 -1.65
N LEU C 190 34.00 -11.03 -1.73
CA LEU C 190 34.81 -12.00 -0.98
C LEU C 190 34.68 -11.72 0.53
N LYS C 191 34.62 -10.44 0.93
CA LYS C 191 34.44 -10.09 2.33
C LYS C 191 33.04 -10.50 2.83
N SER C 192 31.96 -10.27 2.03
CA SER C 192 30.59 -10.64 2.41
C SER C 192 30.42 -12.16 2.58
N GLU C 193 31.15 -12.94 1.80
CA GLU C 193 31.09 -14.39 1.88
C GLU C 193 31.89 -14.93 3.07
N GLN C 194 33.03 -14.27 3.40
CA GLN C 194 33.92 -14.68 4.47
C GLN C 194 33.49 -14.21 5.86
N GLU C 195 33.14 -12.92 6.02
CA GLU C 195 32.72 -12.32 7.30
C GLU C 195 31.47 -13.01 7.91
N LYS C 196 31.25 -12.82 9.21
CA LYS C 196 30.12 -13.43 9.93
C LYS C 196 28.76 -12.94 9.46
N THR C 197 27.89 -13.86 9.05
CA THR C 197 26.55 -13.50 8.58
C THR C 197 25.61 -13.18 9.76
N LEU C 198 24.51 -12.48 9.48
CA LEU C 198 23.49 -12.15 10.50
C LEU C 198 22.93 -13.43 11.14
N LEU C 199 22.86 -14.54 10.38
CA LEU C 199 22.41 -15.82 10.90
C LEU C 199 23.41 -16.38 11.91
N GLU C 200 24.72 -16.40 11.58
CA GLU C 200 25.78 -16.91 12.45
C GLU C 200 25.88 -16.11 13.73
N LEU C 201 25.73 -14.78 13.63
CA LEU C 201 25.80 -13.88 14.78
C LEU C 201 24.56 -14.02 15.67
N VAL C 202 23.39 -14.29 15.07
CA VAL C 202 22.16 -14.52 15.82
C VAL C 202 22.21 -15.89 16.52
N GLU C 203 22.82 -16.90 15.85
CA GLU C 203 23.00 -18.26 16.36
C GLU C 203 23.83 -18.26 17.63
N ALA C 204 24.97 -17.53 17.63
CA ALA C 204 25.87 -17.42 18.77
C ALA C 204 25.17 -16.79 19.96
N TRP C 205 24.34 -15.78 19.71
CA TRP C 205 23.60 -15.06 20.73
C TRP C 205 22.47 -15.93 21.30
N LEU C 206 21.83 -16.73 20.44
CA LEU C 206 20.77 -17.65 20.88
C LEU C 206 21.35 -18.78 21.78
N GLU C 207 22.61 -19.17 21.52
CA GLU C 207 23.32 -20.19 22.29
C GLU C 207 23.53 -19.77 23.74
N ARG C 208 23.52 -18.46 24.03
CA ARG C 208 23.69 -17.90 25.37
C ARG C 208 22.37 -17.50 26.04
N THR C 209 21.22 -17.95 25.52
CA THR C 209 19.92 -17.60 26.08
C THR C 209 19.80 -18.09 27.52
N PRO C 210 19.39 -17.20 28.44
CA PRO C 210 19.23 -17.62 29.83
C PRO C 210 18.14 -18.69 29.99
N GLY C 211 18.35 -19.61 30.92
CA GLY C 211 17.41 -20.68 31.21
C GLY C 211 17.77 -22.04 30.61
N LEU C 212 18.77 -22.06 29.71
CA LEU C 212 19.16 -23.30 29.06
C LEU C 212 20.05 -24.17 29.95
N GLU C 213 20.90 -23.53 30.77
CA GLU C 213 21.88 -24.16 31.65
C GLU C 213 21.29 -25.33 32.46
N PRO C 214 21.85 -26.54 32.23
CA PRO C 214 21.33 -27.74 32.93
C PRO C 214 21.45 -27.67 34.46
N HIS C 215 22.47 -26.95 34.96
CA HIS C 215 22.65 -26.78 36.41
C HIS C 215 21.66 -25.78 37.05
N GLY C 216 21.06 -24.92 36.22
CA GLY C 216 20.11 -23.92 36.66
C GLY C 216 18.69 -24.27 36.32
N PHE C 217 18.07 -23.51 35.39
CA PHE C 217 16.68 -23.74 35.00
C PHE C 217 16.47 -25.07 34.27
N ASN C 218 17.45 -25.50 33.46
CA ASN C 218 17.41 -26.74 32.66
C ASN C 218 16.10 -26.86 31.88
N PHE C 219 15.86 -25.90 30.96
CA PHE C 219 14.64 -25.81 30.15
C PHE C 219 14.40 -27.09 29.35
N TRP C 220 15.42 -27.60 28.67
CA TRP C 220 15.31 -28.78 27.83
C TRP C 220 14.96 -30.05 28.60
N GLY C 221 15.47 -30.18 29.81
CA GLY C 221 15.17 -31.33 30.65
C GLY C 221 13.73 -31.32 31.13
N LYS C 222 13.30 -30.20 31.72
CA LYS C 222 11.92 -29.99 32.21
C LYS C 222 10.93 -30.19 31.04
N LEU C 223 11.17 -29.50 29.90
CA LEU C 223 10.34 -29.59 28.69
C LEU C 223 10.18 -31.04 28.21
N GLU C 224 11.28 -31.80 28.14
CA GLU C 224 11.25 -33.19 27.68
C GLU C 224 10.41 -34.06 28.59
N LYS C 225 10.55 -33.88 29.91
CA LYS C 225 9.79 -34.68 30.87
C LYS C 225 8.31 -34.37 30.78
N ASN C 226 7.97 -33.08 30.68
CA ASN C 226 6.58 -32.61 30.57
C ASN C 226 5.89 -33.08 29.29
N ILE C 227 6.63 -33.07 28.17
CA ILE C 227 6.08 -33.53 26.89
C ILE C 227 5.88 -35.04 26.93
N THR C 228 6.84 -35.78 27.51
CA THR C 228 6.75 -37.23 27.65
C THR C 228 5.57 -37.64 28.54
N ARG C 229 5.43 -37.01 29.73
CA ARG C 229 4.34 -37.31 30.65
C ARG C 229 2.98 -36.89 30.11
N GLY C 230 2.96 -35.80 29.34
CA GLY C 230 1.74 -35.30 28.73
C GLY C 230 1.26 -36.18 27.60
N LEU C 231 2.20 -36.73 26.81
CA LEU C 231 1.87 -37.63 25.70
C LEU C 231 1.40 -39.00 26.20
N GLU C 232 1.91 -39.45 27.37
CA GLU C 232 1.47 -40.71 27.97
C GLU C 232 0.02 -40.59 28.40
N GLU C 233 -0.37 -39.43 28.99
CA GLU C 233 -1.76 -39.15 29.38
C GLU C 233 -2.66 -39.19 28.15
N GLU C 234 -2.17 -38.68 27.00
CA GLU C 234 -2.90 -38.61 25.75
C GLU C 234 -3.12 -40.00 25.19
N PHE C 235 -2.08 -40.85 25.25
CA PHE C 235 -2.18 -42.21 24.77
C PHE C 235 -3.20 -42.99 25.59
N ILE C 236 -3.19 -42.81 26.92
CA ILE C 236 -4.12 -43.44 27.86
C ILE C 236 -5.56 -42.95 27.59
N ARG C 237 -5.73 -41.64 27.40
CA ARG C 237 -7.01 -41.01 27.13
C ARG C 237 -7.62 -41.49 25.82
N ILE C 238 -6.77 -41.71 24.79
CA ILE C 238 -7.23 -42.17 23.49
C ILE C 238 -7.58 -43.66 23.50
N GLN C 239 -6.71 -44.50 24.09
CA GLN C 239 -6.95 -45.95 24.17
C GLN C 239 -8.19 -46.33 25.00
N ALA C 240 -8.64 -45.42 25.88
CA ALA C 240 -9.82 -45.64 26.71
C ALA C 240 -11.09 -45.44 25.89
N LYS C 241 -11.10 -44.47 24.94
CA LYS C 241 -12.23 -44.20 24.06
C LYS C 241 -12.66 -45.47 23.31
N GLU C 242 -13.99 -45.70 23.24
CA GLU C 242 -14.55 -46.90 22.59
C GLU C 242 -14.10 -47.02 21.15
N GLU C 243 -13.91 -48.26 20.68
CA GLU C 243 -13.51 -48.56 19.31
C GLU C 243 -14.52 -47.98 18.34
N SER C 244 -14.17 -46.86 17.74
CA SER C 244 -15.04 -46.12 16.83
C SER C 244 -14.24 -45.56 15.63
N GLU C 245 -14.90 -44.86 14.71
CA GLU C 245 -14.20 -44.22 13.59
C GLU C 245 -13.36 -43.04 14.11
N GLU C 246 -13.87 -42.33 15.14
CA GLU C 246 -13.17 -41.21 15.78
C GLU C 246 -11.95 -41.73 16.54
N LYS C 247 -12.09 -42.89 17.22
CA LYS C 247 -10.99 -43.49 17.99
C LYS C 247 -9.91 -44.05 17.05
N GLU C 248 -10.32 -44.74 15.97
CA GLU C 248 -9.36 -45.29 15.00
C GLU C 248 -8.60 -44.21 14.21
N GLU C 249 -9.16 -42.98 14.13
CA GLU C 249 -8.52 -41.87 13.43
C GLU C 249 -7.63 -41.05 14.38
N GLN C 250 -8.01 -40.95 15.67
CA GLN C 250 -7.22 -40.19 16.64
C GLN C 250 -5.92 -40.90 17.04
N VAL C 251 -5.83 -42.24 16.84
CA VAL C 251 -4.58 -42.94 17.11
C VAL C 251 -3.52 -42.61 16.05
N ALA C 252 -3.94 -42.33 14.81
CA ALA C 252 -3.05 -41.94 13.73
C ALA C 252 -2.62 -40.47 13.93
N GLU C 253 -3.56 -39.61 14.34
CA GLU C 253 -3.27 -38.21 14.63
C GLU C 253 -2.33 -38.08 15.85
N PHE C 254 -2.39 -39.06 16.79
CA PHE C 254 -1.51 -39.09 17.96
C PHE C 254 -0.14 -39.63 17.58
N GLN C 255 -0.07 -40.78 16.90
CA GLN C 255 1.22 -41.36 16.50
C GLN C 255 2.05 -40.45 15.60
N LYS C 256 1.40 -39.47 14.93
CA LYS C 256 2.07 -38.50 14.07
C LYS C 256 2.54 -37.32 14.90
N GLN C 257 1.70 -36.82 15.82
CA GLN C 257 2.04 -35.69 16.69
C GLN C 257 3.15 -36.09 17.68
N LYS C 258 3.13 -37.34 18.17
CA LYS C 258 4.13 -37.86 19.13
C LYS C 258 5.50 -37.94 18.48
N GLU C 259 5.55 -38.48 17.25
CA GLU C 259 6.79 -38.62 16.49
C GLU C 259 7.40 -37.25 16.22
N VAL C 260 6.56 -36.26 15.88
CA VAL C 260 6.99 -34.89 15.62
C VAL C 260 7.51 -34.22 16.90
N LEU C 261 6.72 -34.26 17.99
CA LEU C 261 7.12 -33.65 19.27
C LEU C 261 8.38 -34.26 19.84
N LEU C 262 8.50 -35.59 19.85
CA LEU C 262 9.69 -36.25 20.39
C LEU C 262 10.94 -36.05 19.52
N SER C 263 10.75 -35.76 18.23
CA SER C 263 11.87 -35.50 17.31
C SER C 263 12.68 -34.27 17.72
N LEU C 264 12.03 -33.32 18.42
CA LEU C 264 12.66 -32.11 18.94
C LEU C 264 13.79 -32.43 19.93
N PHE C 265 13.73 -33.59 20.61
CA PHE C 265 14.78 -33.95 21.57
C PHE C 265 15.87 -34.88 20.99
N ASP C 266 15.84 -35.14 19.68
CA ASP C 266 16.82 -35.97 18.99
C ASP C 266 17.92 -35.09 18.44
N GLU C 267 18.99 -34.91 19.21
CA GLU C 267 20.11 -34.07 18.79
C GLU C 267 20.82 -34.61 17.56
N LYS C 268 20.94 -35.94 17.45
CA LYS C 268 21.60 -36.57 16.31
C LYS C 268 20.84 -36.33 15.00
N ARG C 269 19.50 -36.27 15.06
CA ARG C 269 18.68 -36.00 13.87
C ARG C 269 18.85 -34.55 13.42
N HIS C 270 18.96 -33.61 14.38
CA HIS C 270 19.16 -32.20 14.08
C HIS C 270 20.50 -31.98 13.39
N GLU C 271 21.55 -32.62 13.90
CA GLU C 271 22.91 -32.52 13.33
C GLU C 271 22.94 -33.07 11.92
N HIS C 272 22.21 -34.16 11.67
CA HIS C 272 22.12 -34.77 10.37
C HIS C 272 21.39 -33.84 9.40
N LEU C 273 20.29 -33.23 9.84
CA LEU C 273 19.51 -32.29 9.04
C LEU C 273 20.29 -31.00 8.72
N LEU C 274 21.18 -30.59 9.63
CA LEU C 274 22.02 -29.41 9.45
C LEU C 274 23.01 -29.65 8.29
N SER C 275 23.55 -30.87 8.20
CA SER C 275 24.48 -31.26 7.14
C SER C 275 23.76 -31.34 5.79
N LYS C 276 22.53 -31.85 5.78
CA LYS C 276 21.71 -31.92 4.56
C LYS C 276 21.15 -30.54 4.10
N GLY C 277 21.43 -29.48 4.86
CA GLY C 277 20.97 -28.14 4.54
C GLY C 277 19.57 -27.82 5.01
N GLU C 278 18.85 -28.82 5.60
CA GLU C 278 17.49 -28.66 6.09
C GLU C 278 17.39 -27.81 7.39
N ARG C 279 18.51 -27.63 8.11
CA ARG C 279 18.57 -26.82 9.31
C ARG C 279 19.73 -25.84 9.18
N ARG C 280 19.62 -24.67 9.83
CA ARG C 280 20.67 -23.65 9.76
C ARG C 280 21.26 -23.39 11.15
N LEU C 281 20.41 -23.34 12.16
CA LEU C 281 20.83 -23.09 13.53
C LEU C 281 21.36 -24.33 14.22
N SER C 282 22.24 -24.14 15.20
CA SER C 282 22.76 -25.24 15.99
C SER C 282 21.69 -25.72 16.97
N TYR C 283 21.88 -26.92 17.52
CA TYR C 283 20.94 -27.48 18.47
C TYR C 283 20.75 -26.59 19.71
N ARG C 284 21.83 -25.96 20.22
CA ARG C 284 21.69 -25.08 21.37
C ARG C 284 20.98 -23.78 20.99
N ALA C 285 21.27 -23.22 19.79
CA ALA C 285 20.58 -22.01 19.31
C ALA C 285 19.09 -22.29 19.11
N LEU C 286 18.75 -23.51 18.68
CA LEU C 286 17.37 -23.93 18.50
C LEU C 286 16.66 -23.92 19.85
N GLN C 287 17.33 -24.38 20.92
CA GLN C 287 16.76 -24.38 22.27
C GLN C 287 16.56 -22.96 22.82
N GLY C 288 17.53 -22.08 22.55
CA GLY C 288 17.46 -20.70 23.00
C GLY C 288 16.30 -19.95 22.35
N ALA C 289 16.07 -20.24 21.06
CA ALA C 289 14.98 -19.62 20.31
C ALA C 289 13.63 -20.10 20.84
N LEU C 290 13.52 -21.41 21.13
CA LEU C 290 12.29 -21.99 21.68
C LEU C 290 11.99 -21.50 23.11
N MET C 291 13.06 -21.17 23.88
CA MET C 291 12.98 -20.61 25.22
C MET C 291 12.39 -19.20 25.09
N ILE C 292 12.88 -18.41 24.15
CA ILE C 292 12.37 -17.07 23.90
C ILE C 292 10.89 -17.12 23.49
N TYR C 293 10.50 -18.12 22.69
CA TYR C 293 9.13 -18.33 22.23
C TYR C 293 8.12 -18.57 23.33
N PHE C 294 8.36 -19.57 24.18
CA PHE C 294 7.45 -19.95 25.24
C PHE C 294 7.40 -18.96 26.37
N TYR C 295 8.52 -18.29 26.66
CA TYR C 295 8.56 -17.32 27.74
C TYR C 295 8.61 -15.88 27.23
N ARG C 296 8.01 -15.64 26.05
CA ARG C 296 8.00 -14.33 25.40
C ARG C 296 7.32 -13.24 26.22
N GLU C 297 6.39 -13.60 27.09
CA GLU C 297 5.72 -12.64 27.95
C GLU C 297 6.63 -12.20 29.10
N GLU C 298 7.64 -13.01 29.50
CA GLU C 298 8.54 -12.65 30.58
C GLU C 298 9.39 -11.48 30.16
N PRO C 299 9.45 -10.42 30.98
CA PRO C 299 10.18 -9.20 30.57
C PRO C 299 11.49 -9.38 29.77
N ARG C 300 12.43 -10.21 30.23
CA ARG C 300 13.71 -10.39 29.53
C ARG C 300 13.59 -10.91 28.13
N PHE C 301 12.47 -11.53 27.77
CA PHE C 301 12.28 -12.11 26.45
C PHE C 301 11.29 -11.35 25.56
N GLN C 302 10.68 -10.26 26.03
CA GLN C 302 9.75 -9.49 25.21
C GLN C 302 10.45 -8.89 24.00
N VAL C 303 11.50 -8.08 24.19
CA VAL C 303 12.22 -7.49 23.05
C VAL C 303 12.95 -8.57 22.22
N PRO C 304 13.67 -9.57 22.81
CA PRO C 304 14.25 -10.65 21.97
C PRO C 304 13.21 -11.41 21.14
N PHE C 305 11.95 -11.52 21.61
CA PHE C 305 10.90 -12.18 20.83
C PHE C 305 10.59 -11.36 19.58
N GLN C 306 10.55 -10.02 19.73
CA GLN C 306 10.32 -9.08 18.63
C GLN C 306 11.43 -9.20 17.60
N LEU C 307 12.70 -9.50 18.03
CA LEU C 307 13.86 -9.70 17.16
C LEU C 307 13.68 -10.97 16.33
N LEU C 308 13.21 -12.08 16.95
CA LEU C 308 12.97 -13.31 16.20
C LEU C 308 11.86 -13.13 15.18
N THR C 309 10.84 -12.33 15.55
CA THR C 309 9.72 -12.00 14.67
C THR C 309 10.23 -11.19 13.47
N SER C 310 11.09 -10.15 13.70
CA SER C 310 11.68 -9.29 12.67
C SER C 310 12.49 -10.05 11.66
N LEU C 311 13.26 -11.03 12.14
CA LEU C 311 14.13 -11.91 11.38
C LEU C 311 13.28 -12.78 10.44
N MET C 312 12.13 -13.29 10.94
CA MET C 312 11.20 -14.07 10.12
C MET C 312 10.53 -13.17 9.10
N ASP C 313 10.15 -11.93 9.51
CA ASP C 313 9.52 -10.95 8.64
C ASP C 313 10.42 -10.63 7.45
N ILE C 314 11.71 -10.44 7.71
CA ILE C 314 12.71 -10.17 6.68
C ILE C 314 12.80 -11.33 5.67
N ASP C 315 12.65 -12.56 6.15
CA ASP C 315 12.65 -13.75 5.29
C ASP C 315 11.40 -13.81 4.43
N SER C 316 10.22 -13.49 5.01
CA SER C 316 8.94 -13.50 4.30
C SER C 316 8.96 -12.44 3.20
N LEU C 317 9.46 -11.23 3.53
CA LEU C 317 9.56 -10.10 2.60
C LEU C 317 10.62 -10.30 1.54
N MET C 318 11.78 -10.91 1.85
CA MET C 318 12.80 -11.17 0.82
C MET C 318 12.23 -12.18 -0.20
N THR C 319 11.47 -13.17 0.27
CA THR C 319 10.87 -14.20 -0.57
C THR C 319 9.75 -13.60 -1.46
N LYS C 320 8.96 -12.72 -0.87
CA LYS C 320 7.89 -12.03 -1.57
C LYS C 320 8.50 -11.09 -2.63
N TRP C 321 9.66 -10.47 -2.33
CA TRP C 321 10.36 -9.60 -3.25
C TRP C 321 10.89 -10.47 -4.38
N ARG C 322 11.51 -11.62 -4.07
CA ARG C 322 12.06 -12.57 -5.05
C ARG C 322 10.99 -13.07 -5.97
N TYR C 323 9.79 -13.34 -5.43
CA TYR C 323 8.64 -13.80 -6.21
C TYR C 323 8.25 -12.72 -7.23
N ASN C 324 8.08 -11.46 -6.76
CA ASN C 324 7.72 -10.31 -7.59
C ASN C 324 8.76 -10.07 -8.68
N HIS C 325 10.05 -10.25 -8.34
CA HIS C 325 11.15 -10.07 -9.25
C HIS C 325 11.08 -11.08 -10.37
N VAL C 326 10.94 -12.38 -10.05
CA VAL C 326 10.85 -13.44 -11.05
C VAL C 326 9.71 -13.20 -12.02
N CYS C 327 8.55 -12.78 -11.49
CA CYS C 327 7.40 -12.47 -12.32
C CYS C 327 7.71 -11.31 -13.28
N MET C 328 8.35 -10.24 -12.80
CA MET C 328 8.69 -9.10 -13.64
C MET C 328 9.74 -9.43 -14.67
N VAL C 329 10.66 -10.33 -14.35
CA VAL C 329 11.68 -10.77 -15.29
C VAL C 329 11.01 -11.61 -16.38
N HIS C 330 10.16 -12.56 -15.99
CA HIS C 330 9.44 -13.39 -16.96
C HIS C 330 8.48 -12.54 -17.82
N ARG C 331 7.97 -11.43 -17.28
CA ARG C 331 7.05 -10.54 -17.98
C ARG C 331 7.76 -9.68 -19.05
N MET C 332 9.00 -9.25 -18.79
N MET C 332 8.99 -9.24 -18.75
CA MET C 332 9.73 -8.42 -19.74
CA MET C 332 9.80 -8.41 -19.63
C MET C 332 10.60 -9.23 -20.71
C MET C 332 10.57 -9.23 -20.67
N LEU C 333 11.19 -10.33 -20.24
CA LEU C 333 12.04 -11.16 -21.10
C LEU C 333 11.42 -12.49 -21.54
N GLY C 334 10.07 -12.55 -21.55
CA GLY C 334 9.33 -13.73 -21.99
C GLY C 334 9.52 -14.98 -21.16
N ASP C 354 11.10 -22.91 1.29
CA ASP C 354 11.98 -22.90 2.47
C ASP C 354 13.49 -22.89 2.13
N ARG C 355 13.86 -22.93 0.84
CA ARG C 355 15.27 -22.95 0.47
C ARG C 355 15.96 -21.62 0.81
N TYR C 356 15.50 -20.49 0.22
CA TYR C 356 16.11 -19.18 0.47
C TYR C 356 15.78 -18.59 1.85
N LYS C 357 15.07 -19.35 2.71
CA LYS C 357 14.74 -18.89 4.06
C LYS C 357 15.89 -19.21 5.03
N VAL C 358 16.65 -18.18 5.42
CA VAL C 358 17.79 -18.26 6.33
C VAL C 358 17.35 -18.68 7.74
N PHE C 359 16.22 -18.13 8.17
CA PHE C 359 15.66 -18.38 9.48
C PHE C 359 14.54 -19.41 9.44
N VAL C 360 14.74 -20.52 8.69
CA VAL C 360 13.78 -21.63 8.63
C VAL C 360 13.49 -22.19 10.02
N ASP C 361 14.51 -22.22 10.89
CA ASP C 361 14.37 -22.71 12.24
C ASP C 361 13.40 -21.87 13.04
N LEU C 362 13.42 -20.54 12.87
CA LEU C 362 12.45 -19.67 13.55
C LEU C 362 11.03 -19.95 13.06
N PHE C 363 10.85 -20.27 11.77
CA PHE C 363 9.54 -20.61 11.23
C PHE C 363 9.10 -21.98 11.73
N ASN C 364 10.04 -22.93 11.83
CA ASN C 364 9.78 -24.30 12.28
C ASN C 364 9.39 -24.37 13.76
N LEU C 365 10.05 -23.59 14.62
CA LEU C 365 9.75 -23.58 16.04
C LEU C 365 8.38 -22.96 16.32
N SER C 366 7.94 -22.03 15.46
CA SER C 366 6.61 -21.42 15.52
C SER C 366 5.49 -22.46 15.21
N THR C 367 5.83 -23.55 14.51
CA THR C 367 4.91 -24.61 14.17
C THR C 367 5.19 -25.89 15.00
N TYR C 368 5.12 -25.77 16.33
CA TYR C 368 5.28 -26.90 17.26
C TYR C 368 4.07 -26.93 18.20
N LEU C 369 3.17 -27.88 17.94
CA LEU C 369 1.93 -27.99 18.69
C LEU C 369 2.13 -28.49 20.12
N ILE C 370 2.42 -27.57 21.05
CA ILE C 370 2.62 -27.90 22.46
C ILE C 370 1.60 -27.15 23.30
N PRO C 371 0.80 -27.87 24.12
CA PRO C 371 -0.20 -27.20 24.96
C PRO C 371 0.47 -26.32 26.02
N ARG C 372 -0.06 -25.11 26.25
CA ARG C 372 0.50 -24.14 27.19
C ARG C 372 0.59 -24.67 28.63
N HIS C 373 -0.24 -25.67 28.99
CA HIS C 373 -0.15 -26.26 30.33
C HIS C 373 1.07 -27.18 30.48
N TRP C 374 1.69 -27.61 29.37
CA TRP C 374 2.91 -28.43 29.43
C TRP C 374 4.17 -27.57 29.53
N ILE C 375 4.09 -26.22 29.32
CA ILE C 375 5.26 -25.33 29.39
C ILE C 375 5.73 -25.29 30.83
N PRO C 376 7.01 -25.62 31.10
CA PRO C 376 7.50 -25.61 32.48
C PRO C 376 7.24 -24.28 33.18
N LYS C 377 6.63 -24.36 34.36
CA LYS C 377 6.28 -23.17 35.15
C LYS C 377 7.52 -22.55 35.75
N MET C 378 7.53 -21.22 35.87
CA MET C 378 8.69 -20.55 36.43
C MET C 378 8.34 -19.82 37.70
N ASN C 379 9.16 -20.00 38.75
CA ASN C 379 9.02 -19.40 40.07
C ASN C 379 9.78 -18.07 40.12
N PRO C 380 9.08 -16.94 40.40
CA PRO C 380 9.77 -15.64 40.48
C PRO C 380 10.74 -15.51 41.68
N THR C 381 10.47 -16.26 42.76
CA THR C 381 11.35 -16.26 43.93
C THR C 381 12.72 -16.85 43.60
N ILE C 382 12.80 -17.83 42.69
CA ILE C 382 14.07 -18.46 42.34
C ILE C 382 14.67 -17.98 41.03
N HIS C 383 13.85 -17.95 39.96
CA HIS C 383 14.26 -17.56 38.60
C HIS C 383 14.22 -16.05 38.36
N LYS C 384 15.15 -15.32 38.98
CA LYS C 384 15.25 -13.87 38.84
C LYS C 384 15.74 -13.43 37.45
N PHE C 385 16.30 -14.36 36.64
CA PHE C 385 16.81 -14.10 35.29
C PHE C 385 15.71 -13.68 34.30
N LEU C 386 14.48 -14.14 34.54
CA LEU C 386 13.34 -13.81 33.69
C LEU C 386 12.94 -12.34 33.75
N TYR C 387 13.21 -11.67 34.88
CA TYR C 387 12.88 -10.26 35.04
C TYR C 387 14.08 -9.38 35.43
N THR C 388 15.31 -9.90 35.34
CA THR C 388 16.50 -9.10 35.64
C THR C 388 17.39 -9.04 34.41
N ALA C 389 17.64 -7.84 33.92
CA ALA C 389 18.45 -7.57 32.74
C ALA C 389 19.94 -7.50 33.08
N GLU C 390 20.79 -7.72 32.06
CA GLU C 390 22.23 -7.68 32.23
C GLU C 390 22.86 -6.61 31.32
N TYR C 391 24.02 -6.05 31.73
CA TYR C 391 24.79 -5.07 30.96
C TYR C 391 26.19 -5.69 30.71
N LEU D 37 -33.78 7.59 5.56
CA LEU D 37 -33.17 6.29 5.87
C LEU D 37 -32.11 6.38 7.00
N ILE D 38 -32.07 5.35 7.88
CA ILE D 38 -31.09 5.27 8.97
C ILE D 38 -29.88 4.51 8.45
N TYR D 39 -28.67 5.04 8.72
CA TYR D 39 -27.40 4.45 8.28
C TYR D 39 -27.29 2.91 8.54
N GLY D 40 -27.51 2.47 9.78
CA GLY D 40 -27.43 1.07 10.15
C GLY D 40 -28.50 0.19 9.54
N ASN D 41 -29.66 0.79 9.25
CA ASN D 41 -30.75 0.07 8.62
C ASN D 41 -30.46 -0.11 7.13
N TYR D 42 -29.85 0.90 6.48
CA TYR D 42 -29.46 0.87 5.07
C TYR D 42 -28.39 -0.21 4.84
N LEU D 43 -27.40 -0.28 5.74
CA LEU D 43 -26.34 -1.28 5.65
C LEU D 43 -26.70 -2.62 6.27
N HIS D 44 -27.89 -2.73 6.91
CA HIS D 44 -28.34 -3.93 7.59
C HIS D 44 -27.33 -4.41 8.61
N LEU D 45 -26.80 -3.44 9.38
CA LEU D 45 -25.82 -3.66 10.44
C LEU D 45 -26.33 -4.58 11.53
N GLU D 46 -27.66 -4.79 11.61
CA GLU D 46 -28.23 -5.75 12.55
C GLU D 46 -27.89 -7.22 12.14
N LYS D 47 -27.55 -7.45 10.87
CA LYS D 47 -27.16 -8.77 10.39
C LYS D 47 -25.62 -8.80 10.40
N VAL D 48 -24.98 -7.79 9.78
CA VAL D 48 -23.54 -7.68 9.63
C VAL D 48 -22.77 -7.63 10.96
N LEU D 49 -23.18 -6.73 11.87
CA LEU D 49 -22.50 -6.56 13.15
C LEU D 49 -22.99 -7.49 14.27
N ASN D 50 -23.87 -8.46 13.95
CA ASN D 50 -24.35 -9.44 14.93
C ASN D 50 -24.10 -10.86 14.43
N ALA D 51 -22.99 -11.08 13.74
CA ALA D 51 -22.65 -12.38 13.16
C ALA D 51 -21.27 -12.90 13.58
N GLN D 52 -20.77 -12.40 14.71
CA GLN D 52 -19.47 -12.77 15.24
C GLN D 52 -19.67 -13.63 16.47
N GLU D 53 -19.77 -14.94 16.27
CA GLU D 53 -19.95 -15.87 17.36
C GLU D 53 -18.67 -16.67 17.49
N LEU D 54 -17.89 -16.35 18.53
CA LEU D 54 -16.62 -17.00 18.82
C LEU D 54 -16.85 -18.44 19.29
N GLN D 55 -16.25 -19.38 18.58
CA GLN D 55 -16.32 -20.80 18.89
C GLN D 55 -15.57 -21.15 20.18
N SER D 56 -14.53 -20.38 20.54
CA SER D 56 -13.79 -20.59 21.79
C SER D 56 -14.68 -20.17 22.96
N GLU D 57 -15.35 -19.03 22.84
CA GLU D 57 -16.24 -18.51 23.88
C GLU D 57 -17.48 -19.42 24.05
N THR D 58 -17.94 -20.01 22.94
CA THR D 58 -19.08 -20.90 22.93
C THR D 58 -18.73 -22.26 23.54
N LYS D 59 -17.65 -22.90 23.06
CA LYS D 59 -17.23 -24.22 23.52
C LYS D 59 -16.34 -24.23 24.76
N GLY D 60 -16.24 -23.11 25.49
CA GLY D 60 -15.40 -23.09 26.69
C GLY D 60 -14.84 -21.73 27.08
N ASN D 61 -13.52 -21.51 26.86
CA ASN D 61 -12.88 -20.25 27.23
C ASN D 61 -12.54 -19.39 26.01
N LYS D 62 -12.93 -18.12 26.09
CA LYS D 62 -12.75 -17.12 25.06
C LYS D 62 -11.28 -16.88 24.76
N ILE D 63 -10.92 -16.93 23.46
CA ILE D 63 -9.57 -16.64 22.94
C ILE D 63 -9.69 -15.38 22.11
N HIS D 64 -9.16 -14.27 22.63
CA HIS D 64 -9.21 -12.95 22.05
C HIS D 64 -8.93 -12.85 20.52
N ASP D 65 -7.87 -13.51 20.04
CA ASP D 65 -7.51 -13.43 18.62
C ASP D 65 -8.54 -14.06 17.69
N GLU D 66 -9.41 -14.94 18.19
CA GLU D 66 -10.43 -15.55 17.33
C GLU D 66 -11.40 -14.52 16.71
N HIS D 67 -11.58 -13.35 17.36
CA HIS D 67 -12.43 -12.30 16.80
C HIS D 67 -11.78 -11.72 15.53
N LEU D 68 -10.44 -11.57 15.52
CA LEU D 68 -9.71 -11.07 14.36
C LEU D 68 -9.86 -12.04 13.19
N PHE D 69 -9.78 -13.35 13.48
CA PHE D 69 -9.90 -14.44 12.52
C PHE D 69 -11.30 -14.39 11.87
N ILE D 70 -12.34 -14.27 12.68
CA ILE D 70 -13.71 -14.18 12.15
C ILE D 70 -13.93 -12.91 11.30
N ILE D 71 -13.56 -11.70 11.79
CA ILE D 71 -13.77 -10.48 11.02
C ILE D 71 -12.96 -10.49 9.72
N THR D 72 -11.70 -10.95 9.73
CA THR D 72 -10.88 -10.98 8.51
C THR D 72 -11.53 -11.83 7.42
N HIS D 73 -12.07 -12.99 7.80
CA HIS D 73 -12.73 -13.86 6.83
C HIS D 73 -14.03 -13.25 6.35
N GLN D 74 -14.79 -12.59 7.24
CA GLN D 74 -16.03 -11.92 6.83
C GLN D 74 -15.74 -10.76 5.87
N ALA D 75 -14.62 -10.04 6.07
CA ALA D 75 -14.19 -8.94 5.20
C ALA D 75 -13.80 -9.46 3.83
N TYR D 76 -13.09 -10.61 3.76
CA TYR D 76 -12.74 -11.26 2.49
C TYR D 76 -13.99 -11.66 1.74
N GLU D 77 -14.97 -12.26 2.45
CA GLU D 77 -16.20 -12.71 1.84
C GLU D 77 -17.06 -11.55 1.33
N LEU D 78 -17.03 -10.40 2.00
CA LEU D 78 -17.75 -9.22 1.50
C LEU D 78 -17.13 -8.76 0.18
N TRP D 79 -15.80 -8.78 0.09
CA TRP D 79 -15.11 -8.38 -1.13
C TRP D 79 -15.23 -9.39 -2.24
N PHE D 80 -15.34 -10.69 -1.90
CA PHE D 80 -15.56 -11.76 -2.89
C PHE D 80 -16.95 -11.54 -3.51
N LYS D 81 -17.97 -11.18 -2.68
CA LYS D 81 -19.30 -10.89 -3.19
C LYS D 81 -19.25 -9.70 -4.14
N GLN D 82 -18.43 -8.68 -3.83
CA GLN D 82 -18.31 -7.53 -4.70
C GLN D 82 -17.61 -7.91 -6.00
N ILE D 83 -16.53 -8.70 -5.95
CA ILE D 83 -15.84 -9.15 -7.16
C ILE D 83 -16.79 -9.97 -8.05
N LEU D 84 -17.67 -10.77 -7.45
CA LEU D 84 -18.63 -11.56 -8.22
C LEU D 84 -19.68 -10.65 -8.84
N TRP D 85 -20.08 -9.58 -8.12
CA TRP D 85 -21.04 -8.58 -8.58
C TRP D 85 -20.51 -7.92 -9.83
N GLU D 86 -19.23 -7.48 -9.81
CA GLU D 86 -18.60 -6.82 -10.95
C GLU D 86 -18.35 -7.78 -12.09
N LEU D 87 -17.91 -9.00 -11.78
CA LEU D 87 -17.63 -10.02 -12.77
C LEU D 87 -18.89 -10.47 -13.51
N ASP D 88 -19.99 -10.75 -12.79
CA ASP D 88 -21.25 -11.15 -13.42
C ASP D 88 -21.83 -10.05 -14.29
N SER D 89 -21.68 -8.78 -13.88
CA SER D 89 -22.18 -7.66 -14.68
C SER D 89 -21.41 -7.50 -15.98
N VAL D 90 -20.08 -7.70 -15.93
CA VAL D 90 -19.24 -7.63 -17.12
C VAL D 90 -19.57 -8.82 -18.04
N ARG D 91 -19.71 -10.02 -17.44
CA ARG D 91 -20.08 -11.23 -18.16
C ARG D 91 -21.41 -11.04 -18.87
N GLU D 92 -22.39 -10.42 -18.21
CA GLU D 92 -23.71 -10.15 -18.78
C GLU D 92 -23.60 -9.26 -20.01
N ILE D 93 -22.82 -8.15 -19.93
CA ILE D 93 -22.59 -7.24 -21.06
C ILE D 93 -22.08 -7.99 -22.32
N PHE D 94 -21.18 -8.96 -22.14
CA PHE D 94 -20.65 -9.74 -23.25
C PHE D 94 -21.73 -10.74 -23.75
N GLN D 95 -22.20 -11.62 -22.86
CA GLN D 95 -23.19 -12.67 -23.13
C GLN D 95 -24.47 -12.17 -23.79
N ASN D 96 -25.05 -11.07 -23.28
CA ASN D 96 -26.30 -10.55 -23.86
C ASN D 96 -26.10 -9.71 -25.15
N GLY D 97 -24.85 -9.49 -25.56
CA GLY D 97 -24.54 -8.77 -26.79
C GLY D 97 -24.34 -7.27 -26.68
N HIS D 98 -24.44 -6.69 -25.48
CA HIS D 98 -24.25 -5.24 -25.31
C HIS D 98 -22.83 -4.78 -25.64
N VAL D 99 -21.85 -5.67 -25.52
CA VAL D 99 -20.46 -5.38 -25.83
C VAL D 99 -20.25 -4.99 -27.31
N ARG D 100 -21.20 -5.37 -28.20
CA ARG D 100 -21.19 -5.04 -29.63
C ARG D 100 -21.37 -3.55 -29.80
N ASP D 101 -22.26 -2.93 -28.99
CA ASP D 101 -22.39 -1.46 -28.98
C ASP D 101 -21.16 -1.00 -28.20
N GLU D 102 -20.24 -0.32 -28.88
CA GLU D 102 -18.95 0.06 -28.30
C GLU D 102 -19.02 1.20 -27.28
N ARG D 103 -20.22 1.74 -27.02
CA ARG D 103 -20.40 2.74 -25.97
C ARG D 103 -20.15 2.09 -24.56
N ASN D 104 -20.31 0.76 -24.45
CA ASN D 104 -20.13 0.00 -23.23
C ASN D 104 -18.69 -0.44 -22.95
N MET D 105 -17.72 0.02 -23.74
CA MET D 105 -16.34 -0.37 -23.53
C MET D 105 -15.73 0.29 -22.29
N LEU D 106 -16.14 1.54 -22.02
CA LEU D 106 -15.67 2.30 -20.84
C LEU D 106 -16.13 1.60 -19.54
N LYS D 107 -17.37 1.12 -19.53
CA LYS D 107 -18.00 0.45 -18.42
C LYS D 107 -17.39 -0.91 -18.18
N VAL D 108 -16.98 -1.63 -19.25
CA VAL D 108 -16.37 -2.96 -19.09
C VAL D 108 -14.96 -2.82 -18.50
N VAL D 109 -14.14 -1.95 -19.11
CA VAL D 109 -12.77 -1.68 -18.70
C VAL D 109 -12.71 -1.08 -17.29
N SER D 110 -13.65 -0.19 -16.97
CA SER D 110 -13.75 0.46 -15.67
C SER D 110 -14.01 -0.58 -14.59
N ARG D 111 -14.96 -1.47 -14.82
CA ARG D 111 -15.32 -2.51 -13.89
C ARG D 111 -14.25 -3.58 -13.76
N MET D 112 -13.53 -3.89 -14.84
CA MET D 112 -12.41 -4.84 -14.74
C MET D 112 -11.26 -4.23 -13.92
N HIS D 113 -11.08 -2.91 -14.04
CA HIS D 113 -10.08 -2.19 -13.28
C HIS D 113 -10.42 -2.20 -11.79
N ARG D 114 -11.70 -2.03 -11.47
CA ARG D 114 -12.22 -2.05 -10.11
C ARG D 114 -11.94 -3.42 -9.45
N VAL D 115 -12.13 -4.52 -10.19
CA VAL D 115 -11.85 -5.88 -9.70
C VAL D 115 -10.40 -5.99 -9.27
N SER D 116 -9.48 -5.43 -10.07
CA SER D 116 -8.06 -5.47 -9.72
C SER D 116 -7.76 -4.57 -8.53
N VAL D 117 -8.45 -3.42 -8.40
CA VAL D 117 -8.26 -2.55 -7.23
C VAL D 117 -8.71 -3.28 -5.95
N ILE D 118 -9.83 -4.02 -6.00
CA ILE D 118 -10.31 -4.79 -4.86
C ILE D 118 -9.30 -5.90 -4.56
N LEU D 119 -8.85 -6.63 -5.60
CA LEU D 119 -7.85 -7.68 -5.44
C LEU D 119 -6.55 -7.17 -4.82
N LYS D 120 -6.12 -5.96 -5.17
CA LYS D 120 -4.92 -5.35 -4.57
C LYS D 120 -5.13 -5.19 -3.05
N LEU D 121 -6.33 -4.73 -2.64
CA LEU D 121 -6.62 -4.56 -1.22
C LEU D 121 -6.70 -5.93 -0.50
N LEU D 122 -7.18 -6.98 -1.18
CA LEU D 122 -7.23 -8.32 -0.58
C LEU D 122 -5.85 -8.92 -0.37
N VAL D 123 -4.88 -8.56 -1.23
CA VAL D 123 -3.50 -8.99 -1.07
C VAL D 123 -2.90 -8.27 0.14
N GLN D 124 -3.23 -6.96 0.33
CA GLN D 124 -2.80 -6.19 1.48
C GLN D 124 -3.46 -6.68 2.78
N GLN D 125 -4.69 -7.19 2.69
CA GLN D 125 -5.44 -7.67 3.83
C GLN D 125 -4.77 -8.86 4.55
N PHE D 126 -3.77 -9.50 3.92
CA PHE D 126 -3.00 -10.60 4.54
C PHE D 126 -2.16 -10.09 5.71
N SER D 127 -1.74 -8.83 5.66
CA SER D 127 -0.95 -8.21 6.73
C SER D 127 -1.66 -8.22 8.07
N ILE D 128 -3.00 -8.31 8.08
CA ILE D 128 -3.80 -8.32 9.29
C ILE D 128 -3.71 -9.67 9.97
N LEU D 129 -3.77 -10.76 9.19
CA LEU D 129 -3.58 -12.11 9.72
C LEU D 129 -2.15 -12.30 10.25
N GLU D 130 -1.18 -11.61 9.65
CA GLU D 130 0.20 -11.64 10.08
C GLU D 130 0.33 -11.12 11.52
N THR D 131 -0.55 -10.20 11.97
CA THR D 131 -0.52 -9.69 13.35
C THR D 131 -0.94 -10.76 14.38
N MET D 132 -1.46 -11.90 13.94
CA MET D 132 -1.84 -12.98 14.82
C MET D 132 -0.73 -14.01 14.81
N THR D 133 0.06 -14.11 15.90
CA THR D 133 1.17 -15.06 15.93
C THR D 133 0.70 -16.50 15.83
N ALA D 134 1.58 -17.41 15.38
CA ALA D 134 1.23 -18.83 15.26
C ALA D 134 0.88 -19.42 16.62
N LEU D 135 1.60 -19.00 17.66
CA LEU D 135 1.39 -19.46 19.03
C LEU D 135 0.02 -19.07 19.55
N ASP D 136 -0.47 -17.87 19.20
CA ASP D 136 -1.81 -17.44 19.61
C ASP D 136 -2.89 -18.22 18.87
N PHE D 137 -2.63 -18.54 17.59
CA PHE D 137 -3.58 -19.32 16.79
C PHE D 137 -3.82 -20.70 17.42
N ASN D 138 -2.75 -21.38 17.89
CA ASN D 138 -2.84 -22.71 18.52
C ASN D 138 -3.71 -22.73 19.79
N ASP D 139 -4.03 -21.54 20.35
CA ASP D 139 -4.89 -21.42 21.54
C ASP D 139 -6.36 -21.65 21.15
N PHE D 140 -6.78 -21.17 19.97
CA PHE D 140 -8.15 -21.38 19.50
C PHE D 140 -8.25 -22.43 18.36
N ARG D 141 -7.11 -22.99 17.93
CA ARG D 141 -7.00 -23.99 16.87
C ARG D 141 -7.83 -25.26 17.16
N GLU D 142 -7.91 -25.65 18.45
CA GLU D 142 -8.66 -26.82 18.94
C GLU D 142 -10.17 -26.75 18.67
N TYR D 143 -10.75 -25.53 18.69
CA TYR D 143 -12.19 -25.33 18.44
C TYR D 143 -12.55 -25.22 16.94
N LEU D 144 -11.57 -25.38 16.03
CA LEU D 144 -11.78 -25.29 14.57
C LEU D 144 -11.70 -26.66 13.89
N PHE D 150 -12.32 -26.48 5.74
CA PHE D 150 -13.17 -25.40 5.24
C PHE D 150 -12.85 -25.08 3.79
N GLN D 151 -13.86 -24.58 3.05
CA GLN D 151 -13.70 -24.22 1.63
C GLN D 151 -14.64 -23.07 1.31
N SER D 152 -14.14 -22.01 0.65
CA SER D 152 -14.94 -20.84 0.31
C SER D 152 -15.72 -21.09 -0.97
N LEU D 153 -17.05 -21.00 -0.88
CA LEU D 153 -17.91 -21.19 -2.03
C LEU D 153 -17.72 -20.03 -3.00
N GLN D 154 -17.73 -18.79 -2.48
CA GLN D 154 -17.54 -17.58 -3.30
C GLN D 154 -16.21 -17.53 -4.02
N PHE D 155 -15.13 -18.03 -3.41
CA PHE D 155 -13.84 -18.06 -4.09
C PHE D 155 -13.90 -19.04 -5.25
N ARG D 156 -14.52 -20.20 -5.02
CA ARG D 156 -14.67 -21.19 -6.07
C ARG D 156 -15.57 -20.68 -7.21
N LEU D 157 -16.65 -19.94 -6.87
CA LEU D 157 -17.53 -19.37 -7.87
C LEU D 157 -16.79 -18.35 -8.73
N LEU D 158 -15.93 -17.54 -8.11
CA LEU D 158 -15.10 -16.53 -8.76
C LEU D 158 -14.10 -17.17 -9.72
N GLU D 159 -13.40 -18.24 -9.29
CA GLU D 159 -12.45 -18.96 -10.14
C GLU D 159 -13.18 -19.55 -11.36
N ASN D 160 -14.35 -20.15 -11.13
CA ASN D 160 -15.15 -20.78 -12.18
C ASN D 160 -15.67 -19.76 -13.20
N LYS D 161 -16.11 -18.60 -12.71
CA LYS D 161 -16.66 -17.54 -13.55
C LYS D 161 -15.62 -16.84 -14.40
N ILE D 162 -14.36 -16.76 -13.94
CA ILE D 162 -13.28 -16.18 -14.74
C ILE D 162 -12.88 -17.18 -15.84
N GLY D 163 -12.79 -18.45 -15.49
CA GLY D 163 -12.42 -19.49 -16.45
C GLY D 163 -11.25 -20.34 -15.98
N VAL D 164 -11.03 -20.42 -14.66
CA VAL D 164 -9.95 -21.24 -14.12
C VAL D 164 -10.32 -22.71 -14.31
N LEU D 165 -9.47 -23.49 -15.00
CA LEU D 165 -9.69 -24.92 -15.25
C LEU D 165 -9.86 -25.73 -13.95
N GLU D 184 -28.19 -26.82 -2.46
CA GLU D 184 -28.54 -25.43 -2.77
C GLU D 184 -27.27 -24.62 -3.11
N GLU D 185 -26.20 -24.79 -2.32
CA GLU D 185 -24.91 -24.16 -2.59
C GLU D 185 -24.23 -24.89 -3.78
N ASN D 186 -24.46 -26.20 -3.91
CA ASN D 186 -23.96 -27.00 -5.01
C ASN D 186 -24.69 -26.64 -6.33
N GLU D 187 -25.94 -26.14 -6.25
CA GLU D 187 -26.66 -25.72 -7.45
C GLU D 187 -25.96 -24.48 -8.02
N LEU D 188 -25.54 -23.54 -7.16
CA LEU D 188 -24.79 -22.35 -7.55
C LEU D 188 -23.46 -22.72 -8.17
N LEU D 189 -22.81 -23.75 -7.65
CA LEU D 189 -21.53 -24.22 -8.17
C LEU D 189 -21.70 -24.88 -9.53
N LEU D 190 -22.80 -25.65 -9.71
CA LEU D 190 -23.12 -26.33 -10.97
C LEU D 190 -23.39 -25.29 -12.07
N LYS D 191 -24.06 -24.18 -11.72
CA LYS D 191 -24.30 -23.11 -12.68
C LYS D 191 -22.98 -22.42 -13.08
N SER D 192 -22.07 -22.11 -12.13
CA SER D 192 -20.78 -21.47 -12.42
C SER D 192 -19.89 -22.33 -13.34
N GLU D 193 -19.98 -23.65 -13.21
CA GLU D 193 -19.20 -24.56 -14.03
C GLU D 193 -19.80 -24.70 -15.45
N GLN D 194 -21.14 -24.64 -15.56
CA GLN D 194 -21.85 -24.78 -16.83
C GLN D 194 -21.93 -23.49 -17.66
N GLU D 195 -22.31 -22.36 -17.03
CA GLU D 195 -22.45 -21.06 -17.69
C GLU D 195 -21.15 -20.57 -18.37
N LYS D 196 -21.29 -19.62 -19.30
CA LYS D 196 -20.17 -19.05 -20.05
C LYS D 196 -19.18 -18.27 -19.19
N THR D 197 -17.92 -18.68 -19.21
CA THR D 197 -16.88 -18.02 -18.42
C THR D 197 -16.45 -16.69 -19.07
N LEU D 198 -15.81 -15.81 -18.29
CA LEU D 198 -15.28 -14.52 -18.77
C LEU D 198 -14.28 -14.77 -19.91
N LEU D 199 -13.52 -15.89 -19.85
CA LEU D 199 -12.58 -16.26 -20.91
C LEU D 199 -13.32 -16.59 -22.20
N GLU D 200 -14.37 -17.45 -22.15
CA GLU D 200 -15.14 -17.87 -23.32
C GLU D 200 -15.83 -16.69 -23.99
N LEU D 201 -16.38 -15.78 -23.17
CA LEU D 201 -17.07 -14.58 -23.64
C LEU D 201 -16.10 -13.58 -24.26
N VAL D 202 -14.87 -13.49 -23.72
CA VAL D 202 -13.83 -12.61 -24.25
C VAL D 202 -13.29 -13.21 -25.58
N GLU D 203 -13.18 -14.55 -25.65
CA GLU D 203 -12.71 -15.29 -26.83
C GLU D 203 -13.63 -15.04 -28.03
N ALA D 204 -14.95 -15.13 -27.82
CA ALA D 204 -15.95 -14.91 -28.86
C ALA D 204 -15.87 -13.50 -29.40
N TRP D 205 -15.64 -12.52 -28.52
CA TRP D 205 -15.54 -11.10 -28.86
C TRP D 205 -14.22 -10.83 -29.62
N LEU D 206 -13.13 -11.51 -29.22
CA LEU D 206 -11.84 -11.38 -29.89
C LEU D 206 -11.91 -11.95 -31.34
N GLU D 207 -12.76 -12.99 -31.55
CA GLU D 207 -12.95 -13.62 -32.85
C GLU D 207 -13.57 -12.66 -33.88
N ARG D 208 -14.28 -11.61 -33.40
CA ARG D 208 -14.91 -10.60 -34.24
C ARG D 208 -14.11 -9.31 -34.38
N THR D 209 -12.83 -9.32 -34.00
CA THR D 209 -11.98 -8.14 -34.09
C THR D 209 -11.84 -7.65 -35.54
N PRO D 210 -12.09 -6.36 -35.77
CA PRO D 210 -11.93 -5.82 -37.13
C PRO D 210 -10.49 -5.90 -37.64
N GLY D 211 -10.32 -6.15 -38.93
CA GLY D 211 -9.02 -6.25 -39.58
C GLY D 211 -8.55 -7.65 -39.86
N LEU D 212 -9.22 -8.66 -39.31
CA LEU D 212 -8.81 -10.05 -39.49
C LEU D 212 -9.23 -10.61 -40.85
N GLU D 213 -10.42 -10.19 -41.33
CA GLU D 213 -11.04 -10.63 -42.59
C GLU D 213 -10.07 -10.69 -43.77
N PRO D 214 -9.88 -11.90 -44.34
CA PRO D 214 -8.94 -12.04 -45.47
C PRO D 214 -9.30 -11.22 -46.71
N HIS D 215 -10.61 -11.01 -46.93
CA HIS D 215 -11.08 -10.21 -48.06
C HIS D 215 -10.85 -8.69 -47.86
N GLY D 216 -10.69 -8.26 -46.62
CA GLY D 216 -10.48 -6.86 -46.28
C GLY D 216 -9.04 -6.54 -45.93
N PHE D 217 -8.77 -6.23 -44.66
CA PHE D 217 -7.41 -5.88 -44.24
C PHE D 217 -6.45 -7.05 -44.30
N ASN D 218 -6.93 -8.28 -44.02
CA ASN D 218 -6.12 -9.51 -44.01
C ASN D 218 -4.84 -9.35 -43.19
N PHE D 219 -5.00 -9.08 -41.88
CA PHE D 219 -3.91 -8.84 -40.95
C PHE D 219 -2.92 -10.01 -40.93
N TRP D 220 -3.44 -11.25 -40.81
CA TRP D 220 -2.60 -12.44 -40.71
C TRP D 220 -1.77 -12.71 -41.95
N GLY D 221 -2.32 -12.40 -43.12
CA GLY D 221 -1.60 -12.58 -44.38
C GLY D 221 -0.47 -11.58 -44.53
N LYS D 222 -0.77 -10.28 -44.35
CA LYS D 222 0.23 -9.21 -44.42
C LYS D 222 1.36 -9.45 -43.37
N LEU D 223 0.97 -9.74 -42.11
CA LEU D 223 1.89 -10.02 -41.01
C LEU D 223 2.85 -11.19 -41.36
N GLU D 224 2.30 -12.30 -41.89
CA GLU D 224 3.09 -13.47 -42.26
C GLU D 224 4.12 -13.15 -43.34
N LYS D 225 3.73 -12.37 -44.35
CA LYS D 225 4.63 -12.02 -45.43
C LYS D 225 5.74 -11.13 -44.93
N ASN D 226 5.40 -10.14 -44.10
CA ASN D 226 6.34 -9.18 -43.53
C ASN D 226 7.37 -9.84 -42.59
N ILE D 227 6.91 -10.80 -41.79
CA ILE D 227 7.79 -11.53 -40.87
C ILE D 227 8.73 -12.40 -41.67
N THR D 228 8.22 -13.09 -42.69
CA THR D 228 9.02 -13.94 -43.57
C THR D 228 10.09 -13.14 -44.34
N ARG D 229 9.70 -12.02 -44.96
CA ARG D 229 10.64 -11.17 -45.71
C ARG D 229 11.64 -10.48 -44.78
N GLY D 230 11.21 -10.15 -43.57
CA GLY D 230 12.07 -9.51 -42.58
C GLY D 230 13.09 -10.47 -42.01
N LEU D 231 12.69 -11.73 -41.79
CA LEU D 231 13.61 -12.75 -41.26
C LEU D 231 14.65 -13.18 -42.33
N GLU D 232 14.28 -13.13 -43.61
CA GLU D 232 15.22 -13.45 -44.70
C GLU D 232 16.31 -12.39 -44.76
N GLU D 233 15.94 -11.11 -44.57
CA GLU D 233 16.92 -10.01 -44.50
C GLU D 233 17.89 -10.23 -43.33
N GLU D 234 17.38 -10.75 -42.21
CA GLU D 234 18.14 -11.01 -40.99
C GLU D 234 19.14 -12.13 -41.23
N PHE D 235 18.70 -13.19 -41.92
CA PHE D 235 19.57 -14.31 -42.22
C PHE D 235 20.71 -13.86 -43.13
N ILE D 236 20.40 -13.03 -44.14
CA ILE D 236 21.37 -12.46 -45.07
C ILE D 236 22.36 -11.56 -44.32
N ARG D 237 21.84 -10.67 -43.44
CA ARG D 237 22.62 -9.73 -42.64
C ARG D 237 23.59 -10.46 -41.70
N ILE D 238 23.15 -11.60 -41.12
CA ILE D 238 23.98 -12.38 -40.20
C ILE D 238 25.07 -13.17 -40.93
N GLN D 239 24.70 -13.87 -42.03
CA GLN D 239 25.65 -14.66 -42.82
C GLN D 239 26.74 -13.81 -43.50
N ALA D 240 26.50 -12.49 -43.66
CA ALA D 240 27.46 -11.56 -44.25
C ALA D 240 28.56 -11.21 -43.23
N LYS D 241 28.19 -11.06 -41.93
CA LYS D 241 29.13 -10.76 -40.85
C LYS D 241 30.30 -11.74 -40.83
N GLU D 242 31.51 -11.22 -40.60
CA GLU D 242 32.73 -12.03 -40.59
C GLU D 242 32.67 -13.20 -39.61
N GLU D 243 33.26 -14.35 -39.98
CA GLU D 243 33.32 -15.54 -39.13
C GLU D 243 33.98 -15.22 -37.82
N SER D 244 33.17 -15.05 -36.77
CA SER D 244 33.65 -14.66 -35.45
C SER D 244 32.86 -15.36 -34.33
N GLU D 245 33.18 -15.06 -33.05
CA GLU D 245 32.44 -15.60 -31.91
C GLU D 245 31.05 -14.94 -31.86
N GLU D 246 30.96 -13.64 -32.22
CA GLU D 246 29.70 -12.91 -32.26
C GLU D 246 28.82 -13.45 -33.42
N LYS D 247 29.43 -13.77 -34.56
CA LYS D 247 28.70 -14.30 -35.71
C LYS D 247 28.24 -15.74 -35.45
N GLU D 248 29.10 -16.59 -34.86
CA GLU D 248 28.73 -17.98 -34.55
C GLU D 248 27.66 -18.08 -33.45
N GLU D 249 27.48 -17.03 -32.63
CA GLU D 249 26.48 -17.00 -31.58
C GLU D 249 25.16 -16.41 -32.07
N GLN D 250 25.23 -15.44 -33.01
CA GLN D 250 24.02 -14.82 -33.53
C GLN D 250 23.24 -15.73 -34.49
N VAL D 251 23.88 -16.78 -35.05
CA VAL D 251 23.16 -17.73 -35.88
C VAL D 251 22.24 -18.61 -35.04
N ALA D 252 22.64 -18.90 -33.79
CA ALA D 252 21.86 -19.68 -32.85
C ALA D 252 20.70 -18.82 -32.31
N GLU D 253 20.99 -17.54 -32.01
CA GLU D 253 19.98 -16.59 -31.54
C GLU D 253 18.95 -16.31 -32.65
N PHE D 254 19.34 -16.43 -33.93
CA PHE D 254 18.44 -16.25 -35.07
C PHE D 254 17.61 -17.50 -35.30
N GLN D 255 18.25 -18.68 -35.37
CA GLN D 255 17.52 -19.93 -35.60
C GLN D 255 16.48 -20.23 -34.50
N LYS D 256 16.63 -19.61 -33.32
CA LYS D 256 15.70 -19.77 -32.21
C LYS D 256 14.57 -18.76 -32.34
N GLN D 257 14.89 -17.49 -32.68
CA GLN D 257 13.87 -16.45 -32.86
C GLN D 257 12.99 -16.74 -34.08
N LYS D 258 13.57 -17.31 -35.16
CA LYS D 258 12.84 -17.65 -36.38
C LYS D 258 11.83 -18.77 -36.11
N GLU D 259 12.24 -19.81 -35.40
CA GLU D 259 11.39 -20.95 -35.06
C GLU D 259 10.21 -20.48 -34.20
N VAL D 260 10.46 -19.56 -33.26
CA VAL D 260 9.45 -19.00 -32.39
C VAL D 260 8.48 -18.11 -33.19
N LEU D 261 8.99 -17.16 -33.98
CA LEU D 261 8.14 -16.27 -34.78
C LEU D 261 7.29 -17.01 -35.79
N LEU D 262 7.88 -17.97 -36.52
CA LEU D 262 7.12 -18.71 -37.53
C LEU D 262 6.08 -19.68 -36.92
N SER D 263 6.29 -20.08 -35.65
CA SER D 263 5.34 -20.95 -34.95
C SER D 263 3.97 -20.29 -34.77
N LEU D 264 3.93 -18.94 -34.75
CA LEU D 264 2.72 -18.15 -34.65
C LEU D 264 1.78 -18.40 -35.83
N PHE D 265 2.31 -18.80 -37.00
CA PHE D 265 1.47 -19.06 -38.17
C PHE D 265 1.11 -20.55 -38.37
N ASP D 266 1.47 -21.42 -37.40
CA ASP D 266 1.17 -22.85 -37.43
C ASP D 266 -0.14 -23.09 -36.68
N GLU D 267 -1.26 -23.10 -37.40
CA GLU D 267 -2.56 -23.31 -36.77
C GLU D 267 -2.69 -24.69 -36.14
N LYS D 268 -2.10 -25.71 -36.78
CA LYS D 268 -2.16 -27.07 -36.27
C LYS D 268 -1.44 -27.22 -34.93
N ARG D 269 -0.34 -26.47 -34.73
CA ARG D 269 0.41 -26.50 -33.46
C ARG D 269 -0.39 -25.83 -32.35
N HIS D 270 -1.12 -24.76 -32.67
CA HIS D 270 -1.96 -24.06 -31.70
C HIS D 270 -3.11 -24.96 -31.23
N GLU D 271 -3.75 -25.68 -32.16
CA GLU D 271 -4.84 -26.60 -31.85
C GLU D 271 -4.35 -27.75 -30.98
N HIS D 272 -3.12 -28.22 -31.23
CA HIS D 272 -2.51 -29.30 -30.47
C HIS D 272 -2.25 -28.81 -29.04
N LEU D 273 -1.71 -27.60 -28.90
CA LEU D 273 -1.41 -27.00 -27.60
C LEU D 273 -2.68 -26.70 -26.78
N LEU D 274 -3.79 -26.40 -27.46
CA LEU D 274 -5.08 -26.15 -26.82
C LEU D 274 -5.59 -27.43 -26.15
N SER D 275 -5.39 -28.59 -26.82
CA SER D 275 -5.79 -29.91 -26.32
C SER D 275 -4.95 -30.28 -25.10
N LYS D 276 -3.64 -29.99 -25.15
CA LYS D 276 -2.74 -30.26 -24.03
C LYS D 276 -2.91 -29.28 -22.84
N GLY D 277 -3.81 -28.31 -22.96
CA GLY D 277 -4.06 -27.32 -21.91
C GLY D 277 -3.11 -26.13 -21.91
N GLU D 278 -2.10 -26.15 -22.80
CA GLU D 278 -1.10 -25.08 -22.91
C GLU D 278 -1.66 -23.77 -23.52
N ARG D 279 -2.82 -23.83 -24.21
CA ARG D 279 -3.49 -22.68 -24.80
C ARG D 279 -4.95 -22.66 -24.37
N ARG D 280 -5.56 -21.48 -24.29
CA ARG D 280 -6.96 -21.35 -23.87
C ARG D 280 -7.80 -20.72 -24.97
N LEU D 281 -7.25 -19.70 -25.65
CA LEU D 281 -7.96 -19.01 -26.72
C LEU D 281 -7.89 -19.74 -28.03
N SER D 282 -8.89 -19.54 -28.89
CA SER D 282 -8.91 -20.14 -30.21
C SER D 282 -7.90 -19.41 -31.11
N TYR D 283 -7.53 -20.02 -32.24
CA TYR D 283 -6.59 -19.41 -33.17
C TYR D 283 -7.09 -18.06 -33.70
N ARG D 284 -8.39 -17.91 -33.97
CA ARG D 284 -8.93 -16.63 -34.44
C ARG D 284 -8.94 -15.59 -33.32
N ALA D 285 -9.27 -15.99 -32.07
CA ALA D 285 -9.24 -15.07 -30.92
C ALA D 285 -7.78 -14.62 -30.64
N LEU D 286 -6.81 -15.50 -30.87
CA LEU D 286 -5.39 -15.18 -30.73
C LEU D 286 -5.00 -14.10 -31.74
N GLN D 287 -5.53 -14.17 -32.96
CA GLN D 287 -5.25 -13.18 -34.01
C GLN D 287 -5.90 -11.82 -33.67
N GLY D 288 -7.11 -11.86 -33.13
CA GLY D 288 -7.82 -10.65 -32.75
C GLY D 288 -7.12 -9.91 -31.63
N ALA D 289 -6.55 -10.68 -30.68
CA ALA D 289 -5.83 -10.11 -29.54
C ALA D 289 -4.53 -9.47 -30.02
N LEU D 290 -3.81 -10.13 -30.93
CA LEU D 290 -2.56 -9.62 -31.49
C LEU D 290 -2.80 -8.38 -32.37
N MET D 291 -3.97 -8.29 -33.02
CA MET D 291 -4.40 -7.16 -33.83
C MET D 291 -4.58 -5.97 -32.88
N ILE D 292 -5.26 -6.18 -31.74
CA ILE D 292 -5.46 -5.14 -30.74
C ILE D 292 -4.13 -4.65 -30.19
N TYR D 293 -3.17 -5.57 -29.99
CA TYR D 293 -1.83 -5.26 -29.48
C TYR D 293 -1.02 -4.33 -30.37
N PHE D 294 -0.85 -4.69 -31.65
CA PHE D 294 -0.05 -3.91 -32.58
C PHE D 294 -0.66 -2.60 -32.99
N TYR D 295 -1.99 -2.55 -33.05
CA TYR D 295 -2.71 -1.34 -33.44
C TYR D 295 -3.38 -0.65 -32.27
N ARG D 296 -2.83 -0.82 -31.06
CA ARG D 296 -3.38 -0.28 -29.83
C ARG D 296 -3.49 1.25 -29.83
N GLU D 297 -2.65 1.95 -30.59
CA GLU D 297 -2.74 3.39 -30.66
C GLU D 297 -3.93 3.84 -31.55
N GLU D 298 -4.42 2.97 -32.47
CA GLU D 298 -5.54 3.33 -33.34
C GLU D 298 -6.79 3.47 -32.52
N PRO D 299 -7.51 4.60 -32.66
CA PRO D 299 -8.68 4.86 -31.80
C PRO D 299 -9.56 3.65 -31.46
N ARG D 300 -9.99 2.83 -32.44
CA ARG D 300 -10.85 1.68 -32.16
C ARG D 300 -10.27 0.65 -31.22
N PHE D 301 -8.95 0.61 -31.08
CA PHE D 301 -8.28 -0.37 -30.24
C PHE D 301 -7.71 0.18 -28.93
N GLN D 302 -7.81 1.48 -28.67
CA GLN D 302 -7.29 2.05 -27.42
C GLN D 302 -7.98 1.46 -26.18
N VAL D 303 -9.32 1.58 -26.07
CA VAL D 303 -10.03 1.01 -24.93
C VAL D 303 -9.98 -0.54 -24.95
N PRO D 304 -10.15 -1.26 -26.09
CA PRO D 304 -9.98 -2.74 -26.06
C PRO D 304 -8.59 -3.17 -25.60
N PHE D 305 -7.54 -2.36 -25.86
CA PHE D 305 -6.19 -2.70 -25.39
C PHE D 305 -6.14 -2.65 -23.83
N GLN D 306 -6.80 -1.64 -23.25
CA GLN D 306 -6.90 -1.47 -21.82
C GLN D 306 -7.61 -2.66 -21.18
N LEU D 307 -8.61 -3.25 -21.92
CA LEU D 307 -9.36 -4.44 -21.49
C LEU D 307 -8.44 -5.66 -21.44
N LEU D 308 -7.59 -5.86 -22.46
CA LEU D 308 -6.65 -6.98 -22.45
C LEU D 308 -5.63 -6.83 -21.33
N THR D 309 -5.22 -5.59 -21.05
CA THR D 309 -4.30 -5.28 -19.96
C THR D 309 -4.95 -5.61 -18.61
N SER D 310 -6.22 -5.19 -18.38
CA SER D 310 -7.00 -5.44 -17.17
C SER D 310 -7.17 -6.93 -16.87
N LEU D 311 -7.41 -7.72 -17.92
CA LEU D 311 -7.59 -9.16 -17.89
C LEU D 311 -6.29 -9.83 -17.44
N MET D 312 -5.14 -9.35 -17.93
CA MET D 312 -3.83 -9.85 -17.52
C MET D 312 -3.55 -9.44 -16.08
N ASP D 313 -3.89 -8.19 -15.70
CA ASP D 313 -3.72 -7.66 -14.34
C ASP D 313 -4.47 -8.52 -13.34
N ILE D 314 -5.71 -8.91 -13.67
CA ILE D 314 -6.53 -9.77 -12.83
C ILE D 314 -5.87 -11.16 -12.64
N ASP D 315 -5.22 -11.66 -13.67
CA ASP D 315 -4.49 -12.93 -13.58
C ASP D 315 -3.26 -12.81 -12.68
N SER D 316 -2.50 -11.71 -12.81
CA SER D 316 -1.31 -11.46 -12.02
C SER D 316 -1.69 -11.33 -10.55
N LEU D 317 -2.76 -10.58 -10.27
CA LEU D 317 -3.24 -10.36 -8.92
C LEU D 317 -3.88 -11.59 -8.29
N MET D 318 -4.62 -12.41 -9.06
CA MET D 318 -5.19 -13.64 -8.52
C MET D 318 -4.07 -14.61 -8.11
N THR D 319 -2.98 -14.66 -8.90
CA THR D 319 -1.85 -15.52 -8.64
C THR D 319 -1.04 -15.01 -7.43
N LYS D 320 -0.89 -13.71 -7.31
CA LYS D 320 -0.22 -13.07 -6.19
C LYS D 320 -1.03 -13.30 -4.91
N TRP D 321 -2.37 -13.29 -5.02
CA TRP D 321 -3.26 -13.56 -3.89
C TRP D 321 -3.09 -15.01 -3.50
N ARG D 322 -3.08 -15.93 -4.47
CA ARG D 322 -2.92 -17.37 -4.25
C ARG D 322 -1.60 -17.66 -3.59
N TYR D 323 -0.53 -16.95 -3.99
CA TYR D 323 0.80 -17.11 -3.40
C TYR D 323 0.75 -16.70 -1.92
N ASN D 324 0.19 -15.51 -1.62
CA ASN D 324 0.03 -14.99 -0.26
C ASN D 324 -0.80 -15.92 0.62
N HIS D 325 -1.85 -16.52 0.04
CA HIS D 325 -2.74 -17.43 0.72
C HIS D 325 -1.99 -18.67 1.13
N VAL D 326 -1.25 -19.32 0.21
CA VAL D 326 -0.49 -20.53 0.48
C VAL D 326 0.52 -20.29 1.59
N CYS D 327 1.19 -19.13 1.56
CA CYS D 327 2.14 -18.79 2.61
C CYS D 327 1.45 -18.66 3.97
N MET D 328 0.27 -18.02 4.04
CA MET D 328 -0.47 -17.88 5.28
C MET D 328 -1.00 -19.19 5.78
N VAL D 329 -1.37 -20.10 4.88
CA VAL D 329 -1.85 -21.42 5.27
C VAL D 329 -0.69 -22.23 5.83
N HIS D 330 0.45 -22.23 5.14
CA HIS D 330 1.64 -22.93 5.62
C HIS D 330 2.16 -22.31 6.94
N ARG D 331 1.93 -21.01 7.15
CA ARG D 331 2.35 -20.31 8.36
C ARG D 331 1.48 -20.66 9.61
N MET D 332 0.17 -20.88 9.42
CA MET D 332 -0.72 -21.18 10.54
C MET D 332 -0.87 -22.66 10.80
N LEU D 333 -0.85 -23.46 9.74
CA LEU D 333 -1.04 -24.90 9.89
C LEU D 333 0.24 -25.73 9.68
N GLY D 334 1.41 -25.09 9.76
CA GLY D 334 2.70 -25.75 9.62
C GLY D 334 2.99 -26.29 8.23
N ARG D 355 0.47 -21.23 -15.95
CA ARG D 355 -0.11 -22.19 -15.01
C ARG D 355 -1.64 -21.91 -14.87
N TYR D 356 -2.18 -21.59 -13.65
CA TYR D 356 -3.61 -21.26 -13.45
C TYR D 356 -3.99 -19.84 -13.96
N LYS D 357 -3.22 -19.35 -14.95
CA LYS D 357 -3.44 -18.08 -15.63
C LYS D 357 -4.40 -18.37 -16.78
N VAL D 358 -5.63 -17.88 -16.67
CA VAL D 358 -6.71 -18.03 -17.65
C VAL D 358 -6.34 -17.35 -18.97
N PHE D 359 -5.74 -16.18 -18.88
CA PHE D 359 -5.34 -15.37 -20.01
C PHE D 359 -3.86 -15.53 -20.35
N VAL D 360 -3.36 -16.78 -20.35
CA VAL D 360 -1.96 -17.09 -20.72
C VAL D 360 -1.65 -16.60 -22.12
N ASP D 361 -2.63 -16.66 -23.02
CA ASP D 361 -2.46 -16.22 -24.39
C ASP D 361 -2.19 -14.72 -24.44
N LEU D 362 -2.85 -13.93 -23.60
CA LEU D 362 -2.59 -12.49 -23.54
C LEU D 362 -1.17 -12.21 -23.04
N PHE D 363 -0.65 -13.02 -22.13
CA PHE D 363 0.72 -12.89 -21.63
C PHE D 363 1.71 -13.33 -22.71
N ASN D 364 1.40 -14.40 -23.44
CA ASN D 364 2.23 -14.95 -24.50
C ASN D 364 2.36 -14.01 -25.70
N LEU D 365 1.27 -13.38 -26.12
CA LEU D 365 1.30 -12.45 -27.25
C LEU D 365 2.08 -11.20 -26.94
N SER D 366 2.11 -10.79 -25.66
CA SER D 366 2.89 -9.64 -25.18
C SER D 366 4.41 -9.91 -25.31
N THR D 367 4.83 -11.20 -25.31
CA THR D 367 6.20 -11.65 -25.43
C THR D 367 6.49 -12.23 -26.83
N TYR D 368 6.28 -11.42 -27.87
CA TYR D 368 6.56 -11.78 -29.26
C TYR D 368 7.46 -10.71 -29.83
N LEU D 369 8.75 -11.04 -29.98
CA LEU D 369 9.76 -10.12 -30.47
C LEU D 369 9.60 -9.78 -31.95
N ILE D 370 8.73 -8.79 -32.26
CA ILE D 370 8.48 -8.35 -33.62
C ILE D 370 8.81 -6.87 -33.73
N PRO D 371 9.72 -6.50 -34.65
CA PRO D 371 10.07 -5.08 -34.82
C PRO D 371 8.90 -4.27 -35.35
N ARG D 372 8.70 -3.07 -34.80
CA ARG D 372 7.60 -2.17 -35.17
C ARG D 372 7.59 -1.80 -36.65
N HIS D 373 8.75 -1.86 -37.34
CA HIS D 373 8.77 -1.58 -38.78
C HIS D 373 8.22 -2.73 -39.62
N TRP D 374 8.08 -3.95 -39.04
CA TRP D 374 7.48 -5.09 -39.76
C TRP D 374 5.94 -5.10 -39.62
N ILE D 375 5.35 -4.27 -38.72
CA ILE D 375 3.91 -4.23 -38.53
C ILE D 375 3.26 -3.64 -39.77
N PRO D 376 2.31 -4.36 -40.39
CA PRO D 376 1.66 -3.82 -41.61
C PRO D 376 1.06 -2.42 -41.40
N LYS D 377 1.40 -1.45 -42.28
CA LYS D 377 0.90 -0.08 -42.13
C LYS D 377 -0.54 0.03 -42.60
N MET D 378 -1.27 0.98 -42.02
CA MET D 378 -2.67 1.15 -42.38
C MET D 378 -2.94 2.52 -43.01
N ASN D 379 -3.63 2.53 -44.17
CA ASN D 379 -4.03 3.71 -44.95
C ASN D 379 -5.39 4.25 -44.45
N PRO D 380 -5.44 5.52 -43.99
CA PRO D 380 -6.72 6.09 -43.51
C PRO D 380 -7.78 6.27 -44.59
N THR D 381 -7.35 6.45 -45.85
CA THR D 381 -8.27 6.61 -46.96
C THR D 381 -9.04 5.31 -47.21
N ILE D 382 -8.43 4.14 -46.98
CA ILE D 382 -9.10 2.86 -47.22
C ILE D 382 -9.66 2.20 -45.93
N HIS D 383 -8.80 2.11 -44.90
CA HIS D 383 -9.15 1.45 -43.64
C HIS D 383 -9.86 2.36 -42.64
N LYS D 384 -11.12 2.66 -42.91
CA LYS D 384 -11.92 3.52 -42.04
C LYS D 384 -12.31 2.84 -40.70
N PHE D 385 -12.16 1.51 -40.61
CA PHE D 385 -12.50 0.71 -39.42
C PHE D 385 -11.64 1.05 -38.20
N LEU D 386 -10.38 1.48 -38.45
CA LEU D 386 -9.43 1.83 -37.41
C LEU D 386 -9.85 3.06 -36.61
N TYR D 387 -10.60 3.99 -37.23
CA TYR D 387 -11.06 5.19 -36.56
C TYR D 387 -12.60 5.37 -36.56
N THR D 388 -13.37 4.36 -36.97
CA THR D 388 -14.82 4.47 -36.95
C THR D 388 -15.40 3.40 -36.04
N ALA D 389 -16.16 3.85 -35.04
CA ALA D 389 -16.79 2.98 -34.06
C ALA D 389 -18.13 2.44 -34.54
N GLU D 390 -18.59 1.32 -33.97
CA GLU D 390 -19.86 0.70 -34.33
C GLU D 390 -20.80 0.63 -33.12
N TYR D 391 -22.12 0.67 -33.37
CA TYR D 391 -23.13 0.51 -32.32
C TYR D 391 -23.96 -0.74 -32.70
N ZIQ E . 4.18 -1.33 35.86
CA ZIQ E . 4.24 -0.66 37.19
CB ZIQ E . 5.30 0.44 37.15
CG ZIQ E . 5.04 1.49 36.09
CD2 ZIQ E . 5.80 1.69 34.95
CE3 ZIQ E . 6.88 0.96 34.46
CZ3 ZIQ E . 7.49 1.36 33.28
CH2 ZIQ E . 6.98 2.45 32.59
CZ2 ZIQ E . 5.89 3.17 33.07
CE2 ZIQ E . 5.28 2.77 34.25
NE1 ZIQ E . 4.23 3.25 34.96
CD1 ZIQ E . 4.07 2.49 36.07
C1 ZIQ E . 4.64 -1.71 38.23
C ZIQ E . 2.89 -0.06 37.56
O ZIQ E . 2.79 0.58 38.65
OXT ZIQ E . 1.95 -0.18 36.75
N1 A1H8G F . -21.07 8.98 4.36
C7 A1H8G F . -21.34 11.50 4.15
C8 A1H8G F . -21.67 10.20 4.92
N2 A1H8G F . -19.34 7.41 4.48
C9 A1H8G F . -21.96 8.07 3.60
O1 A1H8G F . -18.95 9.59 4.84
C1 A1H8G F . -17.28 10.01 11.14
C5 A1H8G F . -20.39 12.63 6.18
C6 A1H8G F . -21.40 12.73 5.05
N3 A1H8G F . -21.52 9.20 7.06
C4 A1H8G F . -20.04 11.33 8.22
O4 A1H8G F . -19.93 9.53 11.23
C3 A1H8G F . -20.23 10.07 8.92
O3 A1H8G F . -21.23 7.98 9.00
C2 A1H8G F . -19.46 9.85 10.17
O A1H8G F . -18.15 10.02 9.97
C A1H8G F . -16.38 11.20 11.02
C28 A1H8G F . -20.99 9.10 8.31
C29 A1H8G F . -21.63 6.81 8.26
C27 A1H8G F . -21.30 10.28 6.38
N A1H8G F . -20.59 11.38 6.93
O2 A1H8G F . -19.48 12.32 8.69
C11 A1H8G F . -22.69 8.82 2.51
C16 A1H8G F . -21.99 9.34 1.43
C15 A1H8G F . -22.62 10.13 0.49
C14 A1H8G F . -23.97 10.38 0.59
C13 A1H8G F . -24.69 9.85 1.64
C12 A1H8G F . -24.06 9.08 2.60
C10 A1H8G F . -22.84 7.28 4.56
C17 A1H8G F . -19.74 8.70 4.57
C18 A1H8G F . -18.00 6.94 4.49
C26 A1H8G F . -17.19 7.19 3.37
C25 A1H8G F . -15.88 6.74 3.35
C24 A1H8G F . -15.38 6.05 4.44
C23 A1H8G F . -16.16 5.82 5.55
C19 A1H8G F . -17.48 6.27 5.60
C20 A1H8G F . -18.27 6.09 6.88
C22 A1H8G F . -17.86 7.11 7.94
C21 A1H8G F . -18.14 4.68 7.45
N ZIQ G . -8.34 16.02 -31.10
CA ZIQ G . -8.96 17.14 -31.87
CB ZIQ G . -10.40 17.33 -31.41
CG ZIQ G . -10.54 17.61 -29.93
CD2 ZIQ G . -11.11 16.76 -28.99
CE3 ZIQ G . -11.60 15.46 -29.15
CZ3 ZIQ G . -12.14 14.82 -28.05
CH2 ZIQ G . -12.16 15.46 -26.81
CZ2 ZIQ G . -11.66 16.76 -26.66
CE2 ZIQ G . -11.13 17.41 -27.77
NE1 ZIQ G . -10.58 18.62 -27.93
CD1 ZIQ G . -10.23 18.76 -29.23
C1 ZIQ G . -8.94 16.78 -33.35
C ZIQ G . -8.20 18.43 -31.66
O ZIQ G . -8.60 19.49 -32.22
OXT ZIQ G . -7.20 18.39 -30.90
N1 A1H8G H . 12.77 19.08 4.62
C7 A1H8G H . 11.76 20.82 6.18
C8 A1H8G H . 12.57 20.52 4.90
N2 A1H8G H . 12.09 17.21 3.41
C9 A1H8G H . 14.10 18.51 4.91
O1 A1H8G H . 10.59 18.70 4.18
C1 A1H8G H . 7.93 21.55 -1.03
C5 A1H8G H . 10.05 22.16 4.95
C6 A1H8G H . 11.04 22.16 6.10
N3 A1H8G H . 12.62 20.89 2.57
C4 A1H8G H . 10.10 22.22 2.50
O4 A1H8G H . 10.46 22.52 -0.99
C3 A1H8G H . 10.78 21.84 1.27
O3 A1H8G H . 12.68 20.96 0.26
C2 A1H8G H . 10.04 21.96 0.00
O A1H8G H . 8.85 21.36 0.08
C A1H8G H . 6.59 21.78 -0.45
C28 A1H8G H . 12.02 21.22 1.41
C29 A1H8G H . 13.72 19.96 0.32
C27 A1H8G H . 11.98 21.14 3.66
N A1H8G H . 10.74 21.83 3.69
O2 A1H8G H . 9.06 22.87 2.56
C11 A1H8G H . 14.51 18.80 6.35
C16 A1H8G H . 13.82 18.23 7.41
C15 A1H8G H . 14.10 18.58 8.71
C14 A1H8G H . 15.08 19.51 8.98
C13 A1H8G H . 15.79 20.08 7.95
C12 A1H8G H . 15.51 19.73 6.64
C10 A1H8G H . 15.11 18.91 3.84
C17 A1H8G H . 11.75 18.34 4.07
C18 A1H8G H . 11.19 16.21 2.96
C26 A1H8G H . 10.59 15.36 3.88
C25 A1H8G H . 9.69 14.40 3.46
C24 A1H8G H . 9.41 14.25 2.11
C23 A1H8G H . 10.02 15.08 1.19
C19 A1H8G H . 10.90 16.08 1.59
C20 A1H8G H . 11.45 17.04 0.54
C22 A1H8G H . 10.41 18.08 0.14
C21 A1H8G H . 11.98 16.30 -0.69
N ZIQ I . 22.42 -10.54 26.52
CA ZIQ I . 23.18 -11.60 27.24
CB ZIQ I . 22.26 -12.77 27.57
CG ZIQ I . 21.56 -13.37 26.37
CD2 ZIQ I . 20.21 -13.32 26.10
CE3 ZIQ I . 19.19 -12.66 26.76
CZ3 ZIQ I . 17.89 -12.77 26.28
CH2 ZIQ I . 17.63 -13.52 25.14
CZ2 ZIQ I . 18.66 -14.19 24.48
CE2 ZIQ I . 19.96 -14.08 24.96
NE1 ZIQ I . 21.14 -14.57 24.54
CD1 ZIQ I . 22.12 -14.17 25.39
C1 ZIQ I . 23.77 -11.01 28.52
C ZIQ I . 24.31 -12.12 26.41
O ZIQ I . 25.04 -13.05 26.88
OXT ZIQ I . 24.46 -11.63 25.28
N1 A1H8G J . 17.17 -6.94 -14.59
C7 A1H8G J . 16.94 -9.20 -15.71
C8 A1H8G J . 17.86 -8.16 -15.03
N2 A1H8G J . 16.24 -5.78 -12.78
C9 A1H8G J . 17.39 -5.70 -15.37
O1 A1H8G J . 15.93 -8.01 -13.01
C1 A1H8G J . 19.16 -10.65 -7.95
C5 A1H8G J . 17.62 -11.04 -14.13
C6 A1H8G J . 17.50 -10.62 -15.59
N3 A1H8G J . 19.36 -7.89 -13.21
C4 A1H8G J . 18.94 -10.48 -12.17
O4 A1H8G J . 21.14 -9.68 -9.53
C3 A1H8G J . 19.69 -9.48 -11.42
O3 A1H8G J . 20.66 -7.39 -11.35
C2 A1H8G J . 20.04 -9.79 -10.01
O A1H8G J . 18.96 -10.17 -9.31
C A1H8G J . 18.29 -11.86 -7.76
C28 A1H8G J . 19.88 -8.26 -12.02
C29 A1H8G J . 20.56 -5.99 -11.70
C27 A1H8G J . 18.62 -8.72 -13.85
N A1H8G J . 18.41 -10.05 -13.38
O2 A1H8G J . 18.79 -11.64 -11.81
C11 A1H8G J . 17.09 -5.95 -16.85
C16 A1H8G J . 15.78 -6.21 -17.24
C15 A1H8G J . 15.50 -6.55 -18.56
C14 A1H8G J . 16.52 -6.64 -19.49
C13 A1H8G J . 17.81 -6.36 -19.10
C12 A1H8G J . 18.09 -6.01 -17.80
C10 A1H8G J . 18.77 -5.12 -15.09
C17 A1H8G J . 16.42 -6.97 -13.43
C18 A1H8G J . 15.33 -5.56 -11.72
C26 A1H8G J . 13.96 -5.57 -11.96
C25 A1H8G J . 13.07 -5.39 -10.92
C24 A1H8G J . 13.53 -5.19 -9.64
C23 A1H8G J . 14.88 -5.19 -9.39
C19 A1H8G J . 15.81 -5.39 -10.42
C20 A1H8G J . 17.28 -5.49 -10.07
C22 A1H8G J . 17.62 -6.83 -9.42
C21 A1H8G J . 17.73 -4.33 -9.17
N ZIQ K . -17.70 -4.36 -31.10
CA ZIQ K . -17.93 -5.08 -32.37
CB ZIQ K . -16.60 -5.22 -33.12
CG ZIQ K . -15.52 -5.92 -32.32
CD2 ZIQ K . -14.35 -5.36 -31.86
CE3 ZIQ K . -13.92 -4.04 -31.92
CZ3 ZIQ K . -12.68 -3.71 -31.37
CH2 ZIQ K . -11.91 -4.70 -30.77
CZ2 ZIQ K . -12.36 -6.02 -30.73
CE2 ZIQ K . -13.59 -6.35 -31.27
NE1 ZIQ K . -14.27 -7.50 -31.37
CD1 ZIQ K . -15.44 -7.28 -32.02
C1 ZIQ K . -18.93 -4.31 -33.24
C ZIQ K . -18.49 -6.46 -32.12
O ZIQ K . -18.70 -7.21 -33.10
OXT ZIQ K . -18.67 -6.79 -30.93
N1 A1H8G L . -8.54 -21.19 5.88
C7 A1H8G L . -7.02 -23.19 5.65
C8 A1H8G L . -8.44 -22.60 5.50
N2 A1H8G L . -8.65 -18.98 5.13
C9 A1H8G L . -9.23 -20.87 7.15
O1 A1H8G L . -7.23 -20.46 4.18
C1 A1H8G L . -9.46 -21.23 -1.94
C5 A1H8G L . -6.91 -23.96 3.27
C6 A1H8G L . -6.79 -24.37 4.72
N3 A1H8G L . -10.14 -22.22 3.90
C4 A1H8G L . -8.63 -23.20 1.70
O4 A1H8G L . -11.34 -22.44 -0.41
C3 A1H8G L . -9.89 -22.51 1.49
O3 A1H8G L . -11.81 -21.59 2.41
C2 A1H8G L . -10.28 -22.17 0.10
O A1H8G L . -9.29 -21.52 -0.52
C A1H8G L . -8.15 -21.48 -2.62
C28 A1H8G L . -10.59 -22.11 2.61
C29 A1H8G L . -12.37 -20.78 3.47
C27 A1H8G L . -8.98 -22.74 4.10
N A1H8G L . -8.21 -23.28 3.04
O2 A1H8G L . -7.96 -23.69 0.81
C11 A1H8G L . -8.61 -21.65 8.31
C16 A1H8G L . -7.31 -21.38 8.71
C15 A1H8G L . -6.69 -22.15 9.67
C14 A1H8G L . -7.36 -23.20 10.25
C13 A1H8G L . -8.65 -23.48 9.87
C12 A1H8G L . -9.28 -22.71 8.91
C10 A1H8G L . -10.74 -21.03 7.02
C17 A1H8G L . -8.10 -20.21 5.01
C18 A1H8G L . -8.17 -17.81 4.49
C26 A1H8G L . -6.96 -17.25 4.90
C25 A1H8G L . -6.47 -16.13 4.26
C24 A1H8G L . -7.17 -15.55 3.24
C23 A1H8G L . -8.37 -16.10 2.82
C19 A1H8G L . -8.89 -17.24 3.42
C20 A1H8G L . -10.14 -17.87 2.85
C22 A1H8G L . -9.85 -18.62 1.55
C21 A1H8G L . -11.25 -16.85 2.65
#